data_9BTV
#
_entry.id   9BTV
#
_cell.length_a   1.00
_cell.length_b   1.00
_cell.length_c   1.00
_cell.angle_alpha   90.00
_cell.angle_beta   90.00
_cell.angle_gamma   90.00
#
_symmetry.space_group_name_H-M   'P 1'
#
loop_
_entity.id
_entity.type
_entity.pdbx_description
1 polymer 'Envelope glycoprotein gp120'
2 polymer 'Q23.MD39 Transmembrane protein gp41'
3 polymer 'T646-a.01 heavy chain'
4 polymer 'T646-a.01 light chain'
5 branched alpha-D-mannopyranose-(1-3)-[alpha-D-mannopyranose-(1-6)]beta-D-mannopyranose-(1-4)-2-acetamido-2-deoxy-beta-D-glucopyranose-(1-4)-2-acetamido-2-deoxy-beta-D-glucopyranose
6 branched alpha-D-mannopyranose-(1-3)-beta-D-mannopyranose-(1-4)-2-acetamido-2-deoxy-beta-D-glucopyranose-(1-4)-2-acetamido-2-deoxy-beta-D-glucopyranose
7 branched beta-D-mannopyranose-(1-4)-2-acetamido-2-deoxy-beta-D-glucopyranose-(1-4)-2-acetamido-2-deoxy-beta-D-glucopyranose
8 branched 2-acetamido-2-deoxy-beta-D-glucopyranose-(1-4)-2-acetamido-2-deoxy-beta-D-glucopyranose
9 branched alpha-D-mannopyranose-(1-6)-beta-D-mannopyranose-(1-4)-2-acetamido-2-deoxy-beta-D-glucopyranose-(1-4)-2-acetamido-2-deoxy-beta-D-glucopyranose
10 branched alpha-D-mannopyranose-(1-6)-alpha-D-mannopyranose-(1-6)-[alpha-D-mannopyranose-(1-3)]beta-D-mannopyranose-(1-4)-2-acetamido-2-deoxy-beta-D-glucopyranose-(1-4)-2-acetamido-2-deoxy-beta-D-glucopyranose
11 non-polymer 2-acetamido-2-deoxy-beta-D-glucopyranose
#
loop_
_entity_poly.entity_id
_entity_poly.type
_entity_poly.pdbx_seq_one_letter_code
_entity_poly.pdbx_strand_id
1 'polypeptide(L)'
;VENLWVTVYYGVPVWRDADTTLFCASDAKAYETEKHNVWATHACVPTDPNPQEIHLDNVTEKFNMWKNNMVEQMHEDIIS
LWDQSLKPCVKLTPLCVTLHCTNVTSVNTTGDREGLKNCSFNMTTELRDKRQKVYSLFYRLDIVPINENQGSEYRLINCN
TSAITQACPKVSFEPIPIHYCTPAGFAILKCKDEGFNGTGLCKNVSTVQCTHGIKPVVSTQLLLNGSLAEKNIIIRSENI
TNNAKIIIVQLVQPVTIKCIRPNNNTVKSIRIGPGQAFYYTGDIIGDIRQAHCNVTRSRWNKTLQEVAEKLRTYFGNKTI
IFANSSGGDLEITTHSFNCGGEFFYCNTSGLFNSTWYVNSTWNDTDSTQESNDTITLPCRIKQIINMWQRAGQAMYAPPI
PGVIKCESNITGLLLTRDGGKDNNVNETFRPGGSDMRDNWRSELYKYKVVEIEPLGVAPTRCKRRVVER
;
A,C,E
2 'polypeptide(L)'
;AVGIGAVSLGFLGAAGSTMGAASITLTVQARNLLSGIVQQQNNLLRAPEPQQHLLKLTHWGIKQLQARVLAVEHYLRDQQ
LLGIWGCSGKLICCTNVPWNSSWSNKSLDEIWNNMTWLQWDKEINNYTQLIYRLIEESQNQQEKNEKELLELD
;
B,F,G
3 'polypeptide(L)'
;QVQLRESGPGLVKPSETLSLTCAVSGASISDEYYWTWIRQPPGRGLEWIGYFSGRDGYPHYNRFLESRVTISVDTSKKQI
SLRLTSVTAADTAVYFCAKAPRSFLYGDD(TYS)GDFYTESDYFDSWGQGVLVTVSSASTKGPSVFPLAPSSRSTSESTA
ALGCLVKDYFPEPVTVSWNSGSLTSGVHTFPAVLQSSGLYSLSSVVTVPSSSLGTQTYVCNVNHKPSNTKVDKRVEIKTC
GGGLEVLFQ
;
H
4 'polypeptide(L)'
;QSVLTQPPSASEAARKSVTISCSGSSSNIGSNSVSWYQQLPETAPKLLIYNNNQRPSGVPDRFSGSKSGTSASLAISGLQ
TEDEADYYCGAWDGSLRGNVFGSGTKLTVLGQPKAAPSVTLFPPSSEELQANKATLVCLISDFYPGAVEVAWKADGSAVN
AGVETTKPSKQSNNKYAASSYLSLTSDQWKSHKSYSCQVTHEGSTVEKTVAPAECS
;
L
#
loop_
_chem_comp.id
_chem_comp.type
_chem_comp.name
_chem_comp.formula
BMA D-saccharide, beta linking beta-D-mannopyranose 'C6 H12 O6'
MAN D-saccharide, alpha linking alpha-D-mannopyranose 'C6 H12 O6'
NAG D-saccharide, beta linking 2-acetamido-2-deoxy-beta-D-glucopyranose 'C8 H15 N O6'
#
# COMPACT_ATOMS: atom_id res chain seq x y z
N ASN A 3 55.18 8.14 28.30
CA ASN A 3 54.46 7.03 27.61
C ASN A 3 52.97 7.10 27.90
N LEU A 4 52.16 6.84 26.86
CA LEU A 4 50.71 6.87 26.98
C LEU A 4 50.12 5.78 26.12
N TRP A 5 48.89 5.40 26.45
CA TRP A 5 48.15 4.36 25.74
C TRP A 5 46.73 4.85 25.47
N VAL A 6 46.15 4.37 24.38
CA VAL A 6 44.80 4.76 24.00
C VAL A 6 43.79 3.91 24.76
N THR A 7 42.76 4.58 25.28
CA THR A 7 41.69 3.94 26.03
C THR A 7 40.36 4.38 25.44
N VAL A 8 39.45 3.43 25.29
CA VAL A 8 38.12 3.67 24.72
C VAL A 8 37.12 3.84 25.85
N TYR A 9 36.20 4.80 25.66
CA TYR A 9 35.15 5.09 26.62
C TYR A 9 33.79 4.89 25.96
N TYR A 10 32.93 4.11 26.62
CA TYR A 10 31.59 3.82 26.13
C TYR A 10 30.61 4.76 26.84
N GLY A 11 29.51 5.08 26.18
CA GLY A 11 28.54 5.98 26.77
C GLY A 11 29.06 7.38 26.97
N VAL A 12 29.95 7.83 26.10
CA VAL A 12 30.54 9.17 26.22
C VAL A 12 29.50 10.22 25.83
N PRO A 13 29.47 11.40 26.47
CA PRO A 13 28.46 12.41 26.09
C PRO A 13 28.92 13.36 24.97
N VAL A 14 28.87 12.84 23.75
CA VAL A 14 29.25 13.59 22.55
C VAL A 14 28.22 13.28 21.48
N TRP A 15 28.17 14.13 20.45
CA TRP A 15 27.20 13.93 19.38
C TRP A 15 27.75 14.49 18.07
N ARG A 16 26.94 14.36 17.02
CA ARG A 16 27.27 14.83 15.69
C ARG A 16 25.99 15.25 14.98
N ASP A 17 26.12 16.20 14.06
CA ASP A 17 24.96 16.66 13.31
C ASP A 17 24.47 15.53 12.40
N ALA A 18 23.16 15.32 12.37
CA ALA A 18 22.62 14.25 11.54
C ALA A 18 21.13 14.45 11.34
N ASP A 19 20.60 13.67 10.41
CA ASP A 19 19.17 13.66 10.06
C ASP A 19 18.71 12.22 10.09
N THR A 20 17.49 11.99 10.59
CA THR A 20 16.97 10.65 10.68
C THR A 20 15.45 10.67 10.66
N THR A 21 14.87 9.49 10.56
CA THR A 21 13.41 9.33 10.53
C THR A 21 12.86 9.67 11.92
N LEU A 22 11.82 10.49 11.95
CA LEU A 22 11.19 10.92 13.20
C LEU A 22 9.75 10.45 13.27
N PHE A 23 9.33 10.06 14.48
CA PHE A 23 7.98 9.60 14.74
C PHE A 23 7.36 10.56 15.75
N CYS A 24 6.04 10.69 15.66
CA CYS A 24 5.31 11.61 16.53
C CYS A 24 5.08 11.01 17.92
N ALA A 25 4.36 11.80 18.72
CA ALA A 25 3.92 11.47 20.06
C ALA A 25 2.86 12.50 20.40
N SER A 26 1.67 12.03 20.77
CA SER A 26 0.54 12.91 21.06
C SER A 26 -0.03 12.65 22.44
N ASP A 27 -0.75 13.66 22.95
CA ASP A 27 -1.38 13.57 24.25
C ASP A 27 -2.55 12.60 24.20
N ALA A 28 -2.75 11.85 25.28
CA ALA A 28 -3.85 10.89 25.34
C ALA A 28 -5.18 11.62 25.49
N LYS A 35 -8.09 8.14 14.76
CA LYS A 35 -9.46 7.67 14.86
C LYS A 35 -10.39 8.59 14.06
N HIS A 36 -10.53 9.83 14.54
CA HIS A 36 -11.37 10.84 13.90
C HIS A 36 -10.62 12.16 13.75
N ASN A 37 -9.31 12.08 13.52
CA ASN A 37 -8.44 13.24 13.37
C ASN A 37 -7.67 13.10 12.06
N VAL A 38 -7.46 14.23 11.39
CA VAL A 38 -6.75 14.22 10.11
C VAL A 38 -5.29 13.82 10.27
N TRP A 39 -4.66 14.20 11.39
CA TRP A 39 -3.26 13.87 11.63
C TRP A 39 -3.07 12.48 12.26
N ALA A 40 -4.15 11.73 12.48
CA ALA A 40 -4.07 10.40 13.07
C ALA A 40 -3.38 10.45 14.43
N THR A 41 -3.66 11.48 15.21
CA THR A 41 -3.05 11.61 16.53
C THR A 41 -3.43 10.47 17.45
N HIS A 42 -4.62 9.89 17.31
CA HIS A 42 -5.01 8.78 18.15
C HIS A 42 -4.14 7.55 17.90
N ALA A 43 -3.81 7.26 16.64
CA ALA A 43 -2.95 6.14 16.32
C ALA A 43 -1.51 6.41 16.73
N CYS A 44 -1.14 7.67 16.89
CA CYS A 44 0.22 8.04 17.30
C CYS A 44 0.49 7.52 18.70
N VAL A 45 1.75 7.20 18.96
CA VAL A 45 2.13 6.68 20.28
C VAL A 45 1.86 7.74 21.33
N PRO A 46 1.38 7.38 22.54
CA PRO A 46 1.13 8.42 23.55
C PRO A 46 2.42 9.12 23.97
N THR A 47 2.30 10.40 24.28
CA THR A 47 3.46 11.18 24.69
C THR A 47 3.89 10.81 26.11
N ASP A 48 5.11 11.19 26.44
CA ASP A 48 5.66 10.92 27.76
C ASP A 48 5.07 11.91 28.76
N PRO A 49 4.37 11.46 29.81
CA PRO A 49 3.81 12.43 30.78
C PRO A 49 4.86 13.24 31.50
N ASN A 50 6.11 12.77 31.58
CA ASN A 50 7.16 13.48 32.26
C ASN A 50 8.04 14.20 31.24
N PRO A 51 7.97 15.54 31.12
CA PRO A 51 8.87 16.19 30.13
C PRO A 51 10.30 16.17 30.65
N GLN A 52 11.03 15.10 30.31
CA GLN A 52 12.40 14.93 30.78
C GLN A 52 13.32 15.90 30.02
N GLU A 53 13.54 17.06 30.65
CA GLU A 53 14.40 18.08 30.09
C GLU A 53 15.69 18.14 30.89
N ILE A 54 16.82 18.03 30.22
CA ILE A 54 18.14 18.04 30.84
C ILE A 54 18.89 19.26 30.32
N HIS A 55 19.34 20.11 31.23
CA HIS A 55 20.09 21.30 30.89
C HIS A 55 21.54 20.92 30.64
N LEU A 56 22.24 21.75 29.86
CA LEU A 56 23.63 21.53 29.51
C LEU A 56 24.44 22.78 29.86
N ASP A 57 24.95 22.82 31.09
CA ASP A 57 25.74 23.96 31.53
C ASP A 57 27.09 23.97 30.82
N ASN A 58 27.57 25.16 30.49
CA ASN A 58 28.85 25.37 29.81
C ASN A 58 28.86 24.82 28.38
N VAL A 59 27.71 24.41 27.85
CA VAL A 59 27.66 23.87 26.50
C VAL A 59 27.27 24.97 25.52
N THR A 60 28.03 25.08 24.44
CA THR A 60 27.79 26.06 23.40
C THR A 60 27.76 25.34 22.05
N GLU A 61 26.61 25.38 21.39
CA GLU A 61 26.42 24.73 20.10
C GLU A 61 25.76 25.71 19.15
N LYS A 62 26.08 25.56 17.87
CA LYS A 62 25.55 26.40 16.81
C LYS A 62 24.36 25.71 16.15
N PHE A 63 23.32 26.49 15.88
CA PHE A 63 22.10 25.99 15.27
C PHE A 63 21.89 26.67 13.91
N ASN A 64 21.57 25.86 12.90
CA ASN A 64 21.32 26.33 11.54
C ASN A 64 19.97 25.73 11.12
N MET A 65 18.89 26.44 11.46
CA MET A 65 17.54 25.97 11.15
C MET A 65 17.30 25.89 9.65
N TRP A 66 17.88 26.82 8.88
CA TRP A 66 17.67 26.84 7.44
C TRP A 66 18.37 25.70 6.71
N LYS A 67 19.22 24.94 7.39
CA LYS A 67 19.94 23.83 6.79
C LYS A 67 19.58 22.47 7.41
N ASN A 68 18.63 22.44 8.35
CA ASN A 68 18.25 21.17 8.96
C ASN A 68 17.34 20.38 8.05
N ASN A 69 17.01 19.15 8.50
CA ASN A 69 16.13 18.25 7.77
C ASN A 69 14.80 18.01 8.48
N MET A 70 14.63 18.56 9.68
CA MET A 70 13.38 18.35 10.42
C MET A 70 12.19 18.94 9.68
N VAL A 71 12.28 20.21 9.27
CA VAL A 71 11.17 20.83 8.56
C VAL A 71 10.94 20.14 7.22
N GLU A 72 12.02 19.81 6.51
CA GLU A 72 11.86 19.13 5.23
C GLU A 72 11.23 17.76 5.43
N GLN A 73 11.63 17.05 6.50
CA GLN A 73 11.05 15.74 6.77
C GLN A 73 9.62 15.87 7.26
N MET A 74 9.34 16.86 8.12
CA MET A 74 7.99 17.04 8.63
C MET A 74 7.05 17.44 7.50
N HIS A 75 7.55 18.19 6.52
CA HIS A 75 6.71 18.62 5.40
C HIS A 75 6.19 17.41 4.63
N GLU A 76 7.08 16.44 4.36
CA GLU A 76 6.65 15.25 3.64
C GLU A 76 5.71 14.41 4.50
N ASP A 77 5.98 14.34 5.80
CA ASP A 77 5.12 13.56 6.70
C ASP A 77 3.72 14.13 6.76
N ILE A 78 3.62 15.46 6.88
CA ILE A 78 2.31 16.10 6.96
C ILE A 78 1.53 15.87 5.68
N ILE A 79 2.20 15.93 4.53
CA ILE A 79 1.52 15.71 3.25
C ILE A 79 0.98 14.29 3.20
N SER A 80 1.79 13.32 3.63
CA SER A 80 1.34 11.94 3.62
C SER A 80 0.18 11.72 4.57
N LEU A 81 0.13 12.51 5.65
CA LEU A 81 -0.99 12.41 6.61
C LEU A 81 -2.24 12.97 5.94
N TRP A 82 -2.18 14.22 5.46
CA TRP A 82 -3.32 14.84 4.76
C TRP A 82 -3.88 13.83 3.77
N ASP A 83 -3.02 13.22 2.95
CA ASP A 83 -3.48 12.28 1.90
C ASP A 83 -4.01 10.99 2.52
N GLN A 84 -3.28 10.39 3.46
CA GLN A 84 -3.72 9.07 3.99
C GLN A 84 -5.12 9.27 4.58
N SER A 85 -5.46 10.50 4.97
CA SER A 85 -6.79 10.78 5.57
C SER A 85 -7.85 10.91 4.46
N LEU A 86 -7.47 11.47 3.32
CA LEU A 86 -8.43 11.67 2.20
C LEU A 86 -8.59 10.36 1.43
N LYS A 87 -7.65 9.42 1.60
CA LYS A 87 -7.69 8.15 0.82
C LYS A 87 -9.02 7.40 1.04
N PRO A 88 -9.47 7.12 2.28
CA PRO A 88 -10.68 6.33 2.47
C PRO A 88 -11.97 7.12 2.36
N CYS A 89 -11.89 8.38 1.94
CA CYS A 89 -13.10 9.24 1.91
C CYS A 89 -13.81 9.10 0.55
N VAL A 90 -15.06 9.53 0.47
CA VAL A 90 -15.87 9.43 -0.79
C VAL A 90 -15.11 10.13 -1.94
N LYS A 91 -15.09 9.52 -3.12
CA LYS A 91 -14.45 10.18 -4.29
C LYS A 91 -15.55 10.86 -5.10
N LEU A 92 -15.44 12.17 -5.32
CA LEU A 92 -16.51 12.92 -6.02
C LEU A 92 -16.28 12.88 -7.54
N THR A 93 -15.65 11.82 -8.05
CA THR A 93 -15.51 11.74 -9.50
C THR A 93 -16.82 11.98 -10.23
N PRO A 94 -17.97 11.44 -9.81
CA PRO A 94 -19.22 11.73 -10.54
C PRO A 94 -19.68 13.17 -10.46
N LEU A 95 -19.07 13.99 -9.61
CA LEU A 95 -19.49 15.39 -9.49
C LEU A 95 -19.00 16.27 -10.64
N CYS A 96 -18.06 15.79 -11.46
CA CYS A 96 -17.58 16.60 -12.57
C CYS A 96 -18.58 16.57 -13.71
N VAL A 97 -19.67 17.32 -13.56
CA VAL A 97 -20.72 17.41 -14.57
C VAL A 97 -21.02 18.89 -14.80
N THR A 98 -21.53 19.19 -16.00
CA THR A 98 -21.87 20.59 -16.34
C THR A 98 -22.89 21.09 -15.35
N LEU A 99 -22.63 22.24 -14.72
CA LEU A 99 -23.55 22.76 -13.69
C LEU A 99 -24.26 24.00 -14.21
N HIS A 100 -25.59 23.98 -14.28
CA HIS A 100 -26.34 25.20 -14.67
C HIS A 100 -26.48 26.09 -13.43
N CYS A 101 -25.71 27.16 -13.34
CA CYS A 101 -25.73 27.97 -12.10
C CYS A 101 -26.34 29.35 -12.38
N THR A 102 -27.01 29.94 -11.39
CA THR A 102 -27.62 31.28 -11.54
C THR A 102 -27.33 32.09 -10.30
N ASN A 103 -27.52 33.42 -10.37
CA ASN A 103 -27.19 34.29 -9.21
C ASN A 103 -28.02 33.85 -8.00
N VAL A 104 -27.41 33.80 -6.81
CA VAL A 104 -28.13 33.36 -5.58
C VAL A 104 -29.28 34.35 -5.30
N THR A 105 -30.47 33.84 -4.97
CA THR A 105 -31.64 34.74 -4.81
C THR A 105 -32.17 34.66 -3.39
N SER A 106 -32.07 35.77 -2.63
CA SER A 106 -32.60 35.81 -1.24
C SER A 106 -33.05 37.24 -0.91
N ARG A 113 -21.27 39.23 -1.84
CA ARG A 113 -22.72 39.27 -2.12
C ARG A 113 -23.00 38.48 -3.41
N GLU A 114 -22.08 38.55 -4.38
CA GLU A 114 -22.24 37.82 -5.65
C GLU A 114 -21.19 36.70 -5.72
N GLY A 115 -20.64 36.29 -4.57
CA GLY A 115 -19.59 35.26 -4.55
C GLY A 115 -20.19 33.87 -4.43
N LEU A 116 -21.50 33.78 -4.18
CA LEU A 116 -22.17 32.46 -4.13
C LEU A 116 -23.08 32.33 -5.36
N LYS A 117 -23.10 31.15 -5.99
CA LYS A 117 -24.01 30.92 -7.15
C LYS A 117 -24.88 29.69 -6.87
N ASN A 118 -26.13 29.69 -7.33
CA ASN A 118 -27.06 28.56 -7.10
C ASN A 118 -26.88 27.55 -8.23
N CYS A 119 -25.99 26.57 -8.05
CA CYS A 119 -25.69 25.61 -9.16
C CYS A 119 -26.66 24.42 -9.15
N SER A 120 -27.26 24.11 -10.30
CA SER A 120 -28.16 22.95 -10.40
C SER A 120 -27.51 21.91 -11.33
N PHE A 121 -27.36 20.67 -10.88
CA PHE A 121 -26.62 19.66 -11.71
C PHE A 121 -27.29 18.31 -11.59
N ASN A 122 -27.04 17.44 -12.57
CA ASN A 122 -27.60 16.06 -12.52
C ASN A 122 -26.50 15.13 -12.00
N MET A 123 -26.66 14.61 -10.78
CA MET A 123 -25.63 13.75 -10.16
C MET A 123 -26.11 12.30 -10.20
N THR A 124 -25.18 11.34 -10.10
CA THR A 124 -25.57 9.90 -10.14
C THR A 124 -26.23 9.53 -8.83
N THR A 125 -27.02 8.45 -8.83
CA THR A 125 -27.64 7.97 -7.58
C THR A 125 -27.18 6.55 -7.33
N GLU A 126 -27.57 5.96 -6.21
CA GLU A 126 -27.07 4.60 -5.86
C GLU A 126 -27.23 3.69 -7.09
N LEU A 127 -28.46 3.56 -7.61
CA LEU A 127 -28.68 2.76 -8.83
C LEU A 127 -27.93 3.43 -9.98
N ARG A 128 -27.07 2.70 -10.68
CA ARG A 128 -26.23 3.32 -11.74
C ARG A 128 -27.10 3.78 -12.92
N ASP A 129 -28.37 3.34 -12.98
CA ASP A 129 -29.21 3.68 -14.16
C ASP A 129 -30.22 4.77 -13.80
N LYS A 130 -29.96 5.54 -12.74
CA LYS A 130 -30.87 6.67 -12.39
C LYS A 130 -30.02 7.90 -12.01
N ARG A 131 -30.53 9.09 -12.31
CA ARG A 131 -29.79 10.35 -11.99
C ARG A 131 -30.69 11.25 -11.13
N GLN A 132 -30.10 12.02 -10.21
CA GLN A 132 -30.88 12.92 -9.34
C GLN A 132 -30.50 14.38 -9.63
N LYS A 133 -31.49 15.25 -9.85
CA LYS A 133 -31.19 16.69 -10.04
C LYS A 133 -31.05 17.33 -8.66
N VAL A 134 -29.93 17.99 -8.37
CA VAL A 134 -29.70 18.54 -7.01
C VAL A 134 -29.33 20.03 -7.12
N TYR A 135 -30.01 20.89 -6.36
CA TYR A 135 -29.71 22.34 -6.36
C TYR A 135 -28.78 22.65 -5.20
N SER A 136 -27.53 22.99 -5.49
CA SER A 136 -26.53 23.28 -4.43
C SER A 136 -26.02 24.71 -4.58
N LEU A 137 -25.50 25.30 -3.49
CA LEU A 137 -24.93 26.67 -3.56
C LEU A 137 -23.40 26.56 -3.45
N PHE A 138 -22.68 26.88 -4.53
CA PHE A 138 -21.21 26.75 -4.52
C PHE A 138 -20.58 28.13 -4.58
N TYR A 139 -19.44 28.30 -3.92
CA TYR A 139 -18.74 29.62 -3.93
C TYR A 139 -18.16 29.84 -5.32
N ARG A 140 -18.30 31.05 -5.86
CA ARG A 140 -17.84 31.34 -7.24
C ARG A 140 -16.38 30.91 -7.41
N LEU A 141 -15.58 30.98 -6.35
CA LEU A 141 -14.13 30.69 -6.47
C LEU A 141 -13.93 29.20 -6.83
N ASP A 142 -14.98 28.39 -6.73
CA ASP A 142 -14.82 26.93 -6.98
C ASP A 142 -15.51 26.53 -8.30
N ILE A 143 -16.04 27.49 -9.03
CA ILE A 143 -16.71 27.17 -10.33
C ILE A 143 -16.10 28.04 -11.44
N VAL A 144 -15.79 27.44 -12.59
CA VAL A 144 -15.22 28.19 -13.74
C VAL A 144 -16.19 28.10 -14.93
N PRO A 145 -16.43 29.20 -15.68
CA PRO A 145 -17.35 29.17 -16.80
C PRO A 145 -16.91 28.16 -17.84
N ILE A 146 -17.81 27.28 -18.27
CA ILE A 146 -17.47 26.30 -19.34
C ILE A 146 -17.21 27.09 -20.62
N ASN A 147 -18.14 27.96 -20.99
CA ASN A 147 -17.92 28.85 -22.18
C ASN A 147 -17.82 30.29 -21.69
N GLU A 148 -16.67 30.93 -21.88
CA GLU A 148 -16.47 32.29 -21.33
C GLU A 148 -17.55 33.23 -21.86
N ASN A 149 -17.83 33.16 -23.16
CA ASN A 149 -18.81 34.11 -23.78
C ASN A 149 -20.17 34.01 -23.08
N GLN A 150 -20.71 32.80 -22.96
CA GLN A 150 -22.07 32.64 -22.38
C GLN A 150 -21.97 32.41 -20.87
N GLY A 151 -23.07 31.97 -20.25
CA GLY A 151 -23.08 31.75 -18.78
C GLY A 151 -24.10 30.67 -18.44
N SER A 152 -24.36 30.49 -17.14
CA SER A 152 -25.25 29.40 -16.68
C SER A 152 -24.62 28.05 -17.03
N GLU A 153 -23.32 28.04 -17.34
CA GLU A 153 -22.60 26.78 -17.64
C GLU A 153 -21.26 26.83 -16.90
N TYR A 154 -21.24 26.36 -15.67
CA TYR A 154 -20.01 26.51 -14.88
C TYR A 154 -19.48 25.15 -14.48
N ARG A 155 -18.26 24.84 -14.90
CA ARG A 155 -17.64 23.53 -14.55
C ARG A 155 -16.95 23.70 -13.20
N LEU A 156 -16.96 22.66 -12.37
CA LEU A 156 -16.28 22.71 -11.08
C LEU A 156 -14.79 22.94 -11.31
N ILE A 157 -14.20 23.84 -10.51
CA ILE A 157 -12.78 24.11 -10.67
C ILE A 157 -11.97 22.86 -10.33
N ASN A 158 -10.72 22.84 -10.80
CA ASN A 158 -9.81 21.73 -10.60
C ASN A 158 -10.31 20.44 -11.25
N CYS A 159 -11.33 20.53 -12.11
CA CYS A 159 -11.85 19.35 -12.79
C CYS A 159 -11.02 18.97 -14.00
N ASN A 160 -10.29 19.92 -14.58
CA ASN A 160 -9.45 19.69 -15.75
C ASN A 160 -8.01 19.39 -15.38
N THR A 161 -7.71 19.17 -14.08
CA THR A 161 -6.36 18.88 -13.64
C THR A 161 -6.29 17.59 -12.83
N SER A 162 -7.27 17.35 -11.97
CA SER A 162 -7.28 16.15 -11.15
C SER A 162 -8.67 15.88 -10.61
N ALA A 163 -8.90 14.64 -10.19
CA ALA A 163 -10.19 14.26 -9.64
C ALA A 163 -10.35 14.85 -8.25
N ILE A 164 -11.59 15.13 -7.87
CA ILE A 164 -11.89 15.70 -6.56
C ILE A 164 -12.14 14.59 -5.57
N THR A 165 -11.69 14.79 -4.33
CA THR A 165 -11.86 13.84 -3.24
C THR A 165 -12.48 14.55 -2.06
N GLN A 166 -13.70 14.16 -1.70
CA GLN A 166 -14.38 14.78 -0.59
C GLN A 166 -13.67 14.51 0.73
N ALA A 167 -13.58 15.54 1.57
CA ALA A 167 -12.97 15.40 2.88
C ALA A 167 -14.02 14.77 3.79
N CYS A 168 -13.63 13.75 4.53
CA CYS A 168 -14.58 13.07 5.41
C CYS A 168 -15.15 14.07 6.43
N PRO A 169 -16.47 14.10 6.65
CA PRO A 169 -17.01 15.07 7.61
C PRO A 169 -16.83 14.67 9.06
N LYS A 170 -16.67 13.37 9.35
CA LYS A 170 -16.50 12.94 10.73
C LYS A 170 -15.13 13.31 11.29
N VAL A 171 -14.11 13.44 10.45
CA VAL A 171 -12.77 13.80 10.91
C VAL A 171 -12.70 15.31 11.02
N SER A 172 -11.82 15.80 11.88
CA SER A 172 -11.64 17.23 12.12
C SER A 172 -10.26 17.68 11.65
N PHE A 173 -10.20 18.93 11.18
CA PHE A 173 -8.96 19.54 10.71
C PHE A 173 -8.26 20.38 11.77
N GLU A 174 -8.69 20.29 13.03
CA GLU A 174 -8.08 21.10 14.08
C GLU A 174 -6.61 20.71 14.25
N PRO A 175 -5.68 21.69 14.35
CA PRO A 175 -4.25 21.33 14.52
C PRO A 175 -3.87 21.11 15.97
N ILE A 176 -4.20 19.94 16.50
CA ILE A 176 -3.85 19.66 17.90
C ILE A 176 -2.34 19.47 18.01
N PRO A 177 -1.72 19.72 19.16
CA PRO A 177 -0.26 19.56 19.25
C PRO A 177 0.21 18.13 19.02
N ILE A 178 1.39 18.01 18.43
CA ILE A 178 2.04 16.73 18.15
C ILE A 178 3.53 16.91 18.46
N HIS A 179 4.09 15.95 19.19
CA HIS A 179 5.49 15.99 19.58
C HIS A 179 6.31 15.07 18.66
N TYR A 180 7.18 15.68 17.86
CA TYR A 180 8.05 14.91 16.97
C TYR A 180 9.24 14.40 17.76
N CYS A 181 9.32 13.07 17.94
CA CYS A 181 10.39 12.47 18.73
C CYS A 181 11.29 11.56 17.91
N THR A 182 12.57 11.56 18.30
CA THR A 182 13.62 10.77 17.69
C THR A 182 13.63 9.36 18.27
N PRO A 183 14.24 8.40 17.57
CA PRO A 183 14.31 7.04 18.11
C PRO A 183 15.37 6.95 19.19
N ALA A 184 15.42 5.80 19.85
CA ALA A 184 16.42 5.59 20.88
C ALA A 184 17.80 5.69 20.27
N GLY A 185 18.74 6.25 21.02
CA GLY A 185 20.09 6.46 20.53
C GLY A 185 20.29 7.77 19.82
N PHE A 186 19.26 8.62 19.75
CA PHE A 186 19.31 9.93 19.13
C PHE A 186 18.72 10.94 20.11
N ALA A 187 19.09 12.20 19.94
CA ALA A 187 18.62 13.26 20.82
C ALA A 187 18.32 14.51 20.01
N ILE A 188 17.45 15.35 20.56
CA ILE A 188 17.04 16.60 19.95
C ILE A 188 17.45 17.72 20.89
N LEU A 189 18.45 18.50 20.50
CA LEU A 189 18.89 19.61 21.32
C LEU A 189 17.82 20.69 21.29
N LYS A 190 17.85 21.58 22.28
CA LYS A 190 16.85 22.65 22.38
C LYS A 190 17.55 23.93 22.82
N CYS A 191 17.60 24.91 21.92
CA CYS A 191 18.20 26.19 22.25
C CYS A 191 17.23 27.01 23.10
N LYS A 192 17.77 27.64 24.15
CA LYS A 192 16.96 28.45 25.05
C LYS A 192 17.48 29.87 25.21
N ASP A 193 18.48 30.29 24.43
CA ASP A 193 19.01 31.64 24.53
C ASP A 193 17.94 32.63 24.11
N GLU A 194 17.56 33.52 25.02
CA GLU A 194 16.54 34.52 24.72
C GLU A 194 17.01 35.43 23.59
N GLY A 195 16.12 35.67 22.62
CA GLY A 195 16.46 36.51 21.49
C GLY A 195 17.31 35.84 20.43
N PHE A 196 17.43 34.52 20.47
CA PHE A 196 18.23 33.79 19.49
C PHE A 196 17.58 33.92 18.12
N ASN A 197 18.32 34.46 17.17
CA ASN A 197 17.80 34.63 15.81
C ASN A 197 17.92 33.30 15.06
N GLY A 198 17.75 33.34 13.74
CA GLY A 198 17.77 32.12 12.94
C GLY A 198 19.04 31.30 13.10
N THR A 199 20.21 31.88 12.85
CA THR A 199 21.48 31.18 12.96
C THR A 199 22.38 31.87 13.96
N GLY A 200 23.14 31.08 14.71
CA GLY A 200 24.04 31.63 15.70
C GLY A 200 24.48 30.57 16.69
N LEU A 201 25.39 30.98 17.56
CA LEU A 201 25.93 30.11 18.60
C LEU A 201 25.06 30.24 19.83
N CYS A 202 24.25 29.21 20.09
CA CYS A 202 23.36 29.22 21.24
C CYS A 202 24.16 28.93 22.50
N LYS A 203 24.08 29.83 23.48
CA LYS A 203 24.80 29.65 24.74
C LYS A 203 24.00 28.83 25.75
N ASN A 204 22.71 29.11 25.87
CA ASN A 204 21.81 28.42 26.79
C ASN A 204 21.22 27.21 26.09
N VAL A 205 22.05 26.18 25.89
CA VAL A 205 21.62 24.96 25.20
C VAL A 205 21.09 23.97 26.23
N SER A 206 20.15 23.14 25.77
CA SER A 206 19.55 22.10 26.60
C SER A 206 19.10 20.97 25.69
N THR A 207 19.00 19.77 26.28
CA THR A 207 18.59 18.57 25.55
C THR A 207 17.32 18.01 26.18
N VAL A 208 16.40 17.58 25.32
CA VAL A 208 15.11 17.03 25.73
C VAL A 208 14.88 15.76 24.92
N GLN A 209 14.01 14.87 25.42
CA GLN A 209 13.71 13.66 24.68
C GLN A 209 13.15 14.02 23.31
N CYS A 210 12.24 14.99 23.27
CA CYS A 210 11.69 15.41 21.99
C CYS A 210 10.96 16.74 22.15
N THR A 211 10.69 17.36 21.00
CA THR A 211 10.04 18.66 20.89
C THR A 211 8.73 18.76 21.65
N HIS A 212 8.35 19.97 22.03
CA HIS A 212 7.10 20.19 22.73
C HIS A 212 5.93 20.04 21.76
N GLY A 213 4.73 20.32 22.26
CA GLY A 213 3.55 20.21 21.41
C GLY A 213 3.58 21.21 20.27
N ILE A 214 3.82 20.73 19.06
CA ILE A 214 3.86 21.58 17.88
C ILE A 214 2.54 21.45 17.16
N LYS A 215 1.71 22.47 17.25
CA LYS A 215 0.42 22.44 16.58
C LYS A 215 0.66 22.56 15.08
N PRO A 216 0.35 21.53 14.25
CA PRO A 216 0.59 21.66 12.81
C PRO A 216 -0.45 22.53 12.12
N VAL A 217 -0.44 23.83 12.45
CA VAL A 217 -1.39 24.75 11.85
C VAL A 217 -1.00 25.04 10.41
N VAL A 218 -1.99 25.02 9.53
CA VAL A 218 -1.79 25.28 8.10
C VAL A 218 -2.21 26.72 7.87
N SER A 219 -1.23 27.61 7.67
CA SER A 219 -1.50 29.02 7.44
C SER A 219 -0.51 29.57 6.43
N THR A 220 -0.93 30.63 5.75
CA THR A 220 -0.12 31.31 4.75
C THR A 220 -0.19 32.81 4.99
N GLN A 221 0.96 33.47 4.85
CA GLN A 221 1.10 34.91 5.02
C GLN A 221 1.05 35.36 6.48
N LEU A 222 0.76 34.45 7.41
CA LEU A 222 0.69 34.74 8.83
C LEU A 222 0.75 33.43 9.60
N LEU A 223 1.21 33.53 10.85
CA LEU A 223 1.33 32.39 11.74
C LEU A 223 0.29 32.53 12.83
N LEU A 224 -0.56 31.51 12.98
CA LEU A 224 -1.63 31.49 13.96
C LEU A 224 -1.40 30.38 14.98
N ASN A 225 -1.68 30.70 16.24
CA ASN A 225 -1.53 29.77 17.36
C ASN A 225 -0.09 29.26 17.51
N GLY A 226 0.89 29.99 16.99
CA GLY A 226 2.27 29.57 17.09
C GLY A 226 2.91 30.05 18.38
N SER A 227 4.18 29.67 18.57
CA SER A 227 4.91 30.06 19.76
C SER A 227 5.28 31.54 19.70
N LEU A 228 5.28 32.18 20.86
CA LEU A 228 5.60 33.59 20.98
C LEU A 228 7.07 33.79 21.35
N ALA A 229 7.50 35.05 21.28
CA ALA A 229 8.86 35.39 21.65
C ALA A 229 8.95 35.46 23.17
N GLU A 230 10.18 35.53 23.68
CA GLU A 230 10.35 35.59 25.13
C GLU A 230 10.09 36.99 25.68
N LYS A 231 10.90 37.97 25.28
CA LYS A 231 10.73 39.34 25.78
C LYS A 231 10.96 40.42 24.72
N ASN A 232 11.17 40.03 23.46
CA ASN A 232 11.40 41.01 22.42
C ASN A 232 11.13 40.40 21.05
N ILE A 233 10.87 41.26 20.07
CA ILE A 233 10.61 40.80 18.72
C ILE A 233 11.86 40.15 18.16
N ILE A 234 11.70 39.02 17.49
CA ILE A 234 12.80 38.27 16.89
C ILE A 234 12.55 38.13 15.40
N ILE A 235 13.58 38.49 14.61
CA ILE A 235 13.54 38.40 13.16
C ILE A 235 14.61 37.39 12.77
N ARG A 236 14.20 36.34 12.05
CA ARG A 236 15.11 35.28 11.63
C ARG A 236 15.05 35.11 10.12
N SER A 237 16.23 34.93 9.52
CA SER A 237 16.36 34.74 8.08
C SER A 237 17.78 34.30 7.81
N GLU A 238 17.96 33.49 6.76
CA GLU A 238 19.30 33.03 6.42
C GLU A 238 20.15 34.15 5.82
N ASN A 239 19.52 35.14 5.19
CA ASN A 239 20.24 36.26 4.60
C ASN A 239 19.25 37.43 4.55
N ILE A 240 19.38 38.34 5.52
CA ILE A 240 18.48 39.48 5.61
C ILE A 240 18.63 40.41 4.41
N THR A 241 19.85 40.58 3.92
CA THR A 241 20.08 41.47 2.77
C THR A 241 19.53 40.90 1.47
N ASN A 242 19.34 39.58 1.37
CA ASN A 242 18.82 38.99 0.15
C ASN A 242 17.34 39.26 0.04
N ASN A 243 16.94 39.92 -1.06
CA ASN A 243 15.52 40.24 -1.25
C ASN A 243 14.68 39.01 -1.55
N ALA A 244 15.27 38.01 -2.21
CA ALA A 244 14.53 36.80 -2.56
C ALA A 244 14.32 35.84 -1.39
N LYS A 245 14.98 36.05 -0.26
CA LYS A 245 14.83 35.16 0.87
C LYS A 245 13.67 35.58 1.77
N ILE A 246 13.06 34.59 2.43
CA ILE A 246 11.93 34.82 3.32
C ILE A 246 12.41 35.41 4.63
N ILE A 247 11.56 36.23 5.24
CA ILE A 247 11.83 36.86 6.53
C ILE A 247 10.69 36.48 7.47
N ILE A 248 11.05 35.82 8.57
CA ILE A 248 10.08 35.38 9.57
C ILE A 248 10.24 36.25 10.81
N VAL A 249 9.14 36.79 11.29
CA VAL A 249 9.11 37.65 12.47
C VAL A 249 8.26 36.98 13.53
N GLN A 250 8.78 36.93 14.76
CA GLN A 250 8.08 36.33 15.89
C GLN A 250 7.67 37.44 16.84
N LEU A 251 6.38 37.50 17.17
CA LEU A 251 5.84 38.52 18.04
C LEU A 251 5.95 38.12 19.51
N VAL A 252 6.11 39.14 20.36
CA VAL A 252 6.20 38.92 21.80
C VAL A 252 4.82 38.98 22.45
N GLN A 253 3.96 39.88 21.98
CA GLN A 253 2.60 40.03 22.47
C GLN A 253 1.64 39.51 21.42
N PRO A 254 0.86 38.45 21.67
CA PRO A 254 -0.04 37.97 20.62
C PRO A 254 -1.14 38.95 20.27
N VAL A 255 -1.55 38.91 19.01
CA VAL A 255 -2.62 39.76 18.49
C VAL A 255 -3.79 38.87 18.17
N THR A 256 -4.84 38.97 18.97
CA THR A 256 -6.04 38.14 18.79
C THR A 256 -6.80 38.58 17.54
N ILE A 257 -7.21 37.61 16.73
CA ILE A 257 -7.95 37.85 15.50
C ILE A 257 -9.20 36.98 15.55
N LYS A 258 -10.36 37.60 15.36
CA LYS A 258 -11.64 36.92 15.38
C LYS A 258 -12.20 36.85 13.97
N CYS A 259 -12.60 35.64 13.55
CA CYS A 259 -13.15 35.40 12.23
C CYS A 259 -14.55 34.82 12.37
N ILE A 260 -15.41 35.10 11.38
CA ILE A 260 -16.78 34.63 11.42
C ILE A 260 -17.33 34.54 9.99
N ARG A 261 -18.27 33.63 9.79
CA ARG A 261 -18.95 33.40 8.52
C ARG A 261 -20.43 33.66 8.78
N PRO A 262 -20.93 34.88 8.54
CA PRO A 262 -22.35 35.14 8.82
C PRO A 262 -23.33 34.26 8.05
N ASN A 263 -22.92 33.69 6.91
CA ASN A 263 -23.81 32.85 6.14
C ASN A 263 -24.23 31.61 6.93
N ASN A 264 -25.50 31.56 7.33
CA ASN A 264 -26.04 30.42 8.09
C ASN A 264 -26.48 29.34 7.10
N ASN A 265 -25.49 28.70 6.51
CA ASN A 265 -25.74 27.65 5.52
C ASN A 265 -26.43 26.44 6.14
N THR A 266 -27.30 25.81 5.36
CA THR A 266 -28.04 24.62 5.77
C THR A 266 -27.55 23.46 4.93
N VAL A 267 -26.77 22.57 5.53
CA VAL A 267 -26.20 21.44 4.81
C VAL A 267 -27.29 20.42 4.47
N LYS A 268 -27.11 19.77 3.32
CA LYS A 268 -28.00 18.73 2.82
C LYS A 268 -27.14 17.59 2.33
N SER A 269 -27.65 16.37 2.44
CA SER A 269 -26.92 15.17 2.04
C SER A 269 -27.68 14.37 1.00
N ILE A 270 -26.92 13.83 0.03
CA ILE A 270 -27.44 13.00 -1.04
C ILE A 270 -26.48 11.84 -1.23
N ARG A 271 -27.03 10.67 -1.53
CA ARG A 271 -26.24 9.46 -1.72
C ARG A 271 -25.95 9.28 -3.21
N ILE A 272 -24.66 9.26 -3.53
CA ILE A 272 -24.17 9.07 -4.90
C ILE A 272 -23.43 7.74 -4.95
N GLY A 273 -23.68 6.97 -6.00
CA GLY A 273 -23.04 5.68 -6.14
C GLY A 273 -23.44 4.75 -5.00
N PRO A 274 -22.74 3.63 -4.85
CA PRO A 274 -23.10 2.71 -3.78
C PRO A 274 -22.66 3.14 -2.39
N GLY A 275 -23.61 3.61 -1.58
CA GLY A 275 -23.33 4.00 -0.21
C GLY A 275 -22.29 5.08 -0.01
N GLN A 276 -22.24 6.09 -0.86
CA GLN A 276 -21.29 7.20 -0.74
C GLN A 276 -22.09 8.48 -0.69
N ALA A 277 -22.03 9.16 0.45
CA ALA A 277 -22.78 10.40 0.68
C ALA A 277 -21.98 11.61 0.20
N PHE A 278 -22.70 12.64 -0.22
CA PHE A 278 -22.14 13.90 -0.68
C PHE A 278 -22.84 15.03 0.06
N TYR A 279 -22.05 15.95 0.61
CA TYR A 279 -22.57 17.08 1.39
C TYR A 279 -22.41 18.36 0.59
N TYR A 280 -23.40 19.24 0.69
CA TYR A 280 -23.39 20.51 -0.01
C TYR A 280 -24.25 21.51 0.75
N THR A 281 -24.20 22.76 0.30
CA THR A 281 -24.99 23.83 0.91
C THR A 281 -26.37 23.86 0.27
N GLY A 282 -27.40 23.60 1.08
CA GLY A 282 -28.75 23.62 0.54
C GLY A 282 -29.30 25.02 0.37
N ASP A 283 -29.38 25.76 1.48
CA ASP A 283 -29.90 27.13 1.44
C ASP A 283 -29.29 27.91 2.60
N ILE A 284 -29.33 29.23 2.48
CA ILE A 284 -28.81 30.14 3.49
C ILE A 284 -29.99 30.76 4.22
N ILE A 285 -30.12 30.43 5.51
CA ILE A 285 -31.21 30.95 6.33
C ILE A 285 -30.89 32.40 6.69
N GLY A 286 -31.84 33.28 6.43
CA GLY A 286 -31.64 34.69 6.74
C GLY A 286 -30.94 35.42 5.61
N ASP A 287 -30.27 36.51 5.96
CA ASP A 287 -29.55 37.32 4.99
C ASP A 287 -28.17 36.74 4.71
N ILE A 288 -27.67 37.00 3.51
CA ILE A 288 -26.37 36.54 3.08
C ILE A 288 -25.37 37.69 3.25
N ARG A 289 -24.30 37.44 4.00
CA ARG A 289 -23.27 38.43 4.25
C ARG A 289 -21.90 37.79 4.11
N GLN A 290 -20.96 38.56 3.56
CA GLN A 290 -19.61 38.08 3.34
C GLN A 290 -18.89 37.82 4.66
N ALA A 291 -17.98 36.85 4.63
CA ALA A 291 -17.19 36.52 5.81
C ALA A 291 -16.04 37.51 5.96
N HIS A 292 -15.61 37.72 7.19
CA HIS A 292 -14.53 38.65 7.46
C HIS A 292 -13.87 38.28 8.78
N CYS A 293 -12.76 38.96 9.07
CA CYS A 293 -12.00 38.75 10.29
C CYS A 293 -11.69 40.09 10.94
N ASN A 294 -11.91 40.17 12.25
CA ASN A 294 -11.68 41.38 13.03
C ASN A 294 -10.40 41.28 13.82
N VAL A 295 -9.64 42.38 13.85
CA VAL A 295 -8.39 42.47 14.60
C VAL A 295 -8.30 43.89 15.13
N THR A 296 -7.94 44.02 16.40
CA THR A 296 -7.85 45.34 17.02
C THR A 296 -6.80 46.19 16.30
N ARG A 297 -7.23 47.38 15.85
CA ARG A 297 -6.31 48.26 15.15
C ARG A 297 -5.20 48.74 16.06
N SER A 298 -5.52 49.06 17.32
CA SER A 298 -4.51 49.52 18.25
C SER A 298 -3.42 48.47 18.47
N ARG A 299 -3.81 47.20 18.62
CA ARG A 299 -2.83 46.15 18.82
C ARG A 299 -1.96 45.97 17.59
N TRP A 300 -2.58 45.84 16.41
CA TRP A 300 -1.81 45.67 15.18
C TRP A 300 -0.98 46.90 14.87
N ASN A 301 -1.58 48.08 15.00
CA ASN A 301 -0.84 49.32 14.72
C ASN A 301 0.34 49.45 15.68
N LYS A 302 0.13 49.09 16.94
CA LYS A 302 1.22 49.16 17.91
C LYS A 302 2.20 48.02 17.70
N THR A 303 1.73 46.86 17.22
CA THR A 303 2.63 45.73 16.98
C THR A 303 3.60 46.06 15.85
N LEU A 304 3.10 46.61 14.73
CA LEU A 304 3.98 46.95 13.64
C LEU A 304 4.97 48.05 14.03
N GLN A 305 4.62 48.88 15.02
CA GLN A 305 5.53 49.92 15.47
C GLN A 305 6.80 49.27 16.03
N GLU A 306 6.64 48.15 16.74
CA GLU A 306 7.80 47.44 17.27
C GLU A 306 8.55 46.72 16.16
N VAL A 307 7.81 46.11 15.22
CA VAL A 307 8.46 45.41 14.12
C VAL A 307 9.25 46.40 13.26
N ALA A 308 8.66 47.55 12.96
CA ALA A 308 9.36 48.55 12.19
C ALA A 308 10.59 49.04 12.94
N GLU A 309 10.45 49.23 14.26
CA GLU A 309 11.58 49.66 15.07
C GLU A 309 12.68 48.61 15.06
N LYS A 310 12.29 47.34 15.10
CA LYS A 310 13.28 46.22 15.12
C LYS A 310 13.82 45.95 13.71
N LEU A 311 12.97 46.05 12.69
CA LEU A 311 13.44 45.86 11.29
C LEU A 311 14.50 46.94 10.99
N ARG A 312 14.34 48.11 11.60
CA ARG A 312 15.29 49.22 11.34
C ARG A 312 16.63 48.95 12.03
N THR A 313 16.74 47.83 12.76
CA THR A 313 17.99 47.56 13.51
C THR A 313 18.92 46.72 12.66
N TYR A 314 18.40 45.63 12.10
CA TYR A 314 19.22 44.71 11.26
C TYR A 314 19.83 45.45 10.09
N PHE A 315 19.04 46.24 9.35
CA PHE A 315 19.61 46.86 8.12
C PHE A 315 19.71 48.37 8.23
N GLY A 316 19.75 48.93 9.45
CA GLY A 316 19.98 50.39 9.58
C GLY A 316 18.69 51.19 9.53
N ASN A 317 18.76 52.48 9.88
CA ASN A 317 17.52 53.30 9.96
C ASN A 317 17.08 53.76 8.56
N LYS A 318 15.99 53.17 8.05
CA LYS A 318 15.43 53.60 6.74
C LYS A 318 13.90 53.57 6.86
N THR A 319 13.19 54.19 5.92
CA THR A 319 11.72 54.25 5.99
C THR A 319 11.17 52.86 5.76
N ILE A 320 10.53 52.28 6.78
CA ILE A 320 9.92 50.97 6.66
C ILE A 320 8.52 51.16 6.09
N ILE A 321 8.19 50.40 5.04
CA ILE A 321 6.89 50.47 4.38
C ILE A 321 6.37 49.06 4.17
N PHE A 322 5.06 48.90 4.30
CA PHE A 322 4.36 47.64 4.12
C PHE A 322 3.33 47.79 3.01
N ALA A 323 3.30 46.84 2.08
CA ALA A 323 2.39 46.85 0.94
C ALA A 323 1.41 45.69 1.06
N ASN A 324 0.46 45.63 0.13
CA ASN A 324 -0.58 44.59 0.12
C ASN A 324 -0.22 43.46 -0.83
N SER A 325 0.59 42.52 -0.33
CA SER A 325 1.00 41.35 -1.08
C SER A 325 1.74 41.69 -2.38
N SER A 326 2.20 40.65 -3.08
CA SER A 326 2.93 40.81 -4.33
C SER A 326 2.07 40.57 -5.57
N GLY A 327 0.85 40.07 -5.41
CA GLY A 327 -0.03 39.82 -6.54
C GLY A 327 0.14 38.41 -7.09
N GLY A 328 -0.96 37.84 -7.58
CA GLY A 328 -0.93 36.45 -8.07
C GLY A 328 -2.21 35.71 -7.72
N ASP A 329 -2.11 34.40 -7.47
CA ASP A 329 -3.33 33.58 -7.19
C ASP A 329 -3.80 33.80 -5.75
N LEU A 330 -5.04 33.37 -5.46
CA LEU A 330 -5.60 33.55 -4.11
C LEU A 330 -4.73 32.78 -3.11
N GLU A 331 -4.50 31.50 -3.34
CA GLU A 331 -3.78 30.68 -2.33
C GLU A 331 -2.48 31.33 -1.86
N ILE A 332 -1.85 32.20 -2.66
CA ILE A 332 -0.50 32.73 -2.26
C ILE A 332 -0.56 34.23 -1.93
N THR A 333 -1.68 34.90 -2.19
CA THR A 333 -1.73 36.35 -1.96
C THR A 333 -2.77 36.67 -0.91
N THR A 334 -3.30 35.64 -0.25
CA THR A 334 -4.28 35.84 0.81
C THR A 334 -3.94 34.96 2.00
N HIS A 335 -4.47 35.35 3.15
CA HIS A 335 -4.25 34.61 4.39
C HIS A 335 -5.20 33.42 4.44
N SER A 336 -4.63 32.23 4.65
CA SER A 336 -5.40 31.00 4.72
C SER A 336 -5.70 30.60 6.16
N PHE A 337 -6.76 29.82 6.33
CA PHE A 337 -7.21 29.34 7.63
C PHE A 337 -7.58 27.86 7.52
N ASN A 338 -7.70 27.22 8.68
CA ASN A 338 -8.07 25.82 8.77
C ASN A 338 -8.96 25.54 9.98
N CYS A 339 -9.48 26.58 10.64
CA CYS A 339 -10.31 26.39 11.81
C CYS A 339 -11.79 26.28 11.45
N GLY A 340 -12.54 25.62 12.33
CA GLY A 340 -13.97 25.44 12.13
C GLY A 340 -14.33 24.61 10.93
N GLY A 341 -13.44 23.71 10.49
CA GLY A 341 -13.72 22.87 9.35
C GLY A 341 -13.92 23.60 8.04
N GLU A 342 -13.52 24.87 7.96
CA GLU A 342 -13.65 25.69 6.77
C GLU A 342 -12.27 26.20 6.36
N PHE A 343 -12.19 26.70 5.14
CA PHE A 343 -10.95 27.24 4.57
C PHE A 343 -11.20 28.67 4.10
N PHE A 344 -10.79 29.63 4.91
CA PHE A 344 -10.96 31.03 4.59
C PHE A 344 -9.76 31.52 3.79
N TYR A 345 -9.98 32.58 3.01
CA TYR A 345 -8.94 33.21 2.21
C TYR A 345 -9.14 34.71 2.39
N CYS A 346 -8.51 35.26 3.41
CA CYS A 346 -8.64 36.66 3.77
C CYS A 346 -7.64 37.55 3.05
N ASN A 347 -8.11 38.72 2.65
CA ASN A 347 -7.32 39.74 1.98
C ASN A 347 -6.70 40.60 3.07
N THR A 348 -5.41 40.41 3.31
CA THR A 348 -4.70 41.15 4.36
C THR A 348 -4.18 42.51 3.90
N SER A 349 -4.79 43.12 2.89
CA SER A 349 -4.32 44.43 2.42
C SER A 349 -4.43 45.50 3.49
N GLY A 350 -5.35 45.36 4.44
CA GLY A 350 -5.50 46.38 5.47
C GLY A 350 -4.47 46.27 6.59
N LEU A 351 -3.84 45.10 6.74
CA LEU A 351 -2.86 44.92 7.80
C LEU A 351 -1.45 45.32 7.38
N PHE A 352 -1.24 45.61 6.09
CA PHE A 352 0.08 45.98 5.58
C PHE A 352 -0.05 47.19 4.68
N ASN A 353 -0.73 48.23 5.16
CA ASN A 353 -0.97 49.46 4.42
C ASN A 353 -0.53 50.66 5.27
N SER A 354 0.68 50.57 5.82
CA SER A 354 1.19 51.65 6.66
C SER A 354 2.68 51.86 6.40
N THR A 355 3.14 53.08 6.72
CA THR A 355 4.52 53.51 6.58
C THR A 355 5.02 53.92 7.94
N TRP A 356 6.30 53.67 8.22
CA TRP A 356 6.89 54.00 9.52
C TRP A 356 8.27 54.62 9.33
N TYR A 357 8.39 55.88 9.74
CA TYR A 357 9.66 56.60 9.67
C TYR A 357 10.40 56.36 10.98
N VAL A 358 11.50 57.10 11.19
CA VAL A 358 12.25 56.95 12.43
C VAL A 358 11.40 57.39 13.62
N ASN A 359 10.68 58.50 13.46
CA ASN A 359 9.82 59.01 14.53
C ASN A 359 8.71 58.02 14.85
N SER A 360 7.87 57.72 13.85
CA SER A 360 6.77 56.78 14.04
C SER A 360 6.14 56.41 12.70
N ASN A 372 -15.43 49.02 16.54
CA ASN A 372 -15.02 50.21 17.28
C ASN A 372 -13.66 50.69 16.79
N ASP A 373 -12.62 49.90 17.11
CA ASP A 373 -11.26 50.21 16.71
C ASP A 373 -10.58 48.98 16.14
N THR A 374 -11.27 48.28 15.25
CA THR A 374 -10.76 47.06 14.63
C THR A 374 -10.61 47.26 13.12
N ILE A 375 -9.82 46.38 12.51
CA ILE A 375 -9.56 46.39 11.07
C ILE A 375 -10.32 45.20 10.49
N THR A 376 -11.21 45.47 9.54
CA THR A 376 -11.99 44.41 8.91
C THR A 376 -11.24 43.84 7.72
N LEU A 377 -11.09 42.52 7.70
CA LEU A 377 -10.40 41.83 6.61
C LEU A 377 -11.41 41.14 5.71
N PRO A 378 -11.61 41.57 4.47
CA PRO A 378 -12.58 40.85 3.61
C PRO A 378 -12.04 39.45 3.33
N CYS A 379 -12.90 38.44 3.53
CA CYS A 379 -12.51 37.05 3.33
C CYS A 379 -13.49 36.31 2.43
N ARG A 380 -12.93 35.42 1.63
CA ARG A 380 -13.67 34.58 0.70
C ARG A 380 -13.39 33.13 1.06
N ILE A 381 -14.45 32.32 1.07
CA ILE A 381 -14.36 30.90 1.42
C ILE A 381 -14.23 30.08 0.15
N LYS A 382 -13.36 29.08 0.19
CA LYS A 382 -13.08 28.19 -0.92
C LYS A 382 -13.27 26.75 -0.48
N GLN A 383 -14.06 25.98 -1.22
CA GLN A 383 -14.30 24.58 -0.90
C GLN A 383 -13.30 23.68 -1.60
N ILE A 384 -13.23 23.72 -2.92
CA ILE A 384 -12.26 22.91 -3.67
C ILE A 384 -10.93 23.63 -3.51
N ILE A 385 -9.97 22.97 -2.85
CA ILE A 385 -8.67 23.56 -2.57
C ILE A 385 -7.51 22.61 -2.82
N ASN A 386 -6.32 23.20 -2.93
CA ASN A 386 -5.05 22.52 -3.08
C ASN A 386 -4.12 23.18 -2.06
N MET A 387 -4.15 22.67 -0.83
CA MET A 387 -3.35 23.24 0.25
C MET A 387 -1.85 23.10 0.05
N TRP A 388 -1.39 21.99 -0.51
CA TRP A 388 0.04 21.76 -0.71
C TRP A 388 0.55 22.21 -2.07
N GLN A 389 -0.22 23.07 -2.77
CA GLN A 389 0.19 23.58 -4.08
C GLN A 389 0.44 22.45 -5.08
N ARG A 390 -0.33 21.37 -4.97
CA ARG A 390 -0.19 20.21 -5.85
C ARG A 390 -1.30 20.20 -6.89
N ALA A 391 -0.90 19.95 -8.14
CA ALA A 391 -1.86 19.89 -9.23
C ALA A 391 -2.41 18.49 -9.45
N GLY A 392 -1.73 17.47 -8.94
CA GLY A 392 -2.18 16.10 -9.11
C GLY A 392 -3.20 15.63 -8.11
N GLN A 393 -3.60 16.50 -7.18
CA GLN A 393 -4.59 16.13 -6.16
C GLN A 393 -5.41 17.35 -5.78
N ALA A 394 -6.71 17.15 -5.62
CA ALA A 394 -7.64 18.20 -5.22
C ALA A 394 -8.57 17.62 -4.16
N MET A 395 -9.00 18.52 -3.27
CA MET A 395 -9.89 18.09 -2.16
C MET A 395 -11.07 19.05 -2.04
N TYR A 396 -12.25 18.52 -1.74
CA TYR A 396 -13.47 19.29 -1.56
C TYR A 396 -13.84 19.31 -0.08
N ALA A 397 -13.87 20.50 0.51
CA ALA A 397 -14.20 20.62 1.92
C ALA A 397 -15.72 20.68 2.08
N PRO A 398 -16.36 19.73 2.78
CA PRO A 398 -17.80 19.80 2.92
C PRO A 398 -18.21 20.97 3.79
N PRO A 399 -19.39 21.54 3.59
CA PRO A 399 -19.81 22.68 4.42
C PRO A 399 -20.11 22.25 5.85
N ILE A 400 -19.95 23.19 6.76
CA ILE A 400 -20.20 22.99 8.19
C ILE A 400 -21.49 23.71 8.54
N PRO A 401 -22.49 23.05 9.12
CA PRO A 401 -23.75 23.75 9.43
C PRO A 401 -23.57 24.79 10.52
N GLY A 402 -24.41 25.82 10.46
CA GLY A 402 -24.39 26.89 11.44
C GLY A 402 -23.32 27.93 11.17
N VAL A 403 -23.49 29.09 11.82
CA VAL A 403 -22.55 30.20 11.69
C VAL A 403 -21.27 29.81 12.42
N ILE A 404 -20.20 29.59 11.66
CA ILE A 404 -18.93 29.20 12.26
C ILE A 404 -18.15 30.43 12.69
N LYS A 405 -17.56 30.35 13.88
CA LYS A 405 -16.74 31.42 14.46
C LYS A 405 -15.36 30.86 14.72
N CYS A 406 -14.33 31.71 14.60
CA CYS A 406 -12.96 31.27 14.80
C CYS A 406 -12.14 32.42 15.38
N GLU A 407 -11.54 32.17 16.55
CA GLU A 407 -10.69 33.13 17.24
C GLU A 407 -9.31 32.51 17.41
N SER A 408 -8.28 33.25 17.04
CA SER A 408 -6.91 32.76 17.13
C SER A 408 -5.97 33.91 17.47
N ASN A 409 -4.74 33.55 17.83
CA ASN A 409 -3.72 34.51 18.20
C ASN A 409 -2.65 34.59 17.10
N ILE A 410 -2.43 35.81 16.58
CA ILE A 410 -1.40 35.99 15.57
C ILE A 410 -0.08 36.19 16.28
N THR A 411 0.81 35.20 16.16
CA THR A 411 2.10 35.24 16.83
C THR A 411 3.29 35.43 15.91
N GLY A 412 3.15 35.24 14.60
CA GLY A 412 4.27 35.41 13.70
C GLY A 412 3.82 35.92 12.35
N LEU A 413 4.79 36.51 11.64
CA LEU A 413 4.55 37.08 10.32
C LEU A 413 5.63 36.61 9.35
N LEU A 414 5.21 36.40 8.11
CA LEU A 414 6.08 35.98 7.02
C LEU A 414 6.20 37.17 6.08
N LEU A 415 7.35 37.84 6.10
CA LEU A 415 7.59 39.03 5.29
C LEU A 415 8.65 38.76 4.22
N THR A 416 8.58 39.58 3.17
CA THR A 416 9.51 39.52 2.05
C THR A 416 9.73 40.95 1.56
N ARG A 417 10.99 41.31 1.35
CA ARG A 417 11.36 42.64 0.88
C ARG A 417 11.59 42.56 -0.63
N ASP A 418 10.84 43.36 -1.37
CA ASP A 418 10.95 43.41 -2.82
C ASP A 418 11.92 44.47 -3.31
N GLY A 419 12.91 44.84 -2.50
CA GLY A 419 13.86 45.86 -2.88
C GLY A 419 14.87 45.44 -3.92
N GLY A 420 14.39 45.04 -5.11
CA GLY A 420 15.30 44.66 -6.17
C GLY A 420 16.19 45.80 -6.59
N LYS A 421 15.68 47.02 -6.55
CA LYS A 421 16.41 48.24 -6.88
C LYS A 421 16.98 48.78 -5.58
N ASP A 422 18.18 49.36 -5.66
CA ASP A 422 18.87 49.89 -4.48
C ASP A 422 17.97 50.82 -3.66
N ASN A 423 17.77 50.46 -2.39
CA ASN A 423 16.93 51.24 -1.49
C ASN A 423 17.72 52.48 -1.07
N ASN A 424 17.15 53.66 -1.33
CA ASN A 424 17.82 54.90 -0.98
C ASN A 424 17.34 55.43 0.36
N VAL A 425 16.04 55.58 0.54
CA VAL A 425 15.46 56.08 1.78
C VAL A 425 14.34 55.19 2.29
N ASN A 426 13.79 54.33 1.43
CA ASN A 426 12.70 53.45 1.84
C ASN A 426 12.70 52.17 1.03
N GLU A 427 12.02 51.16 1.58
CA GLU A 427 11.86 49.86 0.97
C GLU A 427 10.55 49.27 1.47
N THR A 428 9.81 48.63 0.57
CA THR A 428 8.51 48.06 0.89
C THR A 428 8.61 46.58 1.26
N PHE A 429 7.95 46.20 2.34
CA PHE A 429 7.91 44.82 2.81
C PHE A 429 6.57 44.21 2.44
N ARG A 430 6.61 43.14 1.64
CA ARG A 430 5.41 42.47 1.17
C ARG A 430 5.24 41.14 1.89
N PRO A 431 4.10 40.89 2.57
CA PRO A 431 3.94 39.60 3.25
C PRO A 431 3.67 38.48 2.25
N GLY A 432 4.17 37.30 2.58
CA GLY A 432 3.99 36.15 1.71
C GLY A 432 5.07 35.10 1.88
N GLY A 433 5.66 34.68 0.77
CA GLY A 433 6.72 33.69 0.77
C GLY A 433 6.49 32.60 -0.26
N SER A 434 5.23 32.25 -0.48
CA SER A 434 4.83 31.22 -1.45
C SER A 434 5.39 29.85 -1.11
N ASP A 435 5.76 29.61 0.15
CA ASP A 435 6.31 28.33 0.58
C ASP A 435 5.66 27.94 1.90
N MET A 436 5.35 26.66 2.03
CA MET A 436 4.71 26.15 3.24
C MET A 436 5.72 25.74 4.30
N ARG A 437 6.96 25.44 3.90
CA ARG A 437 7.97 25.03 4.87
C ARG A 437 8.35 26.17 5.81
N ASP A 438 8.16 27.41 5.37
CA ASP A 438 8.54 28.56 6.20
C ASP A 438 7.70 28.67 7.47
N ASN A 439 6.40 28.40 7.40
CA ASN A 439 5.56 28.54 8.59
C ASN A 439 5.99 27.57 9.70
N TRP A 440 6.26 26.31 9.35
CA TRP A 440 6.67 25.36 10.38
C TRP A 440 8.08 25.64 10.89
N ARG A 441 8.88 26.41 10.15
CA ARG A 441 10.22 26.72 10.63
C ARG A 441 10.16 27.57 11.88
N SER A 442 9.09 28.35 12.04
CA SER A 442 8.93 29.19 13.22
C SER A 442 8.73 28.39 14.50
N GLU A 443 8.38 27.11 14.40
CA GLU A 443 8.15 26.25 15.56
C GLU A 443 9.31 25.28 15.81
N LEU A 444 10.18 25.06 14.82
CA LEU A 444 11.30 24.14 14.96
C LEU A 444 12.66 24.84 14.96
N TYR A 445 12.69 26.17 15.05
CA TYR A 445 13.96 26.89 15.05
C TYR A 445 14.77 26.59 16.31
N LYS A 446 14.11 26.21 17.40
CA LYS A 446 14.83 25.93 18.64
C LYS A 446 15.47 24.55 18.68
N TYR A 447 15.17 23.67 17.72
CA TYR A 447 15.69 22.31 17.73
C TYR A 447 16.65 22.01 16.58
N LYS A 448 17.36 20.89 16.76
CA LYS A 448 18.33 20.35 15.81
C LYS A 448 18.59 18.91 16.22
N VAL A 449 18.43 17.98 15.29
CA VAL A 449 18.65 16.56 15.60
C VAL A 449 20.15 16.28 15.62
N VAL A 450 20.60 15.56 16.64
CA VAL A 450 22.00 15.19 16.81
C VAL A 450 22.09 13.70 17.13
N GLU A 451 23.02 13.02 16.47
CA GLU A 451 23.22 11.59 16.67
C GLU A 451 24.32 11.40 17.73
N ILE A 452 23.92 10.94 18.92
CA ILE A 452 24.90 10.74 19.98
C ILE A 452 25.85 9.60 19.61
N GLU A 453 27.15 9.83 19.82
CA GLU A 453 28.20 8.86 19.55
C GLU A 453 28.69 8.36 20.90
N PRO A 454 28.16 7.23 21.40
CA PRO A 454 28.60 6.74 22.72
C PRO A 454 30.04 6.28 22.79
N LEU A 455 30.76 6.15 21.68
CA LEU A 455 32.15 5.70 21.68
C LEU A 455 33.10 6.88 21.59
N GLY A 456 34.19 6.81 22.36
CA GLY A 456 35.19 7.85 22.37
C GLY A 456 36.53 7.26 22.76
N VAL A 457 37.60 7.92 22.30
CA VAL A 457 38.96 7.50 22.57
C VAL A 457 39.78 8.68 23.08
N ALA A 458 40.67 8.42 24.02
CA ALA A 458 41.53 9.44 24.60
C ALA A 458 42.74 8.76 25.21
N PRO A 459 43.88 9.46 25.30
CA PRO A 459 45.07 8.83 25.89
C PRO A 459 44.93 8.63 27.38
N THR A 460 45.55 7.56 27.89
CA THR A 460 45.52 7.23 29.30
C THR A 460 46.79 6.47 29.67
N ARG A 461 47.11 6.51 30.96
CA ARG A 461 48.29 5.82 31.51
C ARG A 461 47.89 4.46 32.05
N CYS A 462 47.34 3.61 31.19
CA CYS A 462 46.90 2.27 31.58
C CYS A 462 47.14 1.30 30.45
N LYS A 463 47.39 0.04 30.81
CA LYS A 463 47.64 -1.04 29.86
C LYS A 463 46.93 -2.28 30.38
N ARG A 464 46.09 -2.87 29.53
CA ARG A 464 45.33 -4.05 29.94
C ARG A 464 46.28 -5.25 30.14
N ARG A 465 45.83 -6.17 30.98
CA ARG A 465 46.59 -7.37 31.28
C ARG A 465 46.42 -8.41 30.18
N VAL A 466 47.17 -9.50 30.30
CA VAL A 466 47.11 -10.59 29.32
C VAL A 466 47.05 -11.93 30.04
N LEU B 9 22.35 14.27 37.60
CA LEU B 9 22.47 15.18 36.43
C LEU B 9 21.43 14.85 35.37
N GLY B 10 21.48 13.61 34.86
CA GLY B 10 20.57 13.15 33.84
C GLY B 10 21.26 12.74 32.56
N PHE B 11 20.45 12.30 31.61
CA PHE B 11 20.94 11.85 30.31
C PHE B 11 21.59 13.00 29.54
N LEU B 12 22.87 12.83 29.21
CA LEU B 12 23.65 13.81 28.47
C LEU B 12 23.87 15.11 29.25
N GLY B 13 23.55 15.10 30.55
CA GLY B 13 23.73 16.30 31.35
C GLY B 13 25.18 16.68 31.57
N ALA B 14 26.06 15.68 31.67
CA ALA B 14 27.47 15.93 31.89
C ALA B 14 28.25 16.23 30.62
N ALA B 15 27.58 16.59 29.52
CA ALA B 15 28.30 16.88 28.29
C ALA B 15 29.20 18.10 28.43
N GLY B 16 28.72 19.15 29.09
CA GLY B 16 29.47 20.37 29.28
C GLY B 16 30.52 20.33 30.36
N SER B 17 30.43 19.40 31.30
CA SER B 17 31.43 19.31 32.36
C SER B 17 32.79 18.97 31.76
N THR B 18 33.85 19.17 32.54
CA THR B 18 35.18 18.84 32.06
C THR B 18 35.25 17.36 31.74
N MET B 19 36.04 17.01 30.73
CA MET B 19 36.14 15.59 30.28
C MET B 19 36.41 14.69 31.48
N GLY B 20 37.48 14.97 32.24
CA GLY B 20 37.81 14.07 33.34
C GLY B 20 36.65 13.81 34.27
N ALA B 21 35.94 14.87 34.67
CA ALA B 21 34.78 14.70 35.55
C ALA B 21 33.58 14.17 34.79
N ALA B 22 33.45 14.54 33.52
CA ALA B 22 32.33 14.07 32.71
C ALA B 22 32.38 12.56 32.51
N SER B 23 33.57 11.97 32.62
CA SER B 23 33.69 10.52 32.44
C SER B 23 33.17 9.71 33.63
N ILE B 24 32.60 10.35 34.65
CA ILE B 24 32.10 9.62 35.83
C ILE B 24 30.62 9.24 35.72
N THR B 25 29.92 9.68 34.68
CA THR B 25 28.49 9.38 34.51
C THR B 25 28.16 8.68 33.20
N LEU B 26 29.10 7.93 32.61
CA LEU B 26 28.85 7.26 31.34
C LEU B 26 27.66 6.32 31.38
N THR B 27 27.35 5.76 32.56
CA THR B 27 26.25 4.82 32.67
C THR B 27 24.90 5.45 32.31
N VAL B 28 24.65 6.69 32.73
CA VAL B 28 23.37 7.31 32.40
C VAL B 28 23.23 7.54 30.90
N GLN B 29 24.32 7.87 30.19
CA GLN B 29 24.21 8.07 28.76
C GLN B 29 24.06 6.74 28.03
N ALA B 30 24.71 5.69 28.54
CA ALA B 30 24.63 4.39 27.88
C ALA B 30 23.36 3.62 28.24
N ARG B 31 22.61 4.09 29.24
CA ARG B 31 21.40 3.37 29.65
C ARG B 31 20.22 3.66 28.72
N ASN B 32 20.13 4.87 28.19
CA ASN B 32 19.02 5.28 27.34
C ASN B 32 19.27 5.06 25.85
N LEU B 33 20.06 4.05 25.47
CA LEU B 33 20.31 3.79 24.07
C LEU B 33 19.23 2.97 23.40
N LEU B 34 18.24 2.47 24.15
CA LEU B 34 17.15 1.68 23.60
C LEU B 34 15.82 2.13 24.18
N THR B 58 -1.97 3.78 9.60
CA THR B 58 -0.81 2.90 9.66
C THR B 58 0.49 3.63 9.31
N HIS B 59 0.42 4.89 8.88
CA HIS B 59 1.62 5.62 8.53
C HIS B 59 2.54 5.79 9.75
N TRP B 60 1.95 6.07 10.92
CA TRP B 60 2.76 6.23 12.12
C TRP B 60 3.41 4.92 12.53
N GLY B 61 2.71 3.80 12.33
CA GLY B 61 3.27 2.51 12.70
C GLY B 61 4.52 2.19 11.90
N ILE B 62 4.46 2.38 10.58
CA ILE B 62 5.63 2.10 9.75
C ILE B 62 6.74 3.11 10.03
N LYS B 63 6.36 4.38 10.24
CA LYS B 63 7.37 5.41 10.52
C LYS B 63 8.07 5.11 11.85
N GLN B 64 7.30 4.77 12.88
CA GLN B 64 7.90 4.45 14.16
C GLN B 64 8.68 3.14 14.08
N LEU B 65 8.18 2.19 13.29
CA LEU B 65 8.88 0.91 13.13
C LEU B 65 10.23 1.12 12.48
N GLN B 66 10.28 1.94 11.43
CA GLN B 66 11.56 2.20 10.76
C GLN B 66 12.51 2.92 11.70
N ALA B 67 11.98 3.82 12.54
CA ALA B 67 12.83 4.53 13.48
C ALA B 67 13.22 3.62 14.63
N ARG B 68 12.34 2.71 15.04
CA ARG B 68 12.65 1.80 16.13
C ARG B 68 13.79 0.86 15.77
N VAL B 69 13.76 0.28 14.57
CA VAL B 69 14.84 -0.62 14.16
C VAL B 69 16.13 0.17 13.98
N LEU B 70 16.03 1.44 13.59
CA LEU B 70 17.23 2.26 13.41
C LEU B 70 17.98 2.40 14.73
N ALA B 71 17.25 2.44 15.85
CA ALA B 71 17.89 2.54 17.15
C ALA B 71 18.76 1.31 17.41
N VAL B 72 18.24 0.13 17.06
CA VAL B 72 19.01 -1.09 17.26
C VAL B 72 20.25 -1.07 16.40
N GLU B 73 20.12 -0.61 15.15
CA GLU B 73 21.28 -0.55 14.26
C GLU B 73 22.33 0.38 14.83
N HIS B 74 21.92 1.55 15.32
CA HIS B 74 22.87 2.49 15.91
C HIS B 74 23.52 1.89 17.15
N TYR B 75 22.72 1.21 17.98
CA TYR B 75 23.25 0.59 19.19
C TYR B 75 24.21 -0.55 18.84
N LEU B 76 23.78 -1.44 17.94
CA LEU B 76 24.63 -2.57 17.57
C LEU B 76 25.85 -2.11 16.78
N ARG B 77 25.74 -1.00 16.04
CA ARG B 77 26.89 -0.52 15.29
C ARG B 77 28.03 -0.16 16.22
N ASP B 78 27.72 0.44 17.37
CA ASP B 78 28.72 0.81 18.35
C ASP B 78 28.94 -0.28 19.39
N GLN B 79 27.94 -1.13 19.63
CA GLN B 79 28.08 -2.19 20.60
C GLN B 79 28.91 -3.35 20.06
N GLN B 80 28.80 -3.63 18.76
CA GLN B 80 29.57 -4.73 18.19
C GLN B 80 31.07 -4.46 18.27
N LEU B 81 31.47 -3.20 18.17
CA LEU B 81 32.89 -2.88 18.24
C LEU B 81 33.46 -3.28 19.60
N LEU B 82 32.72 -3.03 20.69
CA LEU B 82 33.22 -3.43 22.00
C LEU B 82 33.28 -4.95 22.10
N GLY B 83 32.38 -5.65 21.45
CA GLY B 83 32.39 -7.10 21.47
C GLY B 83 33.62 -7.70 20.83
N ILE B 84 34.20 -7.01 19.85
CA ILE B 84 35.41 -7.48 19.18
C ILE B 84 36.67 -6.82 19.74
N TRP B 85 36.55 -5.72 20.47
CA TRP B 85 37.70 -5.05 21.09
C TRP B 85 38.02 -5.60 22.47
N GLY B 86 37.36 -6.69 22.88
CA GLY B 86 37.60 -7.23 24.20
C GLY B 86 37.08 -6.37 25.33
N CYS B 87 36.19 -5.43 25.01
CA CYS B 87 35.61 -4.50 25.98
C CYS B 87 34.13 -4.76 26.21
N SER B 88 33.65 -5.98 25.95
CA SER B 88 32.24 -6.29 26.14
C SER B 88 31.84 -6.11 27.60
N GLY B 89 30.81 -5.31 27.84
CA GLY B 89 30.35 -5.06 29.19
C GLY B 89 31.29 -4.24 30.04
N LYS B 90 32.09 -3.40 29.39
CA LYS B 90 33.07 -2.57 30.11
C LYS B 90 32.89 -1.10 29.68
N LEU B 91 32.53 -0.21 30.61
CA LEU B 91 32.38 1.19 30.27
C LEU B 91 33.75 1.80 29.98
N ILE B 92 34.74 1.50 30.83
CA ILE B 92 36.11 1.96 30.67
C ILE B 92 36.92 0.72 30.29
N CYS B 93 37.62 0.79 29.16
CA CYS B 93 38.39 -0.35 28.68
C CYS B 93 39.72 0.12 28.11
N CYS B 94 40.81 -0.21 28.81
CA CYS B 94 42.14 0.15 28.35
C CYS B 94 42.63 -0.86 27.32
N THR B 95 43.43 -0.38 26.37
CA THR B 95 44.00 -1.21 25.33
C THR B 95 45.51 -1.29 25.50
N ASN B 96 46.15 -2.10 24.66
CA ASN B 96 47.60 -2.31 24.69
C ASN B 96 48.25 -1.70 23.45
N VAL B 97 47.62 -0.66 22.91
CA VAL B 97 48.10 0.05 21.71
C VAL B 97 48.72 1.36 22.19
N PRO B 98 49.97 1.66 21.85
CA PRO B 98 50.55 2.93 22.32
C PRO B 98 49.96 4.12 21.58
N TRP B 99 49.78 5.22 22.30
CA TRP B 99 49.24 6.42 21.69
C TRP B 99 50.26 7.01 20.72
N ASN B 100 49.78 7.45 19.56
CA ASN B 100 50.62 8.04 18.53
C ASN B 100 50.58 9.55 18.63
N SER B 101 51.76 10.17 18.63
CA SER B 101 51.82 11.63 18.72
C SER B 101 51.20 12.31 17.51
N SER B 102 51.14 11.60 16.37
CA SER B 102 50.55 12.19 15.17
C SER B 102 49.09 12.54 15.38
N TRP B 103 48.35 11.69 16.10
CA TRP B 103 46.94 11.97 16.35
C TRP B 103 46.76 13.21 17.20
N SER B 104 47.57 13.38 18.24
CA SER B 104 47.47 14.54 19.12
C SER B 104 48.72 14.66 20.00
N ASN B 105 49.29 15.86 20.05
CA ASN B 105 50.47 16.14 20.86
C ASN B 105 50.14 16.82 22.19
N LYS B 106 48.87 16.92 22.55
CA LYS B 106 48.49 17.56 23.80
C LYS B 106 48.92 16.73 25.00
N SER B 107 49.13 17.41 26.12
CA SER B 107 49.55 16.74 27.34
C SER B 107 48.35 16.11 28.04
N LEU B 108 48.65 15.12 28.88
CA LEU B 108 47.61 14.41 29.63
C LEU B 108 46.99 15.29 30.70
N ASP B 109 47.74 16.23 31.26
CA ASP B 109 47.23 17.09 32.32
C ASP B 109 46.19 18.08 31.78
N GLU B 110 46.43 18.63 30.60
CA GLU B 110 45.51 19.62 30.05
C GLU B 110 44.31 18.99 29.35
N ILE B 111 44.49 17.81 28.77
CA ILE B 111 43.38 17.18 28.04
C ILE B 111 42.27 16.73 28.99
N TRP B 112 42.62 16.23 30.18
CA TRP B 112 41.62 15.75 31.13
C TRP B 112 41.10 16.81 32.10
N ASN B 113 41.51 18.07 31.96
CA ASN B 113 41.06 19.11 32.89
C ASN B 113 40.69 20.44 32.23
N ASN B 114 41.01 20.63 30.95
CA ASN B 114 40.73 21.90 30.28
C ASN B 114 39.42 21.92 29.49
N MET B 115 39.33 21.02 28.51
CA MET B 115 38.15 21.04 27.61
C MET B 115 37.26 19.80 27.79
N THR B 116 36.19 19.73 27.01
CA THR B 116 35.22 18.64 27.05
C THR B 116 35.35 17.74 25.82
N TRP B 117 34.40 16.81 25.70
CA TRP B 117 34.41 15.86 24.58
C TRP B 117 33.96 16.48 23.27
N LEU B 118 33.10 17.51 23.34
CA LEU B 118 32.57 18.13 22.12
C LEU B 118 33.68 18.60 21.19
N GLN B 119 34.71 19.26 21.71
CA GLN B 119 35.83 19.72 20.89
C GLN B 119 36.93 18.69 20.74
N TRP B 120 37.05 17.75 21.68
CA TRP B 120 38.09 16.72 21.59
C TRP B 120 37.85 15.81 20.38
N ASP B 121 36.59 15.45 20.14
CA ASP B 121 36.27 14.59 19.01
C ASP B 121 36.58 15.27 17.68
N LYS B 122 36.41 16.58 17.62
CA LYS B 122 36.67 17.32 16.38
C LYS B 122 38.14 17.30 15.97
N GLU B 123 39.05 16.98 16.89
CA GLU B 123 40.47 16.92 16.59
C GLU B 123 40.98 15.52 16.29
N ILE B 124 40.19 14.49 16.64
CA ILE B 124 40.56 13.10 16.41
C ILE B 124 39.70 12.44 15.33
N ASN B 125 38.57 13.08 15.01
CA ASN B 125 37.64 12.52 13.99
C ASN B 125 38.43 12.05 12.77
N ASN B 126 39.50 12.77 12.43
CA ASN B 126 40.29 12.41 11.23
C ASN B 126 40.94 11.04 11.39
N TYR B 127 41.34 10.69 12.61
CA TYR B 127 42.10 9.42 12.79
C TYR B 127 41.28 8.38 13.58
N THR B 128 40.01 8.67 13.85
CA THR B 128 39.20 7.75 14.69
C THR B 128 39.19 6.35 14.09
N GLN B 129 38.79 6.23 12.83
CA GLN B 129 38.65 4.87 12.23
C GLN B 129 40.00 4.15 12.26
N LEU B 130 41.07 4.82 11.82
CA LEU B 130 42.41 4.21 11.86
C LEU B 130 42.65 3.67 13.27
N ILE B 131 42.27 4.44 14.30
CA ILE B 131 42.56 4.02 15.66
C ILE B 131 41.88 2.68 15.93
N TYR B 132 40.67 2.51 15.39
CA TYR B 132 39.93 1.27 15.60
C TYR B 132 40.68 0.08 15.01
N ARG B 133 41.09 0.21 13.73
CA ARG B 133 41.80 -0.88 13.05
C ARG B 133 43.03 -1.34 13.82
N LEU B 134 43.77 -0.41 14.42
CA LEU B 134 44.94 -0.80 15.20
C LEU B 134 44.52 -1.64 16.39
N ILE B 135 43.39 -1.28 17.01
CA ILE B 135 42.89 -2.03 18.16
C ILE B 135 42.35 -3.39 17.71
N GLU B 136 41.78 -3.46 16.51
CA GLU B 136 41.22 -4.71 16.01
C GLU B 136 42.29 -5.79 15.92
N GLU B 137 43.32 -5.56 15.10
CA GLU B 137 44.39 -6.56 14.98
C GLU B 137 45.12 -6.75 16.29
N SER B 138 45.23 -5.71 17.11
CA SER B 138 45.91 -5.84 18.39
C SER B 138 45.17 -6.80 19.30
N GLN B 139 43.84 -6.69 19.36
CA GLN B 139 43.06 -7.58 20.21
C GLN B 139 43.10 -9.01 19.68
N ASN B 140 43.03 -9.17 18.36
CA ASN B 140 43.09 -10.51 17.79
C ASN B 140 44.41 -11.17 18.11
N GLN B 141 45.51 -10.40 18.07
CA GLN B 141 46.81 -10.95 18.40
C GLN B 141 46.84 -11.38 19.87
N GLN B 142 46.22 -10.59 20.75
CA GLN B 142 46.17 -10.92 22.16
C GLN B 142 45.46 -12.27 22.36
N GLU B 143 44.36 -12.46 21.64
CA GLU B 143 43.63 -13.72 21.73
C GLU B 143 44.48 -14.87 21.22
N LYS B 144 45.23 -14.64 20.14
CA LYS B 144 46.07 -15.68 19.57
C LYS B 144 47.22 -16.03 20.53
N ASN B 145 47.92 -15.00 21.02
CA ASN B 145 49.03 -15.24 21.94
C ASN B 145 48.53 -15.84 23.25
N GLU B 146 47.37 -15.38 23.72
CA GLU B 146 46.83 -15.93 24.97
C GLU B 146 46.40 -17.38 24.76
N LYS B 147 45.91 -17.70 23.56
CA LYS B 147 45.48 -19.07 23.28
C LYS B 147 46.66 -20.03 23.26
N GLU B 148 47.73 -19.70 22.51
CA GLU B 148 48.89 -20.58 22.46
C GLU B 148 49.60 -20.62 23.80
N LEU B 149 49.61 -19.51 24.53
CA LEU B 149 50.26 -19.47 25.84
C LEU B 149 49.57 -20.42 26.81
N LEU B 150 48.24 -20.48 26.76
CA LEU B 150 47.46 -21.34 27.63
C LEU B 150 47.34 -22.75 27.04
N ASN C 3 25.08 -9.35 57.28
CA ASN C 3 24.69 -8.51 56.12
C ASN C 3 24.69 -9.35 54.84
N LEU C 4 23.92 -8.91 53.85
CA LEU C 4 23.81 -9.58 52.56
C LEU C 4 23.98 -8.59 51.43
N TRP C 5 24.38 -9.11 50.28
CA TRP C 5 24.61 -8.32 49.07
C TRP C 5 23.64 -8.77 47.99
N VAL C 6 23.20 -7.81 47.18
CA VAL C 6 22.26 -8.10 46.10
C VAL C 6 23.00 -8.77 44.95
N THR C 7 22.25 -9.57 44.19
CA THR C 7 22.78 -10.29 43.04
C THR C 7 21.74 -10.25 41.93
N VAL C 8 22.21 -10.43 40.70
CA VAL C 8 21.35 -10.42 39.52
C VAL C 8 21.49 -11.73 38.77
N TYR C 9 20.37 -12.27 38.30
CA TYR C 9 20.38 -13.59 37.62
C TYR C 9 19.76 -13.42 36.25
N TYR C 10 20.41 -13.96 35.22
CA TYR C 10 19.90 -13.80 33.82
C TYR C 10 19.31 -15.11 33.35
N GLY C 11 18.07 -15.06 32.85
CA GLY C 11 17.42 -16.27 32.33
C GLY C 11 16.35 -16.76 33.28
N VAL C 12 16.11 -16.05 34.39
CA VAL C 12 15.13 -16.50 35.43
C VAL C 12 13.81 -16.96 34.79
N PRO C 13 13.21 -18.08 35.24
CA PRO C 13 11.91 -18.47 34.73
C PRO C 13 10.76 -17.67 35.32
N VAL C 14 10.61 -16.41 34.92
CA VAL C 14 9.42 -15.64 35.39
C VAL C 14 8.68 -15.01 34.20
N TRP C 15 7.49 -14.45 34.44
CA TRP C 15 6.68 -13.84 33.41
C TRP C 15 5.82 -12.74 34.01
N ARG C 16 5.33 -11.85 33.14
CA ARG C 16 4.49 -10.73 33.52
C ARG C 16 3.33 -10.65 32.53
N ASP C 17 2.16 -10.26 33.03
CA ASP C 17 0.97 -10.14 32.18
C ASP C 17 1.07 -8.89 31.33
N ALA C 18 1.13 -9.07 30.01
CA ALA C 18 1.22 -7.95 29.08
C ALA C 18 0.90 -8.44 27.69
N ASP C 19 0.01 -7.73 27.00
CA ASP C 19 -0.36 -8.10 25.64
C ASP C 19 0.77 -7.81 24.67
N THR C 20 0.78 -8.53 23.55
CA THR C 20 1.80 -8.36 22.53
C THR C 20 1.21 -8.71 21.17
N THR C 21 1.83 -8.19 20.12
CA THR C 21 1.39 -8.45 18.75
C THR C 21 1.55 -9.94 18.46
N LEU C 22 0.51 -10.56 17.91
CA LEU C 22 0.52 -11.98 17.60
C LEU C 22 0.51 -12.21 16.09
N PHE C 23 1.26 -13.22 15.65
CA PHE C 23 1.32 -13.61 14.25
C PHE C 23 0.86 -15.05 14.13
N CYS C 24 0.32 -15.39 12.97
CA CYS C 24 -0.23 -16.70 12.72
C CYS C 24 0.85 -17.77 12.52
N ALA C 25 0.36 -19.00 12.33
CA ALA C 25 1.14 -20.19 12.06
C ALA C 25 0.14 -21.25 11.61
N SER C 26 0.28 -21.70 10.37
CA SER C 26 -0.63 -22.68 9.78
C SER C 26 0.06 -24.01 9.53
N ASP C 27 -0.76 -25.00 9.19
CA ASP C 27 -0.28 -26.34 8.91
C ASP C 27 0.35 -26.38 7.52
N ALA C 28 1.43 -27.15 7.39
CA ALA C 28 2.14 -27.27 6.12
C ALA C 28 1.55 -28.42 5.31
N LYS C 35 -2.96 -18.56 -0.49
CA LYS C 35 -2.86 -18.82 -1.92
C LYS C 35 -4.24 -19.03 -2.53
N HIS C 36 -4.97 -20.04 -2.01
CA HIS C 36 -6.31 -20.36 -2.48
C HIS C 36 -7.27 -20.52 -1.30
N ASN C 37 -7.01 -19.83 -0.19
CA ASN C 37 -7.84 -19.89 1.00
C ASN C 37 -8.05 -18.46 1.51
N VAL C 38 -9.24 -18.22 2.05
CA VAL C 38 -9.57 -16.88 2.55
C VAL C 38 -8.66 -16.47 3.71
N TRP C 39 -8.23 -17.44 4.53
CA TRP C 39 -7.38 -17.15 5.67
C TRP C 39 -5.90 -17.00 5.29
N ALA C 40 -5.53 -17.25 4.03
CA ALA C 40 -4.16 -17.13 3.57
C ALA C 40 -3.21 -17.99 4.40
N THR C 41 -3.62 -19.24 4.64
CA THR C 41 -2.78 -20.15 5.42
C THR C 41 -1.46 -20.45 4.73
N HIS C 42 -1.46 -20.62 3.40
CA HIS C 42 -0.21 -20.88 2.69
C HIS C 42 0.77 -19.73 2.80
N ALA C 43 0.29 -18.48 2.70
CA ALA C 43 1.17 -17.33 2.85
C ALA C 43 1.66 -17.19 4.28
N CYS C 44 0.94 -17.75 5.24
CA CYS C 44 1.34 -17.70 6.64
C CYS C 44 2.53 -18.63 6.88
N VAL C 45 3.29 -18.34 7.93
CA VAL C 45 4.46 -19.16 8.26
C VAL C 45 3.98 -20.54 8.69
N PRO C 46 4.77 -21.60 8.47
CA PRO C 46 4.31 -22.93 8.88
C PRO C 46 4.37 -23.11 10.39
N THR C 47 3.55 -24.02 10.90
CA THR C 47 3.51 -24.29 12.32
C THR C 47 4.59 -25.30 12.70
N ASP C 48 4.86 -25.38 14.00
CA ASP C 48 5.87 -26.32 14.49
C ASP C 48 5.38 -27.75 14.26
N PRO C 49 6.16 -28.64 13.64
CA PRO C 49 5.67 -30.02 13.45
C PRO C 49 5.39 -30.75 14.75
N ASN C 50 6.00 -30.35 15.86
CA ASN C 50 5.79 -31.00 17.16
C ASN C 50 5.73 -29.93 18.24
N PRO C 51 4.53 -29.39 18.51
CA PRO C 51 4.43 -28.36 19.56
C PRO C 51 4.90 -28.90 20.91
N GLN C 52 5.58 -28.03 21.66
CA GLN C 52 6.13 -28.40 22.96
C GLN C 52 5.08 -28.22 24.05
N GLU C 53 4.51 -29.34 24.51
CA GLU C 53 3.51 -29.33 25.57
C GLU C 53 4.27 -29.55 26.88
N ILE C 54 5.04 -28.53 27.24
CA ILE C 54 5.87 -28.57 28.44
C ILE C 54 4.97 -28.61 29.67
N HIS C 55 5.28 -29.52 30.60
CA HIS C 55 4.51 -29.66 31.82
C HIS C 55 5.05 -28.76 32.91
N LEU C 56 4.14 -28.23 33.73
CA LEU C 56 4.50 -27.35 34.82
C LEU C 56 3.56 -27.60 36.00
N ASP C 57 4.10 -27.46 37.20
CA ASP C 57 3.34 -27.66 38.43
C ASP C 57 3.76 -26.60 39.43
N ASN C 58 2.91 -26.39 40.43
CA ASN C 58 3.11 -25.43 41.51
C ASN C 58 3.13 -23.99 41.00
N VAL C 59 2.49 -23.70 39.87
CA VAL C 59 2.48 -22.34 39.33
C VAL C 59 1.22 -21.60 39.73
N THR C 60 0.07 -22.30 39.74
CA THR C 60 -1.26 -21.79 40.10
C THR C 60 -1.53 -20.37 39.62
N GLU C 61 -1.35 -20.13 38.32
CA GLU C 61 -1.59 -18.82 37.74
C GLU C 61 -3.07 -18.63 37.43
N LYS C 62 -3.53 -17.38 37.54
CA LYS C 62 -4.92 -17.04 37.29
C LYS C 62 -5.13 -16.67 35.82
N PHE C 63 -6.33 -16.94 35.32
CA PHE C 63 -6.70 -16.67 33.94
C PHE C 63 -8.01 -15.87 33.90
N ASN C 64 -8.22 -15.17 32.77
CA ASN C 64 -9.43 -14.36 32.60
C ASN C 64 -9.63 -14.17 31.09
N MET C 65 -10.56 -14.93 30.51
CA MET C 65 -10.79 -14.77 29.07
C MET C 65 -11.48 -13.46 28.73
N TRP C 66 -12.26 -12.90 29.65
CA TRP C 66 -12.97 -11.66 29.37
C TRP C 66 -12.10 -10.42 29.50
N LYS C 67 -10.80 -10.58 29.78
CA LYS C 67 -9.88 -9.46 29.91
C LYS C 67 -8.64 -9.56 29.05
N ASN C 68 -8.30 -10.75 28.55
CA ASN C 68 -7.12 -10.88 27.70
C ASN C 68 -7.34 -10.15 26.38
N ASN C 69 -6.24 -9.67 25.80
CA ASN C 69 -6.30 -8.94 24.54
C ASN C 69 -6.08 -9.82 23.32
N MET C 70 -5.67 -11.07 23.49
CA MET C 70 -5.46 -11.93 22.32
C MET C 70 -6.75 -12.20 21.56
N VAL C 71 -7.87 -12.35 22.26
CA VAL C 71 -9.14 -12.58 21.56
C VAL C 71 -9.50 -11.37 20.71
N GLU C 72 -9.25 -10.16 21.23
CA GLU C 72 -9.55 -8.96 20.45
C GLU C 72 -8.62 -8.85 19.25
N GLN C 73 -7.36 -9.25 19.41
CA GLN C 73 -6.41 -9.19 18.30
C GLN C 73 -6.86 -10.11 17.18
N MET C 74 -7.37 -11.29 17.53
CA MET C 74 -7.85 -12.23 16.53
C MET C 74 -9.02 -11.64 15.76
N HIS C 75 -9.92 -10.95 16.45
CA HIS C 75 -11.08 -10.35 15.80
C HIS C 75 -10.65 -9.35 14.73
N GLU C 76 -9.71 -8.47 15.08
CA GLU C 76 -9.22 -7.50 14.11
C GLU C 76 -8.40 -8.17 13.03
N ASP C 77 -7.65 -9.22 13.39
CA ASP C 77 -6.83 -9.93 12.41
C ASP C 77 -7.69 -10.67 11.40
N ILE C 78 -8.71 -11.39 11.86
CA ILE C 78 -9.57 -12.15 10.96
C ILE C 78 -10.25 -11.20 9.97
N ILE C 79 -10.68 -10.03 10.46
CA ILE C 79 -11.30 -9.06 9.57
C ILE C 79 -10.31 -8.60 8.52
N SER C 80 -9.05 -8.42 8.90
CA SER C 80 -8.03 -7.99 7.95
C SER C 80 -7.83 -9.04 6.86
N LEU C 81 -7.80 -10.32 7.24
CA LEU C 81 -7.62 -11.38 6.24
C LEU C 81 -8.81 -11.42 5.29
N TRP C 82 -10.01 -11.20 5.80
CA TRP C 82 -11.19 -11.20 4.94
C TRP C 82 -11.07 -10.13 3.88
N ASP C 83 -10.65 -8.92 4.28
CA ASP C 83 -10.49 -7.84 3.33
C ASP C 83 -9.29 -8.10 2.42
N GLN C 84 -8.22 -8.69 2.97
CA GLN C 84 -7.04 -8.99 2.18
C GLN C 84 -7.36 -9.99 1.09
N SER C 85 -8.18 -11.00 1.40
CA SER C 85 -8.54 -12.01 0.42
C SER C 85 -9.76 -11.63 -0.42
N LEU C 86 -10.45 -10.54 -0.08
CA LEU C 86 -11.63 -10.09 -0.80
C LEU C 86 -11.34 -8.95 -1.78
N LYS C 87 -10.42 -8.04 -1.43
CA LYS C 87 -10.11 -6.94 -2.32
C LYS C 87 -9.58 -7.37 -3.69
N PRO C 88 -8.77 -8.43 -3.85
CA PRO C 88 -8.31 -8.77 -5.21
C PRO C 88 -9.41 -9.28 -6.12
N CYS C 89 -10.57 -9.63 -5.58
CA CYS C 89 -11.66 -10.15 -6.38
C CYS C 89 -12.31 -9.03 -7.20
N VAL C 90 -13.22 -9.42 -8.08
CA VAL C 90 -13.89 -8.46 -8.94
C VAL C 90 -14.90 -7.66 -8.11
N LYS C 91 -14.91 -6.34 -8.33
CA LYS C 91 -15.81 -5.44 -7.63
C LYS C 91 -17.11 -5.36 -8.43
N LEU C 92 -18.21 -5.85 -7.83
CA LEU C 92 -19.50 -5.86 -8.52
C LEU C 92 -20.25 -4.52 -8.45
N THR C 93 -19.58 -3.43 -8.81
CA THR C 93 -20.23 -2.13 -8.82
C THR C 93 -21.37 -2.06 -9.84
N PRO C 94 -21.24 -2.52 -11.10
CA PRO C 94 -22.37 -2.43 -12.03
C PRO C 94 -23.61 -3.18 -11.61
N LEU C 95 -23.54 -4.09 -10.63
CA LEU C 95 -24.74 -4.82 -10.23
C LEU C 95 -25.79 -3.90 -9.60
N CYS C 96 -25.39 -2.73 -9.10
CA CYS C 96 -26.35 -1.81 -8.48
C CYS C 96 -27.15 -1.13 -9.57
N VAL C 97 -28.12 -1.85 -10.14
CA VAL C 97 -29.00 -1.37 -11.19
C VAL C 97 -30.42 -1.77 -10.82
N THR C 98 -31.40 -1.02 -11.34
CA THR C 98 -32.79 -1.33 -11.04
C THR C 98 -33.12 -2.75 -11.50
N LEU C 99 -33.78 -3.50 -10.62
CA LEU C 99 -34.14 -4.89 -10.88
C LEU C 99 -35.64 -5.04 -11.08
N HIS C 100 -36.02 -5.73 -12.14
CA HIS C 100 -37.39 -6.05 -12.47
C HIS C 100 -37.58 -7.52 -12.12
N CYS C 101 -38.43 -7.79 -11.12
CA CYS C 101 -38.63 -9.15 -10.66
C CYS C 101 -40.09 -9.55 -10.63
N THR C 102 -40.30 -10.87 -10.67
CA THR C 102 -41.59 -11.52 -10.63
C THR C 102 -41.41 -12.81 -9.83
N ASN C 103 -42.51 -13.38 -9.37
CA ASN C 103 -42.42 -14.60 -8.59
C ASN C 103 -41.86 -15.74 -9.44
N VAL C 104 -41.00 -16.55 -8.84
CA VAL C 104 -40.37 -17.67 -9.54
C VAL C 104 -41.44 -18.66 -9.97
N THR C 105 -41.21 -19.32 -11.09
CA THR C 105 -42.13 -20.31 -11.63
C THR C 105 -41.84 -21.68 -11.03
N ARG C 113 -42.03 -21.10 -2.47
CA ARG C 113 -41.50 -20.36 -3.61
C ARG C 113 -41.55 -18.85 -3.41
N GLU C 114 -42.05 -18.40 -2.25
CA GLU C 114 -42.15 -16.98 -1.97
C GLU C 114 -40.80 -16.34 -1.67
N GLY C 115 -39.78 -17.13 -1.29
CA GLY C 115 -38.47 -16.60 -0.97
C GLY C 115 -37.55 -16.38 -2.15
N LEU C 116 -37.94 -16.82 -3.35
CA LEU C 116 -37.14 -16.67 -4.56
C LEU C 116 -37.86 -15.71 -5.50
N LYS C 117 -37.11 -14.77 -6.07
CA LYS C 117 -37.65 -13.78 -7.00
C LYS C 117 -36.89 -13.83 -8.32
N ASN C 118 -37.61 -14.13 -9.41
CA ASN C 118 -37.00 -14.19 -10.72
C ASN C 118 -36.77 -12.76 -11.21
N CYS C 119 -35.57 -12.24 -10.96
CA CYS C 119 -35.21 -10.87 -11.33
C CYS C 119 -34.47 -10.82 -12.66
N SER C 120 -34.65 -9.69 -13.35
CA SER C 120 -34.03 -9.41 -14.63
C SER C 120 -33.51 -7.98 -14.58
N PHE C 121 -32.38 -7.73 -15.26
CA PHE C 121 -31.80 -6.40 -15.24
C PHE C 121 -30.74 -6.30 -16.34
N ASN C 122 -30.24 -5.09 -16.52
CA ASN C 122 -29.20 -4.79 -17.50
C ASN C 122 -27.86 -4.89 -16.80
N MET C 123 -26.89 -5.53 -17.43
CA MET C 123 -25.56 -5.70 -16.86
C MET C 123 -24.54 -5.46 -17.96
N THR C 124 -23.50 -4.69 -17.64
CA THR C 124 -22.47 -4.39 -18.63
C THR C 124 -21.68 -5.64 -19.01
N THR C 125 -21.49 -5.83 -20.31
CA THR C 125 -20.75 -6.95 -20.85
C THR C 125 -19.28 -6.57 -20.94
N GLU C 126 -18.47 -7.34 -21.68
CA GLU C 126 -17.05 -7.04 -21.81
C GLU C 126 -16.79 -5.64 -22.34
N LEU C 127 -17.69 -5.07 -23.12
CA LEU C 127 -17.55 -3.71 -23.64
C LEU C 127 -18.21 -2.75 -22.65
N ARG C 128 -17.67 -1.52 -22.59
CA ARG C 128 -18.21 -0.54 -21.67
C ARG C 128 -19.50 0.08 -22.18
N ASP C 129 -19.76 0.00 -23.50
CA ASP C 129 -20.96 0.57 -24.10
C ASP C 129 -22.02 -0.47 -24.48
N LYS C 130 -21.93 -1.69 -23.98
CA LYS C 130 -22.89 -2.74 -24.28
C LYS C 130 -23.39 -3.38 -23.00
N ARG C 131 -24.71 -3.54 -22.92
CA ARG C 131 -25.38 -4.13 -21.77
C ARG C 131 -26.16 -5.36 -22.23
N GLN C 132 -26.11 -6.41 -21.43
CA GLN C 132 -26.80 -7.66 -21.73
C GLN C 132 -27.91 -7.90 -20.72
N LYS C 133 -29.09 -8.22 -21.21
CA LYS C 133 -30.25 -8.49 -20.36
C LYS C 133 -30.12 -9.91 -19.83
N VAL C 134 -29.94 -10.04 -18.52
CA VAL C 134 -29.78 -11.33 -17.87
C VAL C 134 -31.00 -11.64 -17.01
N TYR C 135 -31.15 -12.92 -16.69
CA TYR C 135 -32.24 -13.43 -15.85
C TYR C 135 -31.61 -14.25 -14.75
N SER C 136 -31.76 -13.80 -13.51
CA SER C 136 -31.21 -14.50 -12.35
C SER C 136 -32.21 -14.48 -11.22
N LEU C 137 -32.05 -15.45 -10.31
CA LEU C 137 -32.92 -15.60 -9.15
C LEU C 137 -32.20 -15.06 -7.92
N PHE C 138 -32.80 -14.07 -7.26
CA PHE C 138 -32.26 -13.47 -6.05
C PHE C 138 -33.23 -13.73 -4.91
N TYR C 139 -32.67 -14.15 -3.77
CA TYR C 139 -33.50 -14.42 -2.60
C TYR C 139 -34.14 -13.13 -2.13
N ARG C 140 -35.36 -13.23 -1.61
CA ARG C 140 -36.09 -12.04 -1.16
C ARG C 140 -35.34 -11.28 -0.07
N LEU C 141 -34.50 -11.95 0.72
CA LEU C 141 -33.77 -11.24 1.77
C LEU C 141 -32.79 -10.22 1.20
N ASP C 142 -32.32 -10.41 -0.03
CA ASP C 142 -31.39 -9.50 -0.67
C ASP C 142 -32.06 -8.58 -1.69
N ILE C 143 -33.36 -8.38 -1.57
CA ILE C 143 -34.12 -7.54 -2.49
C ILE C 143 -35.08 -6.67 -1.68
N VAL C 144 -35.23 -5.42 -2.09
CA VAL C 144 -36.12 -4.46 -1.43
C VAL C 144 -36.82 -3.63 -2.49
N PRO C 145 -38.08 -3.23 -2.31
CA PRO C 145 -38.72 -2.40 -3.35
C PRO C 145 -38.07 -1.03 -3.42
N ILE C 146 -37.98 -0.51 -4.66
CA ILE C 146 -37.44 0.85 -4.84
C ILE C 146 -38.67 1.75 -4.76
N ASN C 147 -39.84 1.18 -5.01
CA ASN C 147 -41.12 1.93 -4.89
C ASN C 147 -42.26 0.92 -4.88
N GLU C 148 -43.42 1.31 -4.37
CA GLU C 148 -44.57 0.37 -4.29
C GLU C 148 -45.58 0.71 -5.39
N SER C 152 -43.13 -2.79 -9.11
CA SER C 152 -42.39 -4.06 -9.31
C SER C 152 -40.88 -3.80 -9.24
N GLU C 153 -40.45 -2.65 -9.77
CA GLU C 153 -39.00 -2.39 -9.80
C GLU C 153 -38.44 -2.72 -8.42
N TYR C 154 -37.39 -3.52 -8.37
CA TYR C 154 -36.75 -3.88 -7.07
C TYR C 154 -35.31 -3.48 -7.11
N ARG C 155 -34.72 -3.24 -5.96
CA ARG C 155 -33.32 -2.82 -5.81
C ARG C 155 -32.58 -3.83 -4.94
N LEU C 156 -31.31 -4.04 -5.26
CA LEU C 156 -30.49 -4.96 -4.48
C LEU C 156 -30.25 -4.37 -3.10
N ILE C 157 -30.35 -5.20 -2.06
CA ILE C 157 -30.15 -4.70 -0.72
C ILE C 157 -28.69 -4.29 -0.54
N ASN C 158 -28.46 -3.43 0.45
CA ASN C 158 -27.13 -2.91 0.79
C ASN C 158 -26.54 -2.04 -0.31
N CYS C 159 -27.32 -1.70 -1.33
CA CYS C 159 -26.79 -0.84 -2.38
C CYS C 159 -26.68 0.60 -1.90
N ASN C 160 -27.42 0.97 -0.85
CA ASN C 160 -27.39 2.30 -0.26
C ASN C 160 -26.48 2.40 0.95
N THR C 161 -25.72 1.34 1.25
CA THR C 161 -24.80 1.30 2.40
C THR C 161 -23.35 1.15 2.00
N SER C 162 -23.05 0.20 1.11
CA SER C 162 -21.66 0.00 0.69
C SER C 162 -21.64 -0.73 -0.64
N ALA C 163 -20.48 -0.69 -1.30
CA ALA C 163 -20.30 -1.34 -2.58
C ALA C 163 -20.26 -2.85 -2.39
N ILE C 164 -20.80 -3.58 -3.37
CA ILE C 164 -20.83 -5.03 -3.30
C ILE C 164 -19.57 -5.61 -3.93
N THR C 165 -19.05 -6.68 -3.32
CA THR C 165 -17.86 -7.36 -3.79
C THR C 165 -18.15 -8.86 -3.87
N GLN C 166 -17.67 -9.49 -4.94
CA GLN C 166 -17.90 -10.91 -5.15
C GLN C 166 -16.79 -11.75 -4.54
N ALA C 167 -17.18 -12.85 -3.89
CA ALA C 167 -16.20 -13.76 -3.30
C ALA C 167 -15.73 -14.70 -4.40
N CYS C 168 -14.44 -14.65 -4.70
CA CYS C 168 -13.89 -15.48 -5.76
C CYS C 168 -14.12 -16.97 -5.46
N PRO C 169 -14.68 -17.75 -6.39
CA PRO C 169 -14.87 -19.19 -6.10
C PRO C 169 -13.56 -19.93 -5.89
N LYS C 170 -12.44 -19.36 -6.35
CA LYS C 170 -11.14 -19.99 -6.18
C LYS C 170 -10.76 -20.18 -4.71
N VAL C 171 -11.33 -19.38 -3.80
CA VAL C 171 -11.06 -19.47 -2.37
C VAL C 171 -12.32 -19.94 -1.67
N SER C 172 -12.18 -20.90 -0.76
CA SER C 172 -13.29 -21.47 -0.02
C SER C 172 -13.33 -20.89 1.40
N PHE C 173 -14.53 -20.86 1.97
CA PHE C 173 -14.75 -20.35 3.31
C PHE C 173 -14.67 -21.42 4.39
N GLU C 174 -14.26 -22.64 4.06
CA GLU C 174 -14.17 -23.70 5.04
C GLU C 174 -13.15 -23.33 6.11
N PRO C 175 -13.54 -23.29 7.40
CA PRO C 175 -12.54 -22.94 8.43
C PRO C 175 -11.53 -24.06 8.63
N ILE C 176 -10.26 -23.69 8.56
CA ILE C 176 -9.14 -24.61 8.75
C ILE C 176 -8.39 -24.13 9.98
N PRO C 177 -7.77 -25.02 10.78
CA PRO C 177 -7.08 -24.55 11.98
C PRO C 177 -5.90 -23.65 11.66
N ILE C 178 -5.70 -22.63 12.50
CA ILE C 178 -4.61 -21.68 12.37
C ILE C 178 -4.05 -21.42 13.77
N HIS C 179 -2.73 -21.53 13.91
CA HIS C 179 -2.07 -21.31 15.19
C HIS C 179 -1.62 -19.86 15.31
N TYR C 180 -1.82 -19.29 16.49
CA TYR C 180 -1.45 -17.92 16.81
C TYR C 180 -0.23 -17.95 17.70
N CYS C 181 0.92 -17.58 17.16
CA CYS C 181 2.17 -17.59 17.90
C CYS C 181 2.71 -16.19 18.14
N THR C 182 3.33 -16.03 19.31
CA THR C 182 3.93 -14.82 19.84
C THR C 182 5.38 -14.70 19.37
N PRO C 183 5.95 -13.50 19.39
CA PRO C 183 7.35 -13.37 18.99
C PRO C 183 8.25 -13.97 20.06
N ALA C 184 9.53 -14.13 19.73
CA ALA C 184 10.46 -14.68 20.69
C ALA C 184 10.54 -13.77 21.92
N GLY C 185 10.47 -14.37 23.09
CA GLY C 185 10.48 -13.66 24.35
C GLY C 185 9.13 -13.60 25.04
N PHE C 186 8.06 -13.97 24.33
CA PHE C 186 6.70 -13.99 24.86
C PHE C 186 6.16 -15.40 24.71
N ALA C 187 5.55 -15.90 25.78
CA ALA C 187 4.99 -17.25 25.80
C ALA C 187 3.50 -17.18 26.13
N ILE C 188 2.77 -18.18 25.64
CA ILE C 188 1.33 -18.31 25.84
C ILE C 188 1.10 -19.44 26.83
N LEU C 189 0.57 -19.12 28.00
CA LEU C 189 0.28 -20.13 28.99
C LEU C 189 -0.94 -20.92 28.56
N LYS C 190 -1.03 -22.18 29.01
CA LYS C 190 -2.13 -23.06 28.65
C LYS C 190 -2.74 -23.66 29.92
N CYS C 191 -3.93 -23.20 30.28
CA CYS C 191 -4.61 -23.71 31.45
C CYS C 191 -5.22 -25.07 31.12
N LYS C 192 -5.13 -26.01 32.07
CA LYS C 192 -5.66 -27.35 31.86
C LYS C 192 -6.42 -27.89 33.08
N ASP C 193 -6.92 -27.01 33.95
CA ASP C 193 -7.65 -27.47 35.12
C ASP C 193 -8.98 -28.08 34.71
N GLU C 194 -9.37 -29.15 35.41
CA GLU C 194 -10.63 -29.82 35.12
C GLU C 194 -11.79 -28.90 35.50
N GLY C 195 -12.76 -28.78 34.59
CA GLY C 195 -13.90 -27.92 34.84
C GLY C 195 -13.53 -26.46 35.02
N PHE C 196 -12.57 -25.96 34.24
CA PHE C 196 -12.15 -24.58 34.32
C PHE C 196 -13.28 -23.65 33.88
N ASN C 197 -13.91 -22.98 34.85
CA ASN C 197 -15.03 -22.11 34.54
C ASN C 197 -14.58 -20.80 33.91
N GLY C 198 -13.39 -20.31 34.27
CA GLY C 198 -12.88 -19.07 33.74
C GLY C 198 -12.14 -18.26 34.77
N THR C 199 -12.62 -17.06 35.06
CA THR C 199 -12.01 -16.14 36.02
C THR C 199 -11.76 -16.83 37.36
N GLY C 200 -10.48 -17.04 37.67
CA GLY C 200 -10.09 -17.69 38.91
C GLY C 200 -8.67 -18.18 38.81
N LEU C 201 -8.32 -19.12 39.69
CA LEU C 201 -6.98 -19.70 39.74
C LEU C 201 -6.98 -21.05 39.03
N CYS C 202 -6.03 -21.24 38.11
CA CYS C 202 -5.92 -22.47 37.34
C CYS C 202 -4.61 -23.18 37.64
N LYS C 203 -4.71 -24.50 37.86
CA LYS C 203 -3.56 -25.35 38.13
C LYS C 203 -3.26 -26.18 36.89
N ASN C 204 -2.11 -26.86 36.91
CA ASN C 204 -1.68 -27.68 35.78
C ASN C 204 -1.57 -26.82 34.51
N VAL C 205 -1.10 -25.57 34.68
CA VAL C 205 -0.96 -24.62 33.59
C VAL C 205 0.29 -24.97 32.80
N SER C 206 0.11 -25.55 31.61
CA SER C 206 1.23 -25.91 30.76
C SER C 206 1.62 -24.71 29.90
N THR C 207 2.84 -24.75 29.38
CA THR C 207 3.38 -23.69 28.54
C THR C 207 3.87 -24.28 27.23
N VAL C 208 3.54 -23.60 26.14
CA VAL C 208 3.93 -23.99 24.79
C VAL C 208 4.31 -22.71 24.07
N GLN C 209 5.09 -22.85 22.98
CA GLN C 209 5.47 -21.66 22.23
C GLN C 209 4.25 -20.93 21.72
N CYS C 210 3.18 -21.66 21.39
CA CYS C 210 1.97 -21.03 20.92
C CYS C 210 0.80 -22.00 20.95
N THR C 211 -0.41 -21.44 20.97
CA THR C 211 -1.65 -22.21 21.02
C THR C 211 -1.75 -23.20 19.87
N HIS C 212 -2.66 -24.16 20.06
CA HIS C 212 -2.90 -25.21 19.08
C HIS C 212 -3.71 -24.64 17.90
N GLY C 213 -3.97 -25.51 16.92
CA GLY C 213 -4.71 -25.12 15.75
C GLY C 213 -6.16 -24.80 16.08
N ILE C 214 -6.55 -23.54 15.91
CA ILE C 214 -7.89 -23.07 16.19
C ILE C 214 -8.57 -22.75 14.87
N LYS C 215 -9.78 -23.28 14.69
CA LYS C 215 -10.53 -23.07 13.46
C LYS C 215 -11.30 -21.76 13.54
N PRO C 216 -11.08 -20.79 12.62
CA PRO C 216 -11.84 -19.53 12.70
C PRO C 216 -13.24 -19.69 12.12
N VAL C 217 -14.07 -20.48 12.81
CA VAL C 217 -15.43 -20.75 12.35
C VAL C 217 -16.29 -19.53 12.59
N VAL C 218 -17.15 -19.22 11.62
CA VAL C 218 -18.07 -18.09 11.72
C VAL C 218 -19.45 -18.65 12.06
N SER C 219 -19.95 -18.30 13.24
CA SER C 219 -21.25 -18.77 13.68
C SER C 219 -21.86 -17.74 14.61
N THR C 220 -23.17 -17.88 14.85
CA THR C 220 -23.91 -16.97 15.70
C THR C 220 -24.90 -17.76 16.55
N GLN C 221 -24.92 -17.45 17.85
CA GLN C 221 -25.80 -18.05 18.85
C GLN C 221 -25.67 -19.57 18.99
N LEU C 222 -24.64 -20.16 18.39
CA LEU C 222 -24.38 -21.59 18.47
C LEU C 222 -22.98 -21.86 17.91
N LEU C 223 -22.13 -22.47 18.73
CA LEU C 223 -20.76 -22.77 18.34
C LEU C 223 -20.70 -24.10 17.62
N LEU C 224 -20.06 -24.12 16.46
CA LEU C 224 -19.93 -25.31 15.62
C LEU C 224 -18.46 -25.68 15.45
N ASN C 225 -18.19 -26.99 15.47
CA ASN C 225 -16.83 -27.53 15.30
C ASN C 225 -15.84 -26.97 16.30
N GLY C 226 -16.30 -26.55 17.48
CA GLY C 226 -15.44 -26.01 18.50
C GLY C 226 -14.85 -27.10 19.38
N SER C 227 -14.17 -26.67 20.44
CA SER C 227 -13.57 -27.61 21.37
C SER C 227 -14.58 -28.01 22.44
N LEU C 228 -14.75 -29.32 22.61
CA LEU C 228 -15.69 -29.86 23.58
C LEU C 228 -15.05 -29.94 24.96
N ALA C 229 -15.89 -30.03 25.98
CA ALA C 229 -15.41 -30.16 27.35
C ALA C 229 -14.83 -31.55 27.56
N GLU C 230 -14.04 -31.69 28.61
CA GLU C 230 -13.42 -32.99 28.89
C GLU C 230 -14.46 -34.03 29.32
N LYS C 231 -15.10 -33.80 30.48
CA LYS C 231 -16.10 -34.75 30.97
C LYS C 231 -17.34 -34.13 31.58
N ASN C 232 -17.58 -32.83 31.44
CA ASN C 232 -18.77 -32.23 32.03
C ASN C 232 -19.06 -30.90 31.37
N ILE C 233 -20.34 -30.52 31.38
CA ILE C 233 -20.76 -29.25 30.80
C ILE C 233 -20.17 -28.12 31.62
N ILE C 234 -19.75 -27.05 30.93
CA ILE C 234 -19.14 -25.89 31.57
C ILE C 234 -19.91 -24.64 31.17
N ILE C 235 -20.18 -23.79 32.16
CA ILE C 235 -20.87 -22.51 31.98
C ILE C 235 -19.90 -21.42 32.41
N ARG C 236 -19.77 -20.39 31.57
CA ARG C 236 -18.84 -19.31 31.86
C ARG C 236 -19.44 -17.98 31.44
N SER C 237 -18.97 -16.92 32.10
CA SER C 237 -19.41 -15.56 31.83
C SER C 237 -18.58 -14.62 32.69
N GLU C 238 -18.40 -13.39 32.20
CA GLU C 238 -17.63 -12.42 32.97
C GLU C 238 -18.33 -12.13 34.29
N ASN C 239 -19.66 -12.12 34.27
CA ASN C 239 -20.46 -11.89 35.47
C ASN C 239 -21.73 -12.73 35.25
N ILE C 240 -21.71 -13.96 35.78
CA ILE C 240 -22.84 -14.87 35.63
C ILE C 240 -24.10 -14.30 36.26
N THR C 241 -23.96 -13.43 37.28
CA THR C 241 -25.12 -12.85 37.93
C THR C 241 -25.67 -11.62 37.19
N ASN C 242 -24.95 -11.11 36.20
CA ASN C 242 -25.42 -9.94 35.46
C ASN C 242 -26.54 -10.34 34.51
N ASN C 243 -27.40 -9.36 34.21
CA ASN C 243 -28.54 -9.60 33.32
C ASN C 243 -28.26 -9.24 31.86
N ALA C 244 -27.10 -8.63 31.57
CA ALA C 244 -26.77 -8.23 30.20
C ALA C 244 -25.42 -8.74 29.72
N LYS C 245 -24.90 -9.82 30.29
CA LYS C 245 -23.62 -10.40 29.90
C LYS C 245 -23.83 -11.78 29.29
N ILE C 246 -23.12 -12.05 28.20
CA ILE C 246 -23.26 -13.32 27.51
C ILE C 246 -22.84 -14.46 28.43
N ILE C 247 -23.55 -15.58 28.31
CA ILE C 247 -23.30 -16.78 29.10
C ILE C 247 -22.96 -17.89 28.11
N ILE C 248 -21.67 -18.17 27.96
CA ILE C 248 -21.21 -19.21 27.03
C ILE C 248 -21.35 -20.56 27.73
N VAL C 249 -21.72 -21.58 26.95
CA VAL C 249 -21.89 -22.93 27.46
C VAL C 249 -21.09 -23.88 26.57
N GLN C 250 -20.34 -24.78 27.21
CA GLN C 250 -19.51 -25.77 26.52
C GLN C 250 -20.12 -27.14 26.79
N LEU C 251 -20.43 -27.87 25.72
CA LEU C 251 -21.04 -29.18 25.85
C LEU C 251 -20.01 -30.26 26.15
N VAL C 252 -20.47 -31.32 26.81
CA VAL C 252 -19.59 -32.44 27.15
C VAL C 252 -19.40 -33.35 25.95
N GLN C 253 -20.46 -33.59 25.17
CA GLN C 253 -20.41 -34.43 23.98
C GLN C 253 -20.98 -33.58 22.85
N PRO C 254 -20.62 -33.85 21.60
CA PRO C 254 -21.13 -33.03 20.49
C PRO C 254 -22.49 -33.51 20.01
N VAL C 255 -23.33 -32.54 19.64
CA VAL C 255 -24.67 -32.82 19.12
C VAL C 255 -24.61 -32.55 17.62
N THR C 256 -24.42 -33.60 16.83
CA THR C 256 -24.31 -33.45 15.38
C THR C 256 -25.57 -32.82 14.80
N ILE C 257 -25.38 -31.90 13.87
CA ILE C 257 -26.46 -31.19 13.19
C ILE C 257 -26.24 -31.32 11.70
N LYS C 258 -27.29 -31.68 10.98
CA LYS C 258 -27.26 -31.84 9.53
C LYS C 258 -27.97 -30.67 8.88
N CYS C 259 -27.56 -30.33 7.65
CA CYS C 259 -28.15 -29.24 6.90
C CYS C 259 -28.14 -29.61 5.43
N ILE C 260 -29.02 -28.97 4.65
CA ILE C 260 -29.13 -29.27 3.23
C ILE C 260 -29.91 -28.18 2.52
N ARG C 261 -29.61 -27.99 1.24
CA ARG C 261 -30.29 -27.04 0.37
C ARG C 261 -30.96 -27.88 -0.71
N PRO C 262 -32.25 -28.22 -0.60
CA PRO C 262 -32.87 -29.06 -1.64
C PRO C 262 -32.87 -28.46 -3.03
N ASN C 263 -32.73 -27.14 -3.17
CA ASN C 263 -32.74 -26.52 -4.49
C ASN C 263 -31.52 -26.96 -5.30
N ASN C 264 -31.77 -27.47 -6.51
CA ASN C 264 -30.71 -27.91 -7.41
C ASN C 264 -30.39 -26.73 -8.32
N ASN C 265 -29.55 -25.84 -7.81
CA ASN C 265 -29.18 -24.63 -8.52
C ASN C 265 -28.21 -24.88 -9.66
N THR C 266 -28.44 -24.20 -10.79
CA THR C 266 -27.57 -24.28 -11.95
C THR C 266 -26.92 -22.91 -12.12
N VAL C 267 -25.59 -22.88 -12.00
CA VAL C 267 -24.82 -21.65 -12.06
C VAL C 267 -24.52 -21.29 -13.51
N LYS C 268 -24.65 -20.00 -13.83
CA LYS C 268 -24.36 -19.44 -15.14
C LYS C 268 -23.37 -18.30 -14.96
N SER C 269 -22.43 -18.19 -15.91
CA SER C 269 -21.40 -17.16 -15.86
C SER C 269 -21.52 -16.21 -17.04
N ILE C 270 -21.10 -14.97 -16.83
CA ILE C 270 -21.13 -13.92 -17.85
C ILE C 270 -19.94 -13.01 -17.64
N ARG C 271 -19.32 -12.61 -18.75
CA ARG C 271 -18.18 -11.71 -18.70
C ARG C 271 -18.66 -10.27 -18.57
N ILE C 272 -18.05 -9.53 -17.63
CA ILE C 272 -18.40 -8.15 -17.38
C ILE C 272 -17.13 -7.32 -17.27
N GLY C 273 -17.25 -6.04 -17.65
CA GLY C 273 -16.16 -5.11 -17.58
C GLY C 273 -14.87 -5.59 -18.24
N PRO C 274 -13.73 -5.04 -17.81
CA PRO C 274 -12.46 -5.46 -18.40
C PRO C 274 -12.06 -6.89 -18.05
N GLY C 275 -12.80 -7.87 -18.56
CA GLY C 275 -12.50 -9.26 -18.30
C GLY C 275 -12.98 -9.83 -16.98
N GLN C 276 -13.70 -9.05 -16.18
CA GLN C 276 -14.18 -9.56 -14.91
C GLN C 276 -15.31 -10.55 -15.12
N ALA C 277 -15.34 -11.60 -14.28
CA ALA C 277 -16.34 -12.65 -14.36
C ALA C 277 -17.36 -12.46 -13.25
N PHE C 278 -18.58 -13.00 -13.47
CA PHE C 278 -19.67 -12.91 -12.51
C PHE C 278 -20.47 -14.20 -12.57
N TYR C 279 -21.00 -14.61 -11.42
CA TYR C 279 -21.79 -15.83 -11.29
C TYR C 279 -23.15 -15.50 -10.70
N TYR C 280 -24.16 -16.28 -11.10
CA TYR C 280 -25.52 -16.08 -10.62
C TYR C 280 -26.31 -17.37 -10.81
N THR C 281 -27.49 -17.41 -10.19
CA THR C 281 -28.37 -18.58 -10.29
C THR C 281 -29.16 -18.50 -11.58
N GLY C 282 -28.98 -19.50 -12.45
CA GLY C 282 -29.66 -19.52 -13.73
C GLY C 282 -31.05 -20.14 -13.70
N ASP C 283 -31.14 -21.40 -13.24
CA ASP C 283 -32.42 -22.09 -13.19
C ASP C 283 -32.36 -23.11 -12.07
N ILE C 284 -33.53 -23.70 -11.76
CA ILE C 284 -33.67 -24.69 -10.71
C ILE C 284 -34.15 -25.98 -11.34
N ILE C 285 -33.46 -27.08 -11.06
CA ILE C 285 -33.84 -28.39 -11.58
C ILE C 285 -34.77 -29.04 -10.56
N GLY C 286 -36.04 -29.14 -10.93
CA GLY C 286 -37.04 -29.72 -10.04
C GLY C 286 -37.75 -28.68 -9.22
N ASP C 287 -38.54 -29.17 -8.26
CA ASP C 287 -39.30 -28.29 -7.40
C ASP C 287 -38.37 -27.55 -6.43
N ILE C 288 -38.90 -26.46 -5.87
CA ILE C 288 -38.17 -25.61 -4.92
C ILE C 288 -38.70 -25.90 -3.53
N ARG C 289 -37.79 -26.17 -2.59
CA ARG C 289 -38.14 -26.44 -1.20
C ARG C 289 -37.21 -25.65 -0.29
N GLN C 290 -37.79 -25.17 0.80
CA GLN C 290 -37.03 -24.37 1.77
C GLN C 290 -35.91 -25.17 2.40
N ALA C 291 -34.76 -24.53 2.56
CA ALA C 291 -33.61 -25.18 3.18
C ALA C 291 -33.89 -25.36 4.66
N HIS C 292 -33.27 -26.37 5.27
CA HIS C 292 -33.50 -26.63 6.68
C HIS C 292 -32.33 -27.43 7.24
N CYS C 293 -32.31 -27.53 8.57
CA CYS C 293 -31.28 -28.27 9.29
C CYS C 293 -31.97 -29.18 10.31
N ASN C 294 -31.43 -30.38 10.46
CA ASN C 294 -31.97 -31.39 11.36
C ASN C 294 -31.01 -31.68 12.51
N VAL C 295 -31.60 -32.13 13.61
CA VAL C 295 -30.86 -32.49 14.82
C VAL C 295 -31.68 -33.53 15.55
N THR C 296 -31.01 -34.54 16.11
CA THR C 296 -31.72 -35.59 16.83
C THR C 296 -32.37 -35.03 18.08
N ARG C 297 -33.68 -35.24 18.21
CA ARG C 297 -34.40 -34.75 19.37
C ARG C 297 -33.90 -35.40 20.65
N SER C 298 -33.54 -36.68 20.57
CA SER C 298 -33.06 -37.40 21.75
C SER C 298 -31.77 -36.76 22.28
N ARG C 299 -30.84 -36.44 21.38
CA ARG C 299 -29.58 -35.84 21.80
C ARG C 299 -29.78 -34.38 22.22
N TRP C 300 -30.55 -33.62 21.44
CA TRP C 300 -30.76 -32.21 21.79
C TRP C 300 -31.52 -32.08 23.10
N ASN C 301 -32.57 -32.88 23.29
CA ASN C 301 -33.32 -32.81 24.53
C ASN C 301 -32.44 -33.20 25.71
N LYS C 302 -31.64 -34.25 25.53
CA LYS C 302 -30.75 -34.68 26.60
C LYS C 302 -29.71 -33.61 26.88
N THR C 303 -29.17 -32.99 25.83
CA THR C 303 -28.16 -31.94 26.01
C THR C 303 -28.75 -30.77 26.79
N LEU C 304 -29.89 -30.25 26.35
CA LEU C 304 -30.51 -29.15 27.06
C LEU C 304 -30.98 -29.59 28.44
N GLN C 305 -31.37 -30.86 28.59
CA GLN C 305 -31.79 -31.34 29.90
C GLN C 305 -30.62 -31.29 30.87
N GLU C 306 -29.43 -31.65 30.40
CA GLU C 306 -28.24 -31.61 31.25
C GLU C 306 -27.78 -30.17 31.48
N VAL C 307 -27.98 -29.30 30.49
CA VAL C 307 -27.58 -27.90 30.65
C VAL C 307 -28.36 -27.26 31.79
N ALA C 308 -29.64 -27.60 31.92
CA ALA C 308 -30.45 -27.07 33.01
C ALA C 308 -29.91 -27.55 34.35
N GLU C 309 -29.45 -28.80 34.42
CA GLU C 309 -28.92 -29.33 35.66
C GLU C 309 -27.68 -28.54 36.08
N LYS C 310 -26.78 -28.26 35.14
CA LYS C 310 -25.59 -27.49 35.46
C LYS C 310 -25.94 -26.04 35.74
N LEU C 311 -26.96 -25.51 35.05
CA LEU C 311 -27.37 -24.13 35.26
C LEU C 311 -28.03 -23.96 36.63
N ARG C 312 -28.66 -25.02 37.14
CA ARG C 312 -29.32 -24.94 38.44
C ARG C 312 -28.35 -24.64 39.57
N THR C 313 -27.06 -24.98 39.40
CA THR C 313 -26.08 -24.74 40.46
C THR C 313 -25.67 -23.28 40.54
N TYR C 314 -25.74 -22.54 39.43
CA TYR C 314 -25.32 -21.14 39.45
C TYR C 314 -26.34 -20.22 40.08
N PHE C 315 -27.53 -20.10 39.49
CA PHE C 315 -28.54 -19.20 40.03
C PHE C 315 -29.91 -19.63 39.52
N GLY C 316 -30.91 -18.81 39.82
CA GLY C 316 -32.28 -19.08 39.43
C GLY C 316 -33.02 -19.90 40.46
N ASN C 317 -34.34 -19.86 40.39
CA ASN C 317 -35.17 -20.60 41.33
C ASN C 317 -35.46 -22.00 40.79
N LYS C 318 -34.44 -22.66 40.26
CA LYS C 318 -34.53 -24.01 39.72
C LYS C 318 -35.65 -24.17 38.70
N THR C 319 -35.94 -23.13 37.92
CA THR C 319 -36.97 -23.14 36.88
C THR C 319 -36.35 -22.50 35.64
N ILE C 320 -35.83 -23.36 34.76
CA ILE C 320 -35.19 -22.88 33.54
C ILE C 320 -36.24 -22.77 32.43
N ILE C 321 -36.18 -21.68 31.67
CA ILE C 321 -37.10 -21.41 30.57
C ILE C 321 -36.26 -20.99 29.37
N PHE C 322 -36.61 -21.50 28.19
CA PHE C 322 -35.93 -21.21 26.94
C PHE C 322 -36.93 -20.60 25.96
N ALA C 323 -36.58 -19.46 25.38
CA ALA C 323 -37.42 -18.75 24.43
C ALA C 323 -36.72 -18.70 23.07
N ASN C 324 -37.48 -18.27 22.05
CA ASN C 324 -36.96 -18.18 20.68
C ASN C 324 -36.41 -16.78 20.40
N SER C 325 -35.18 -16.58 20.86
CA SER C 325 -34.46 -15.31 20.67
C SER C 325 -35.19 -14.13 21.31
N SER C 326 -34.57 -12.95 21.24
CA SER C 326 -35.12 -11.72 21.82
C SER C 326 -35.63 -10.74 20.78
N GLY C 327 -35.40 -10.98 19.49
CA GLY C 327 -35.85 -10.09 18.44
C GLY C 327 -34.74 -9.18 17.94
N GLY C 328 -34.91 -8.74 16.69
CA GLY C 328 -33.98 -7.87 16.00
C GLY C 328 -33.84 -8.31 14.55
N ASP C 329 -32.77 -7.85 13.90
CA ASP C 329 -32.58 -8.23 12.51
C ASP C 329 -32.15 -9.70 12.41
N LEU C 330 -32.09 -10.18 11.17
CA LEU C 330 -31.77 -11.58 10.91
C LEU C 330 -30.37 -11.98 11.40
N GLU C 331 -29.40 -11.09 11.24
CA GLU C 331 -28.02 -11.42 11.62
C GLU C 331 -27.87 -11.88 13.07
N ILE C 332 -28.46 -11.17 14.03
CA ILE C 332 -28.31 -11.55 15.44
C ILE C 332 -29.40 -12.48 15.96
N THR C 333 -30.53 -12.61 15.26
CA THR C 333 -31.63 -13.45 15.71
C THR C 333 -31.67 -14.83 15.07
N THR C 334 -30.69 -15.19 14.23
CA THR C 334 -30.70 -16.49 13.56
C THR C 334 -29.29 -17.06 13.48
N HIS C 335 -29.24 -18.35 13.18
CA HIS C 335 -27.99 -19.07 13.03
C HIS C 335 -27.23 -18.55 11.81
N SER C 336 -25.95 -18.93 11.72
CA SER C 336 -25.10 -18.54 10.60
C SER C 336 -24.23 -19.73 10.19
N PHE C 337 -24.03 -19.87 8.88
CA PHE C 337 -23.22 -20.93 8.33
C PHE C 337 -22.42 -20.38 7.15
N ASN C 338 -21.47 -21.19 6.69
CA ASN C 338 -20.63 -20.90 5.53
C ASN C 338 -20.41 -22.18 4.74
N CYS C 339 -21.41 -23.07 4.74
CA CYS C 339 -21.38 -24.37 4.09
C CYS C 339 -20.97 -24.33 2.62
N GLY C 340 -19.83 -24.96 2.31
CA GLY C 340 -19.29 -25.05 0.96
C GLY C 340 -19.35 -23.81 0.11
N GLY C 341 -19.28 -22.64 0.74
CA GLY C 341 -19.36 -21.37 0.05
C GLY C 341 -20.68 -20.65 0.19
N GLU C 342 -21.74 -21.37 0.54
CA GLU C 342 -23.06 -20.78 0.72
C GLU C 342 -23.29 -20.43 2.18
N PHE C 343 -24.13 -19.44 2.42
CA PHE C 343 -24.45 -18.97 3.76
C PHE C 343 -25.92 -19.24 4.07
N PHE C 344 -26.19 -19.76 5.27
CA PHE C 344 -27.53 -20.09 5.71
C PHE C 344 -27.91 -19.19 6.89
N TYR C 345 -29.20 -19.14 7.19
CA TYR C 345 -29.75 -18.37 8.30
C TYR C 345 -30.97 -19.14 8.78
N CYS C 346 -30.81 -19.90 9.85
CA CYS C 346 -31.85 -20.75 10.39
C CYS C 346 -32.53 -20.16 11.61
N ASN C 347 -33.84 -20.35 11.68
CA ASN C 347 -34.69 -19.90 12.78
C ASN C 347 -34.58 -20.94 13.90
N THR C 348 -33.95 -20.57 15.01
CA THR C 348 -33.72 -21.47 16.14
C THR C 348 -34.91 -21.59 17.08
N SER C 349 -36.13 -21.25 16.65
CA SER C 349 -37.28 -21.33 17.55
C SER C 349 -37.52 -22.77 18.02
N GLY C 350 -37.12 -23.75 17.21
CA GLY C 350 -37.34 -25.14 17.59
C GLY C 350 -36.35 -25.69 18.61
N LEU C 351 -35.20 -25.03 18.79
CA LEU C 351 -34.21 -25.52 19.75
C LEU C 351 -34.31 -24.87 21.11
N PHE C 352 -35.15 -23.84 21.27
CA PHE C 352 -35.28 -23.15 22.55
C PHE C 352 -36.75 -22.93 22.88
N ASN C 353 -37.53 -24.01 22.85
CA ASN C 353 -38.96 -24.00 23.11
C ASN C 353 -39.28 -25.02 24.21
N SER C 354 -38.49 -24.99 25.28
CA SER C 354 -38.67 -25.93 26.39
C SER C 354 -38.49 -25.23 27.73
N THR C 355 -39.05 -25.86 28.77
CA THR C 355 -39.00 -25.39 30.14
C THR C 355 -38.83 -26.60 31.04
N TRP C 356 -38.28 -26.38 32.24
CA TRP C 356 -38.06 -27.50 33.15
C TRP C 356 -38.08 -27.03 34.59
N TYR C 357 -38.08 -28.01 35.50
CA TYR C 357 -38.08 -27.81 36.94
C TYR C 357 -37.06 -28.74 37.57
N VAL C 358 -37.10 -28.86 38.90
CA VAL C 358 -36.16 -29.73 39.60
C VAL C 358 -36.42 -31.19 39.27
N ASN C 359 -37.70 -31.57 39.10
CA ASN C 359 -38.04 -32.95 38.80
C ASN C 359 -37.39 -33.41 37.50
N SER C 360 -37.43 -32.58 36.48
CA SER C 360 -36.84 -32.92 35.19
C SER C 360 -36.76 -31.67 34.32
N ASN C 372 -39.99 -38.31 11.99
CA ASN C 372 -39.15 -39.11 12.86
C ASN C 372 -38.67 -38.31 14.07
N ASP C 373 -37.83 -38.93 14.90
CA ASP C 373 -37.30 -38.28 16.10
C ASP C 373 -36.19 -37.26 15.80
N THR C 374 -36.51 -36.21 15.06
CA THR C 374 -35.53 -35.17 14.71
C THR C 374 -36.22 -33.81 14.65
N ILE C 375 -35.57 -32.81 15.23
CA ILE C 375 -36.09 -31.45 15.22
C ILE C 375 -35.53 -30.72 14.00
N THR C 376 -36.42 -30.09 13.24
CA THR C 376 -36.04 -29.38 12.02
C THR C 376 -36.03 -27.88 12.27
N LEU C 377 -35.07 -27.20 11.62
CA LEU C 377 -34.90 -25.76 11.74
C LEU C 377 -35.11 -25.11 10.37
N PRO C 378 -36.17 -24.35 10.10
CA PRO C 378 -36.29 -23.74 8.78
C PRO C 378 -35.21 -22.68 8.61
N CYS C 379 -34.72 -22.54 7.38
CA CYS C 379 -33.66 -21.57 7.09
C CYS C 379 -33.93 -20.83 5.79
N ARG C 380 -33.26 -19.69 5.66
CA ARG C 380 -33.34 -18.83 4.49
C ARG C 380 -31.93 -18.53 4.02
N ILE C 381 -31.69 -18.75 2.73
CA ILE C 381 -30.36 -18.52 2.16
C ILE C 381 -30.21 -17.04 1.86
N LYS C 382 -29.01 -16.53 2.09
CA LYS C 382 -28.69 -15.12 1.88
C LYS C 382 -27.35 -15.02 1.17
N GLN C 383 -27.28 -14.17 0.15
CA GLN C 383 -26.06 -13.94 -0.62
C GLN C 383 -25.32 -12.68 -0.20
N ILE C 384 -26.00 -11.55 -0.14
CA ILE C 384 -25.39 -10.30 0.30
C ILE C 384 -25.31 -10.40 1.81
N ILE C 385 -24.09 -10.33 2.36
CA ILE C 385 -23.89 -10.48 3.80
C ILE C 385 -22.81 -9.56 4.33
N ASN C 386 -22.90 -9.28 5.63
CA ASN C 386 -21.98 -8.44 6.38
C ASN C 386 -21.72 -9.14 7.72
N MET C 387 -21.30 -10.42 7.63
CA MET C 387 -21.04 -11.26 8.79
C MET C 387 -20.29 -10.57 9.93
N TRP C 388 -19.41 -9.62 9.62
CA TRP C 388 -18.66 -8.90 10.65
C TRP C 388 -19.40 -7.67 11.16
N GLN C 389 -20.70 -7.55 10.86
CA GLN C 389 -21.54 -6.43 11.28
C GLN C 389 -21.03 -5.08 10.76
N ARG C 390 -20.20 -5.09 9.72
CA ARG C 390 -19.68 -3.84 9.17
C ARG C 390 -20.60 -3.31 8.08
N ALA C 391 -20.95 -2.03 8.18
CA ALA C 391 -21.83 -1.42 7.19
C ALA C 391 -21.03 -0.78 6.04
N GLY C 392 -19.70 -0.75 6.14
CA GLY C 392 -18.88 -0.16 5.10
C GLY C 392 -18.48 -1.09 3.97
N GLN C 393 -18.69 -2.39 4.11
CA GLN C 393 -18.34 -3.35 3.07
C GLN C 393 -19.40 -4.44 3.00
N ALA C 394 -19.65 -4.93 1.79
CA ALA C 394 -20.64 -5.97 1.53
C ALA C 394 -20.02 -7.03 0.63
N MET C 395 -20.27 -8.30 0.96
CA MET C 395 -19.75 -9.43 0.21
C MET C 395 -20.91 -10.21 -0.40
N TYR C 396 -20.78 -10.52 -1.69
CA TYR C 396 -21.80 -11.28 -2.42
C TYR C 396 -21.27 -12.68 -2.65
N ALA C 397 -21.82 -13.65 -1.92
CA ALA C 397 -21.38 -15.03 -2.08
C ALA C 397 -21.98 -15.60 -3.36
N PRO C 398 -21.17 -16.04 -4.34
CA PRO C 398 -21.77 -16.58 -5.56
C PRO C 398 -22.48 -17.88 -5.28
N PRO C 399 -23.55 -18.20 -6.02
CA PRO C 399 -24.25 -19.46 -5.76
C PRO C 399 -23.41 -20.65 -6.17
N ILE C 400 -23.43 -21.69 -5.33
CA ILE C 400 -22.68 -22.91 -5.58
C ILE C 400 -23.60 -23.83 -6.37
N PRO C 401 -23.17 -24.43 -7.49
CA PRO C 401 -24.09 -25.28 -8.25
C PRO C 401 -24.44 -26.57 -7.52
N GLY C 402 -25.64 -27.08 -7.82
CA GLY C 402 -26.13 -28.31 -7.25
C GLY C 402 -26.43 -28.24 -5.76
N VAL C 403 -27.05 -29.32 -5.28
CA VAL C 403 -27.40 -29.45 -3.87
C VAL C 403 -26.13 -29.64 -3.05
N ILE C 404 -26.11 -29.04 -1.86
CA ILE C 404 -24.96 -29.13 -0.97
C ILE C 404 -25.44 -29.41 0.45
N LYS C 405 -24.69 -30.25 1.15
CA LYS C 405 -24.96 -30.63 2.52
C LYS C 405 -23.73 -30.32 3.36
N CYS C 406 -23.94 -30.10 4.65
CA CYS C 406 -22.83 -29.77 5.55
C CYS C 406 -23.15 -30.24 6.97
N GLU C 407 -22.59 -31.38 7.33
CA GLU C 407 -22.80 -31.92 8.67
C GLU C 407 -21.78 -31.30 9.61
N SER C 408 -22.26 -30.80 10.75
CA SER C 408 -21.38 -30.17 11.73
C SER C 408 -21.74 -30.66 13.12
N ASN C 409 -20.85 -30.38 14.07
CA ASN C 409 -21.02 -30.77 15.46
C ASN C 409 -21.27 -29.55 16.32
N ILE C 410 -22.39 -29.54 17.04
CA ILE C 410 -22.68 -28.43 17.93
C ILE C 410 -21.86 -28.62 19.20
N THR C 411 -20.96 -27.68 19.47
CA THR C 411 -20.07 -27.77 20.63
C THR C 411 -20.34 -26.74 21.71
N GLY C 412 -21.14 -25.71 21.45
CA GLY C 412 -21.41 -24.73 22.49
C GLY C 412 -22.60 -23.87 22.14
N LEU C 413 -23.09 -23.18 23.16
CA LEU C 413 -24.25 -22.29 23.03
C LEU C 413 -23.90 -20.92 23.60
N LEU C 414 -24.44 -19.88 22.94
CA LEU C 414 -24.25 -18.49 23.35
C LEU C 414 -25.60 -18.00 23.84
N LEU C 415 -25.84 -18.14 25.15
CA LEU C 415 -27.09 -17.75 25.78
C LEU C 415 -26.89 -16.53 26.66
N THR C 416 -28.00 -15.88 26.99
CA THR C 416 -28.02 -14.70 27.84
C THR C 416 -29.37 -14.61 28.53
N ARG C 417 -29.34 -14.33 29.83
CA ARG C 417 -30.57 -14.24 30.59
C ARG C 417 -31.28 -12.93 30.27
N ASP C 418 -32.61 -13.00 30.28
CA ASP C 418 -33.48 -11.85 30.00
C ASP C 418 -34.33 -11.57 31.24
N GLY C 419 -33.70 -11.63 32.41
CA GLY C 419 -34.39 -11.40 33.65
C GLY C 419 -34.66 -9.95 33.96
N GLY C 420 -35.55 -9.33 33.17
CA GLY C 420 -35.90 -7.94 33.41
C GLY C 420 -36.61 -7.71 34.72
N LYS C 421 -37.20 -8.75 35.30
CA LYS C 421 -37.91 -8.69 36.56
C LYS C 421 -37.12 -9.55 37.55
N ASP C 422 -37.27 -9.25 38.84
CA ASP C 422 -36.54 -9.97 39.89
C ASP C 422 -36.79 -11.47 39.81
N ASN C 423 -35.75 -12.24 40.16
CA ASN C 423 -35.83 -13.69 40.16
C ASN C 423 -36.73 -14.17 41.28
N ASN C 424 -38.00 -14.40 40.98
CA ASN C 424 -38.96 -14.86 41.99
C ASN C 424 -39.20 -16.36 41.90
N VAL C 425 -39.65 -16.84 40.73
CA VAL C 425 -39.94 -18.26 40.54
C VAL C 425 -39.27 -18.83 39.30
N ASN C 426 -38.84 -17.99 38.38
CA ASN C 426 -38.22 -18.47 37.15
C ASN C 426 -37.40 -17.38 36.49
N GLU C 427 -36.73 -17.75 35.41
CA GLU C 427 -35.90 -16.85 34.61
C GLU C 427 -35.89 -17.39 33.20
N THR C 428 -35.77 -16.49 32.23
CA THR C 428 -35.78 -16.84 30.82
C THR C 428 -34.39 -16.74 30.21
N PHE C 429 -34.00 -17.78 29.48
CA PHE C 429 -32.72 -17.85 28.79
C PHE C 429 -32.99 -17.78 27.30
N ARG C 430 -32.28 -16.88 26.60
CA ARG C 430 -32.46 -16.70 25.17
C ARG C 430 -31.12 -16.73 24.46
N PRO C 431 -31.04 -17.33 23.27
CA PRO C 431 -29.76 -17.35 22.55
C PRO C 431 -29.51 -16.01 21.87
N GLY C 432 -28.23 -15.71 21.66
CA GLY C 432 -27.87 -14.47 21.00
C GLY C 432 -26.50 -13.92 21.38
N GLY C 433 -26.47 -12.66 21.78
CA GLY C 433 -25.26 -11.97 22.16
C GLY C 433 -24.92 -10.78 21.28
N SER C 434 -25.10 -10.91 19.97
CA SER C 434 -24.83 -9.83 19.02
C SER C 434 -23.36 -9.43 18.96
N ASP C 435 -22.47 -10.25 19.52
CA ASP C 435 -21.03 -9.98 19.51
C ASP C 435 -20.29 -11.16 18.91
N MET C 436 -19.44 -10.87 17.91
CA MET C 436 -18.70 -11.93 17.26
C MET C 436 -17.46 -12.33 18.06
N ARG C 437 -17.04 -11.50 19.01
CA ARG C 437 -15.80 -11.87 19.75
C ARG C 437 -16.11 -13.11 20.59
N ASP C 438 -17.34 -13.22 21.11
CA ASP C 438 -17.66 -14.35 21.97
C ASP C 438 -17.42 -15.69 21.29
N ASN C 439 -17.50 -15.75 19.96
CA ASN C 439 -17.26 -17.01 19.26
C ASN C 439 -15.83 -17.50 19.48
N TRP C 440 -14.88 -16.58 19.53
CA TRP C 440 -13.47 -16.94 19.74
C TRP C 440 -13.14 -17.06 21.22
N ARG C 441 -13.85 -16.33 22.08
CA ARG C 441 -13.58 -16.43 23.51
C ARG C 441 -13.85 -17.83 24.04
N SER C 442 -14.79 -18.55 23.43
CA SER C 442 -15.09 -19.91 23.86
C SER C 442 -14.01 -20.90 23.47
N GLU C 443 -13.13 -20.55 22.55
CA GLU C 443 -12.04 -21.40 22.10
C GLU C 443 -10.70 -21.01 22.71
N LEU C 444 -10.45 -19.71 22.89
CA LEU C 444 -9.21 -19.20 23.50
C LEU C 444 -9.34 -19.00 25.01
N TYR C 445 -10.29 -19.73 25.61
CA TYR C 445 -10.53 -19.62 27.04
C TYR C 445 -9.36 -20.15 27.87
N LYS C 446 -8.62 -21.12 27.34
CA LYS C 446 -7.50 -21.72 28.06
C LYS C 446 -6.15 -21.14 27.67
N TYR C 447 -6.09 -19.89 27.22
CA TYR C 447 -4.82 -19.28 26.81
C TYR C 447 -4.70 -17.85 27.32
N LYS C 448 -3.45 -17.45 27.58
CA LYS C 448 -3.10 -16.12 28.06
C LYS C 448 -1.65 -15.86 27.66
N VAL C 449 -1.41 -14.68 27.07
CA VAL C 449 -0.08 -14.29 26.64
C VAL C 449 0.59 -13.50 27.76
N VAL C 450 1.86 -13.81 28.01
CA VAL C 450 2.64 -13.15 29.05
C VAL C 450 4.01 -12.80 28.51
N GLU C 451 4.66 -11.83 29.14
CA GLU C 451 5.99 -11.39 28.73
C GLU C 451 7.03 -11.99 29.66
N ILE C 452 7.99 -12.72 29.10
CA ILE C 452 9.03 -13.35 29.90
C ILE C 452 10.08 -12.30 30.22
N GLU C 453 10.23 -11.99 31.51
CA GLU C 453 11.20 -11.02 32.01
C GLU C 453 12.23 -11.77 32.84
N PRO C 454 13.15 -12.50 32.19
CA PRO C 454 14.12 -13.31 32.93
C PRO C 454 15.17 -12.54 33.73
N LEU C 455 15.15 -11.21 33.71
CA LEU C 455 16.23 -10.51 34.45
C LEU C 455 15.73 -10.19 35.86
N GLY C 456 16.21 -10.91 36.88
CA GLY C 456 15.70 -10.71 38.25
C GLY C 456 16.81 -10.54 39.28
N VAL C 457 16.47 -10.06 40.48
CA VAL C 457 17.49 -9.83 41.55
C VAL C 457 17.05 -10.58 42.82
N ALA C 458 17.99 -10.82 43.75
CA ALA C 458 17.66 -11.54 45.02
C ALA C 458 18.81 -11.35 46.02
N PRO C 459 18.59 -11.21 47.34
CA PRO C 459 19.72 -11.07 48.26
C PRO C 459 20.61 -12.31 48.26
N THR C 460 21.92 -12.12 48.42
CA THR C 460 22.88 -13.26 48.50
C THR C 460 24.06 -12.85 49.33
N ARG C 461 25.01 -13.76 49.58
CA ARG C 461 26.26 -13.41 50.31
C ARG C 461 27.38 -13.26 49.27
N CYS C 462 27.01 -13.26 47.99
CA CYS C 462 27.98 -13.12 46.87
C CYS C 462 28.83 -11.85 47.05
N LYS C 463 30.13 -11.90 46.68
CA LYS C 463 30.98 -10.68 46.76
C LYS C 463 31.68 -10.50 45.40
N ARG C 464 31.75 -9.26 44.90
CA ARG C 464 32.37 -8.99 43.58
C ARG C 464 33.88 -8.76 43.78
N ARG C 465 34.71 -9.70 43.32
CA ARG C 465 36.19 -9.60 43.53
C ARG C 465 36.75 -8.40 42.74
N VAL C 466 37.89 -7.86 43.18
CA VAL C 466 38.48 -6.67 42.56
C VAL C 466 40.00 -6.75 42.60
N ASN D 3 44.40 -36.94 23.89
CA ASN D 3 43.67 -35.93 24.70
C ASN D 3 43.70 -34.57 24.04
N LEU D 4 42.53 -34.12 23.57
CA LEU D 4 42.39 -32.83 22.91
C LEU D 4 41.06 -32.21 23.29
N TRP D 5 41.10 -30.93 23.65
CA TRP D 5 39.90 -30.20 24.04
C TRP D 5 39.32 -29.54 22.79
N VAL D 6 38.27 -28.73 22.96
CA VAL D 6 37.61 -28.07 21.85
C VAL D 6 37.53 -26.56 22.11
N THR D 7 37.69 -25.79 21.04
CA THR D 7 37.64 -24.32 21.08
C THR D 7 36.65 -23.86 20.02
N VAL D 8 35.94 -22.78 20.33
CA VAL D 8 34.94 -22.20 19.42
C VAL D 8 35.50 -20.89 18.88
N TYR D 9 35.39 -20.71 17.56
CA TYR D 9 35.88 -19.52 16.88
C TYR D 9 34.72 -18.62 16.49
N TYR D 10 35.00 -17.33 16.36
CA TYR D 10 34.03 -16.32 15.96
C TYR D 10 34.62 -15.57 14.78
N GLY D 11 33.75 -15.13 13.86
CA GLY D 11 34.23 -14.43 12.69
C GLY D 11 35.04 -15.31 11.77
N VAL D 12 34.68 -16.59 11.68
CA VAL D 12 35.40 -17.54 10.84
C VAL D 12 35.07 -17.26 9.38
N PRO D 13 36.01 -17.44 8.42
CA PRO D 13 35.68 -17.17 7.00
C PRO D 13 35.10 -18.38 6.26
N VAL D 14 33.81 -18.62 6.44
CA VAL D 14 33.10 -19.72 5.78
C VAL D 14 31.70 -19.24 5.43
N TRP D 15 30.97 -20.06 4.69
CA TRP D 15 29.62 -19.72 4.27
C TRP D 15 28.86 -20.99 3.92
N ARG D 16 27.61 -20.81 3.51
CA ARG D 16 26.74 -21.89 3.11
C ARG D 16 25.71 -21.37 2.12
N ASP D 17 25.35 -22.21 1.14
CA ASP D 17 24.43 -21.74 0.08
C ASP D 17 23.10 -21.37 0.74
N ALA D 18 22.62 -20.14 0.48
CA ALA D 18 21.38 -19.69 1.14
C ALA D 18 20.56 -18.82 0.19
N ASP D 19 19.34 -18.48 0.61
CA ASP D 19 18.48 -17.59 -0.21
C ASP D 19 17.97 -16.46 0.69
N THR D 20 18.28 -15.22 0.36
CA THR D 20 17.89 -14.09 1.24
C THR D 20 17.34 -12.96 0.41
N THR D 21 16.57 -12.07 1.04
CA THR D 21 16.05 -10.90 0.32
C THR D 21 17.22 -10.09 -0.17
N LEU D 22 17.11 -9.54 -1.38
CA LEU D 22 18.20 -8.69 -1.92
C LEU D 22 17.65 -7.30 -2.20
N PHE D 23 18.29 -6.25 -1.67
CA PHE D 23 17.84 -4.87 -1.97
C PHE D 23 18.57 -4.38 -3.22
N CYS D 24 18.02 -3.35 -3.88
CA CYS D 24 18.63 -2.86 -5.14
C CYS D 24 19.56 -1.69 -4.87
N ALA D 25 20.28 -1.24 -5.89
CA ALA D 25 21.18 -0.07 -5.75
C ALA D 25 21.48 0.50 -7.13
N SER D 26 21.49 1.83 -7.26
CA SER D 26 21.82 2.45 -8.56
C SER D 26 22.65 3.72 -8.34
N ASP D 27 23.49 4.08 -9.32
CA ASP D 27 24.34 5.30 -9.21
C ASP D 27 23.43 6.51 -8.99
N LYS D 35 12.23 8.17 -10.12
CA LYS D 35 11.64 9.49 -10.27
C LYS D 35 11.24 9.73 -11.72
N HIS D 36 12.08 9.25 -12.65
CA HIS D 36 11.83 9.40 -14.08
C HIS D 36 12.07 8.09 -14.83
N ASN D 37 11.91 6.94 -14.16
CA ASN D 37 12.11 5.65 -14.78
C ASN D 37 11.13 4.65 -14.18
N VAL D 38 10.85 3.59 -14.94
CA VAL D 38 9.92 2.57 -14.48
C VAL D 38 10.51 1.71 -13.37
N TRP D 39 11.84 1.73 -13.19
CA TRP D 39 12.49 0.93 -12.17
C TRP D 39 12.50 1.60 -10.80
N ALA D 40 12.21 2.90 -10.73
CA ALA D 40 12.18 3.64 -9.46
C ALA D 40 13.49 3.49 -8.69
N THR D 41 14.62 3.66 -9.37
CA THR D 41 15.91 3.52 -8.70
C THR D 41 16.23 4.68 -7.77
N HIS D 42 15.47 5.78 -7.82
CA HIS D 42 15.75 6.90 -6.91
C HIS D 42 15.58 6.48 -5.46
N ALA D 43 14.71 5.52 -5.17
CA ALA D 43 14.51 5.03 -3.82
C ALA D 43 15.58 4.04 -3.39
N CYS D 44 16.35 3.50 -4.34
CA CYS D 44 17.41 2.56 -4.01
C CYS D 44 18.54 3.27 -3.29
N VAL D 45 19.37 2.49 -2.61
CA VAL D 45 20.50 3.07 -1.88
C VAL D 45 21.60 3.43 -2.88
N PRO D 46 22.18 4.63 -2.83
CA PRO D 46 23.24 4.96 -3.79
C PRO D 46 24.42 4.01 -3.64
N THR D 47 24.76 3.34 -4.74
CA THR D 47 25.86 2.38 -4.72
C THR D 47 27.18 3.08 -4.42
N ASP D 48 28.03 2.38 -3.67
CA ASP D 48 29.33 2.92 -3.33
C ASP D 48 30.16 3.03 -4.60
N PRO D 49 30.76 4.19 -4.91
CA PRO D 49 31.54 4.29 -6.17
C PRO D 49 32.69 3.30 -6.30
N ASN D 50 33.37 2.92 -5.23
CA ASN D 50 34.49 1.97 -5.36
C ASN D 50 33.95 0.55 -5.21
N PRO D 51 34.02 -0.30 -6.26
CA PRO D 51 33.51 -1.67 -6.10
C PRO D 51 34.40 -2.49 -5.18
N GLN D 52 33.87 -2.86 -4.02
CA GLN D 52 34.61 -3.63 -3.03
C GLN D 52 34.64 -5.09 -3.47
N GLU D 53 35.75 -5.50 -4.10
CA GLU D 53 35.95 -6.86 -4.57
C GLU D 53 37.17 -7.44 -3.87
N ILE D 54 37.01 -8.63 -3.29
CA ILE D 54 38.06 -9.33 -2.57
C ILE D 54 38.29 -10.67 -3.26
N HIS D 55 39.54 -10.92 -3.66
CA HIS D 55 39.88 -12.17 -4.32
C HIS D 55 40.12 -13.27 -3.29
N LEU D 56 39.70 -14.49 -3.63
CA LEU D 56 39.85 -15.66 -2.77
C LEU D 56 40.90 -16.57 -3.37
N ASP D 57 41.94 -16.89 -2.61
CA ASP D 57 42.99 -17.77 -3.07
C ASP D 57 42.72 -19.20 -2.63
N ASN D 58 43.06 -20.15 -3.50
CA ASN D 58 42.88 -21.58 -3.25
C ASN D 58 41.42 -22.00 -3.15
N VAL D 59 40.48 -21.11 -3.50
CA VAL D 59 39.06 -21.43 -3.40
C VAL D 59 38.56 -21.97 -4.74
N THR D 60 37.81 -23.07 -4.68
CA THR D 60 37.24 -23.73 -5.85
C THR D 60 35.76 -23.99 -5.57
N GLU D 61 35.07 -22.95 -5.11
CA GLU D 61 33.64 -23.07 -4.78
C GLU D 61 32.84 -23.54 -5.98
N LYS D 62 31.78 -24.29 -5.69
CA LYS D 62 30.89 -24.82 -6.72
C LYS D 62 29.82 -23.80 -7.07
N PHE D 63 29.43 -23.76 -8.35
CA PHE D 63 28.42 -22.83 -8.84
C PHE D 63 27.33 -23.58 -9.60
N ASN D 64 26.12 -23.02 -9.54
CA ASN D 64 24.95 -23.56 -10.23
C ASN D 64 23.98 -22.40 -10.41
N MET D 65 23.93 -21.84 -11.63
CA MET D 65 23.05 -20.72 -11.88
C MET D 65 21.58 -21.11 -12.02
N TRP D 66 21.30 -22.32 -12.52
CA TRP D 66 19.92 -22.76 -12.69
C TRP D 66 19.15 -22.83 -11.38
N LYS D 67 19.73 -23.41 -10.33
CA LYS D 67 19.05 -23.48 -9.04
C LYS D 67 19.24 -22.21 -8.23
N ASN D 68 19.95 -21.21 -8.78
CA ASN D 68 20.17 -19.94 -8.10
C ASN D 68 18.81 -19.28 -7.87
N ASN D 69 18.59 -18.80 -6.64
CA ASN D 69 17.30 -18.20 -6.31
C ASN D 69 17.23 -16.70 -6.58
N MET D 70 18.38 -16.00 -6.66
CA MET D 70 18.31 -14.56 -6.91
C MET D 70 17.69 -14.24 -8.26
N VAL D 71 17.79 -15.13 -9.25
CA VAL D 71 17.17 -14.85 -10.54
C VAL D 71 15.66 -14.75 -10.40
N GLU D 72 15.05 -15.64 -9.60
CA GLU D 72 13.61 -15.58 -9.39
C GLU D 72 13.23 -14.32 -8.64
N GLN D 73 14.05 -13.94 -7.65
CA GLN D 73 13.77 -12.74 -6.88
C GLN D 73 13.85 -11.50 -7.76
N MET D 74 14.84 -11.43 -8.65
CA MET D 74 14.96 -10.27 -9.53
C MET D 74 13.77 -10.22 -10.46
N HIS D 75 13.30 -11.38 -10.93
CA HIS D 75 12.14 -11.41 -11.80
C HIS D 75 10.90 -10.92 -11.05
N GLU D 76 10.76 -11.30 -9.78
CA GLU D 76 9.63 -10.86 -8.99
C GLU D 76 9.70 -9.37 -8.71
N ASP D 77 10.89 -8.88 -8.33
CA ASP D 77 11.04 -7.46 -8.04
C ASP D 77 10.79 -6.62 -9.27
N ILE D 78 11.29 -7.05 -10.43
CA ILE D 78 11.08 -6.31 -11.67
C ILE D 78 9.58 -6.20 -11.95
N ILE D 79 8.84 -7.26 -11.64
CA ILE D 79 7.39 -7.24 -11.83
C ILE D 79 6.77 -6.20 -10.91
N SER D 80 7.25 -6.16 -9.66
CA SER D 80 6.74 -5.19 -8.69
C SER D 80 7.00 -3.75 -9.12
N LEU D 81 8.21 -3.46 -9.58
CA LEU D 81 8.52 -2.10 -10.02
C LEU D 81 7.69 -1.71 -11.23
N TRP D 82 7.50 -2.65 -12.15
CA TRP D 82 6.70 -2.41 -13.34
C TRP D 82 5.27 -2.08 -12.94
N ASP D 83 4.73 -2.81 -11.98
CA ASP D 83 3.37 -2.56 -11.51
C ASP D 83 3.31 -1.32 -10.63
N GLN D 84 4.34 -1.16 -9.79
CA GLN D 84 4.39 0.03 -8.89
C GLN D 84 4.44 1.30 -9.74
N SER D 85 5.22 1.27 -10.83
CA SER D 85 5.35 2.47 -11.69
C SER D 85 4.04 2.73 -12.43
N LEU D 86 3.34 1.67 -12.83
CA LEU D 86 2.07 1.83 -13.59
C LEU D 86 0.92 2.17 -12.62
N LYS D 87 1.08 1.81 -11.34
CA LYS D 87 -0.03 2.02 -10.36
C LYS D 87 -0.53 3.47 -10.44
N PRO D 88 0.32 4.51 -10.32
CA PRO D 88 -0.18 5.88 -10.33
C PRO D 88 -0.29 6.44 -11.73
N CYS D 89 -1.08 5.78 -12.59
CA CYS D 89 -1.17 6.25 -14.00
C CYS D 89 -2.62 6.21 -14.50
N VAL D 90 -2.90 6.99 -15.55
CA VAL D 90 -4.30 7.07 -16.08
C VAL D 90 -4.73 5.67 -16.50
N LYS D 91 -5.86 5.19 -15.96
CA LYS D 91 -6.35 3.83 -16.30
C LYS D 91 -7.22 3.95 -17.55
N LEU D 92 -6.81 3.30 -18.64
CA LEU D 92 -7.57 3.43 -19.90
C LEU D 92 -8.80 2.53 -19.88
N THR D 93 -9.30 2.17 -18.68
CA THR D 93 -10.53 1.39 -18.66
C THR D 93 -11.57 1.96 -19.63
N PRO D 94 -11.73 3.29 -19.74
CA PRO D 94 -12.74 3.81 -20.67
C PRO D 94 -12.55 3.46 -22.14
N LEU D 95 -11.42 2.86 -22.54
CA LEU D 95 -11.23 2.56 -23.96
C LEU D 95 -11.91 1.26 -24.39
N CYS D 96 -12.75 0.67 -23.55
CA CYS D 96 -13.45 -0.56 -23.92
C CYS D 96 -14.77 -0.19 -24.56
N VAL D 97 -14.70 0.59 -25.64
CA VAL D 97 -15.86 1.04 -26.37
C VAL D 97 -15.79 0.45 -27.79
N THR D 98 -16.93 0.42 -28.47
CA THR D 98 -16.95 -0.11 -29.82
C THR D 98 -16.13 0.80 -30.74
N LEU D 99 -15.13 0.21 -31.39
CA LEU D 99 -14.23 0.94 -32.29
C LEU D 99 -14.61 0.68 -33.74
N HIS D 100 -14.87 1.76 -34.47
CA HIS D 100 -15.18 1.72 -35.89
C HIS D 100 -13.90 2.12 -36.61
N CYS D 101 -13.29 1.18 -37.33
CA CYS D 101 -12.02 1.43 -38.00
C CYS D 101 -12.10 1.12 -39.49
N THR D 102 -11.31 1.87 -40.26
CA THR D 102 -11.19 1.75 -41.71
C THR D 102 -9.71 1.77 -42.06
N ASN D 103 -9.40 1.31 -43.28
CA ASN D 103 -8.01 1.30 -43.72
C ASN D 103 -7.46 2.71 -43.82
N VAL D 104 -6.18 2.87 -43.50
CA VAL D 104 -5.53 4.17 -43.56
C VAL D 104 -5.55 4.69 -45.00
N THR D 105 -5.67 6.00 -45.13
CA THR D 105 -5.69 6.63 -46.45
C THR D 105 -4.31 6.60 -47.09
N GLU D 114 -4.06 -3.08 -43.71
CA GLU D 114 -2.67 -3.48 -43.49
C GLU D 114 -2.37 -3.46 -41.97
N GLY D 115 -1.18 -3.04 -41.57
CA GLY D 115 -0.84 -3.03 -40.15
C GLY D 115 -1.44 -1.88 -39.36
N LEU D 116 -2.05 -0.89 -40.02
CA LEU D 116 -2.65 0.26 -39.36
C LEU D 116 -4.10 0.41 -39.77
N LYS D 117 -4.93 0.87 -38.81
CA LYS D 117 -6.35 1.09 -39.02
C LYS D 117 -6.75 2.43 -38.42
N ASN D 118 -7.55 3.19 -39.16
CA ASN D 118 -8.02 4.50 -38.72
C ASN D 118 -9.29 4.30 -37.90
N CYS D 119 -9.12 4.07 -36.60
CA CYS D 119 -10.24 3.84 -35.70
C CYS D 119 -10.87 5.15 -35.26
N SER D 120 -12.20 5.15 -35.15
CA SER D 120 -12.98 6.30 -34.75
C SER D 120 -13.99 5.89 -33.69
N PHE D 121 -14.25 6.79 -32.74
CA PHE D 121 -15.19 6.54 -31.65
C PHE D 121 -15.32 7.83 -30.84
N ASN D 122 -16.25 7.73 -29.87
CA ASN D 122 -16.53 8.90 -29.00
C ASN D 122 -16.10 8.55 -27.58
N MET D 123 -15.48 9.48 -26.87
CA MET D 123 -14.97 9.06 -25.53
C MET D 123 -15.34 10.12 -24.46
N THR D 124 -15.38 9.72 -23.20
CA THR D 124 -15.79 10.64 -22.12
C THR D 124 -14.76 11.72 -21.92
N THR D 125 -15.20 12.98 -21.87
CA THR D 125 -14.25 14.08 -21.59
C THR D 125 -14.25 14.32 -20.10
N GLU D 126 -13.47 15.30 -19.64
CA GLU D 126 -13.40 15.60 -18.19
C GLU D 126 -14.82 15.60 -17.63
N LEU D 127 -15.68 16.49 -18.12
CA LEU D 127 -17.08 16.55 -17.63
C LEU D 127 -17.81 15.29 -18.07
N ARG D 128 -18.24 14.44 -17.13
CA ARG D 128 -18.88 13.15 -17.47
C ARG D 128 -20.08 13.42 -18.38
N ASP D 129 -20.70 14.59 -18.25
CA ASP D 129 -21.93 14.91 -19.02
C ASP D 129 -21.64 14.94 -20.53
N LYS D 130 -20.44 15.39 -20.93
CA LYS D 130 -20.17 15.57 -22.38
C LYS D 130 -19.15 14.55 -22.91
N ARG D 131 -19.34 14.11 -24.16
CA ARG D 131 -18.36 13.19 -24.79
C ARG D 131 -17.59 13.94 -25.88
N GLN D 132 -16.66 13.27 -26.53
CA GLN D 132 -15.82 13.88 -27.56
C GLN D 132 -15.46 12.82 -28.60
N LYS D 133 -15.65 13.16 -29.87
CA LYS D 133 -15.34 12.26 -30.98
C LYS D 133 -13.86 12.39 -31.31
N VAL D 134 -13.20 11.26 -31.51
CA VAL D 134 -11.78 11.23 -31.81
C VAL D 134 -11.51 10.27 -32.97
N TYR D 135 -10.33 10.46 -33.59
CA TYR D 135 -9.86 9.65 -34.69
C TYR D 135 -8.43 9.24 -34.37
N SER D 136 -8.24 7.99 -33.98
CA SER D 136 -6.94 7.46 -33.61
C SER D 136 -6.53 6.31 -34.53
N LEU D 137 -5.22 6.16 -34.71
CA LEU D 137 -4.65 5.11 -35.53
C LEU D 137 -4.07 4.03 -34.63
N PHE D 138 -4.71 2.86 -34.62
CA PHE D 138 -4.29 1.73 -33.80
C PHE D 138 -3.80 0.62 -34.70
N TYR D 139 -2.68 0.01 -34.32
CA TYR D 139 -2.11 -1.07 -35.10
C TYR D 139 -3.04 -2.28 -35.06
N ARG D 140 -3.02 -3.06 -36.14
CA ARG D 140 -3.89 -4.23 -36.23
C ARG D 140 -3.64 -5.24 -35.11
N LEU D 141 -2.42 -5.31 -34.57
CA LEU D 141 -2.16 -6.25 -33.49
C LEU D 141 -2.90 -5.86 -32.21
N ASP D 142 -3.15 -4.56 -32.03
CA ASP D 142 -3.85 -4.06 -30.86
C ASP D 142 -5.36 -3.93 -31.07
N ILE D 143 -5.88 -4.33 -32.22
CA ILE D 143 -7.29 -4.24 -32.55
C ILE D 143 -7.74 -5.59 -33.08
N VAL D 144 -8.87 -6.07 -32.54
CA VAL D 144 -9.45 -7.38 -32.97
C VAL D 144 -10.93 -7.15 -33.30
N PRO D 145 -11.56 -7.92 -34.20
CA PRO D 145 -12.93 -7.66 -34.59
C PRO D 145 -13.99 -8.20 -33.64
N ILE D 146 -14.93 -7.37 -33.22
CA ILE D 146 -16.03 -7.86 -32.35
C ILE D 146 -16.87 -8.83 -33.18
N ASN D 147 -17.31 -8.39 -34.35
CA ASN D 147 -18.09 -9.28 -35.25
C ASN D 147 -17.12 -10.19 -36.01
N GLU D 148 -17.17 -11.48 -35.77
CA GLU D 148 -16.30 -12.38 -36.56
C GLU D 148 -16.56 -12.12 -38.04
N ASN D 149 -15.52 -11.90 -38.84
CA ASN D 149 -15.67 -11.73 -40.32
C ASN D 149 -16.23 -10.35 -40.68
N GLN D 150 -17.34 -9.95 -40.05
CA GLN D 150 -17.98 -8.67 -40.44
C GLN D 150 -16.94 -7.55 -40.34
N GLY D 151 -17.13 -6.48 -41.10
CA GLY D 151 -16.19 -5.35 -41.08
C GLY D 151 -16.52 -4.38 -39.95
N SER D 152 -15.62 -3.46 -39.66
CA SER D 152 -15.89 -2.43 -38.63
C SER D 152 -16.11 -3.08 -37.26
N GLU D 153 -16.61 -2.31 -36.31
CA GLU D 153 -16.91 -2.84 -34.96
C GLU D 153 -15.69 -3.60 -34.41
N TYR D 154 -14.51 -3.01 -34.47
CA TYR D 154 -13.34 -3.64 -33.83
C TYR D 154 -13.35 -3.23 -32.36
N ARG D 155 -12.68 -3.98 -31.48
CA ARG D 155 -12.58 -3.58 -30.06
C ARG D 155 -11.11 -3.67 -29.64
N LEU D 156 -10.74 -3.04 -28.54
CA LEU D 156 -9.31 -3.02 -28.15
C LEU D 156 -8.94 -4.39 -27.58
N ILE D 157 -7.85 -4.97 -28.05
CA ILE D 157 -7.38 -6.26 -27.55
C ILE D 157 -7.17 -6.19 -26.04
N ASN D 158 -7.28 -7.36 -25.39
CA ASN D 158 -7.11 -7.51 -23.95
C ASN D 158 -8.22 -6.83 -23.17
N CYS D 159 -9.26 -6.34 -23.84
CA CYS D 159 -10.37 -5.72 -23.13
C CYS D 159 -11.22 -6.78 -22.45
N ASN D 160 -11.21 -8.00 -22.97
CA ASN D 160 -11.96 -9.12 -22.42
C ASN D 160 -11.16 -9.93 -21.41
N THR D 161 -9.94 -9.49 -21.04
CA THR D 161 -9.12 -10.22 -20.08
C THR D 161 -8.48 -9.36 -19.00
N SER D 162 -8.28 -8.05 -19.21
CA SER D 162 -7.66 -7.23 -18.20
C SER D 162 -7.97 -5.76 -18.46
N ALA D 163 -7.68 -4.93 -17.45
CA ALA D 163 -7.90 -3.49 -17.53
C ALA D 163 -6.66 -2.86 -18.15
N ILE D 164 -6.86 -2.08 -19.21
CA ILE D 164 -5.74 -1.43 -19.89
C ILE D 164 -5.27 -0.25 -19.06
N THR D 165 -3.96 -0.14 -18.89
CA THR D 165 -3.33 0.94 -18.13
C THR D 165 -2.29 1.60 -19.01
N GLN D 166 -2.31 2.94 -19.09
CA GLN D 166 -1.33 3.68 -19.92
C GLN D 166 -0.06 3.93 -19.09
N ALA D 167 1.09 3.97 -19.76
CA ALA D 167 2.38 4.26 -19.06
C ALA D 167 2.54 5.77 -18.95
N CYS D 168 2.80 6.27 -17.73
CA CYS D 168 2.88 7.74 -17.53
C CYS D 168 3.92 8.23 -18.54
N PRO D 169 3.59 9.17 -19.45
CA PRO D 169 4.52 9.55 -20.52
C PRO D 169 5.91 9.90 -20.04
N LYS D 170 6.03 10.46 -18.84
CA LYS D 170 7.36 10.93 -18.36
C LYS D 170 8.29 9.76 -18.04
N VAL D 171 7.84 8.80 -17.23
CA VAL D 171 8.72 7.72 -16.80
C VAL D 171 9.17 6.98 -18.05
N SER D 172 10.48 6.92 -18.27
CA SER D 172 11.04 6.27 -19.44
C SER D 172 11.37 4.80 -19.17
N PHE D 173 11.35 4.02 -20.25
CA PHE D 173 11.65 2.60 -20.18
C PHE D 173 13.14 2.30 -20.31
N GLU D 174 13.99 3.32 -20.22
CA GLU D 174 15.44 3.17 -20.35
C GLU D 174 15.96 2.14 -19.35
N PRO D 175 16.54 1.00 -19.79
CA PRO D 175 17.03 0.03 -18.80
C PRO D 175 18.37 0.42 -18.19
N ILE D 176 18.33 1.34 -17.22
CA ILE D 176 19.54 1.79 -16.56
C ILE D 176 20.06 0.67 -15.66
N PRO D 177 21.34 0.64 -15.31
CA PRO D 177 21.85 -0.46 -14.47
C PRO D 177 21.28 -0.43 -13.06
N ILE D 178 21.16 -1.62 -12.48
CA ILE D 178 20.68 -1.82 -11.11
C ILE D 178 21.57 -2.85 -10.45
N HIS D 179 22.05 -2.54 -9.25
CA HIS D 179 22.93 -3.43 -8.50
C HIS D 179 22.12 -4.14 -7.43
N TYR D 180 22.18 -5.47 -7.42
CA TYR D 180 21.46 -6.29 -6.45
C TYR D 180 22.39 -6.59 -5.28
N CYS D 181 22.15 -5.94 -4.15
CA CYS D 181 22.96 -6.12 -2.96
C CYS D 181 22.16 -6.77 -1.84
N THR D 182 22.80 -7.72 -1.16
CA THR D 182 22.31 -8.51 -0.05
C THR D 182 22.56 -7.77 1.27
N PRO D 183 21.73 -7.93 2.29
CA PRO D 183 21.98 -7.23 3.55
C PRO D 183 23.26 -7.71 4.22
N ALA D 184 23.61 -7.05 5.31
CA ALA D 184 24.81 -7.40 6.06
C ALA D 184 24.70 -8.84 6.58
N GLY D 185 25.85 -9.48 6.75
CA GLY D 185 25.90 -10.85 7.20
C GLY D 185 25.85 -11.87 6.09
N PHE D 186 25.65 -11.44 4.85
CA PHE D 186 25.58 -12.29 3.68
C PHE D 186 26.64 -11.82 2.68
N ALA D 187 26.83 -12.61 1.62
CA ALA D 187 27.82 -12.25 0.61
C ALA D 187 27.47 -12.93 -0.70
N ILE D 188 27.87 -12.29 -1.79
CA ILE D 188 27.64 -12.78 -3.15
C ILE D 188 28.99 -13.12 -3.75
N LEU D 189 29.19 -14.40 -4.06
CA LEU D 189 30.44 -14.86 -4.64
C LEU D 189 30.42 -14.65 -6.14
N LYS D 190 31.52 -14.10 -6.67
CA LYS D 190 31.65 -13.80 -8.10
C LYS D 190 32.67 -14.74 -8.71
N CYS D 191 32.30 -15.39 -9.82
CA CYS D 191 33.18 -16.30 -10.53
C CYS D 191 33.89 -15.54 -11.64
N LYS D 192 35.23 -15.53 -11.59
CA LYS D 192 36.05 -14.82 -12.57
C LYS D 192 36.75 -15.74 -13.56
N ASP D 193 36.42 -17.03 -13.58
CA ASP D 193 37.08 -17.95 -14.52
C ASP D 193 36.74 -17.59 -15.95
N GLU D 194 37.77 -17.56 -16.81
CA GLU D 194 37.60 -17.23 -18.22
C GLU D 194 36.82 -18.34 -18.92
N GLY D 195 35.75 -17.96 -19.63
CA GLY D 195 34.91 -18.96 -20.30
C GLY D 195 34.29 -19.96 -19.33
N PHE D 196 33.56 -19.49 -18.33
CA PHE D 196 32.85 -20.42 -17.41
C PHE D 196 31.76 -21.13 -18.22
N ASN D 197 31.51 -22.41 -17.93
CA ASN D 197 30.53 -23.19 -18.75
C ASN D 197 29.17 -23.18 -18.06
N GLY D 198 28.96 -22.29 -17.10
CA GLY D 198 27.65 -22.19 -16.43
C GLY D 198 27.62 -22.94 -15.12
N THR D 199 27.94 -24.24 -15.15
CA THR D 199 27.88 -25.04 -13.94
C THR D 199 29.22 -25.73 -13.75
N GLY D 200 29.67 -25.85 -12.51
CA GLY D 200 30.92 -26.49 -12.18
C GLY D 200 31.62 -25.80 -11.04
N LEU D 201 32.88 -26.15 -10.86
CA LEU D 201 33.72 -25.58 -9.80
C LEU D 201 34.52 -24.43 -10.40
N CYS D 202 34.27 -23.22 -9.92
CA CYS D 202 34.97 -22.03 -10.41
C CYS D 202 36.32 -21.94 -9.69
N LYS D 203 37.40 -22.06 -10.44
CA LYS D 203 38.75 -22.01 -9.87
C LYS D 203 39.26 -20.58 -9.67
N ASN D 204 38.51 -19.56 -10.10
CA ASN D 204 38.90 -18.16 -9.96
C ASN D 204 37.67 -17.45 -9.40
N VAL D 205 37.55 -17.44 -8.07
CA VAL D 205 36.42 -16.84 -7.38
C VAL D 205 36.89 -15.57 -6.68
N SER D 206 35.96 -14.63 -6.53
CA SER D 206 36.20 -13.36 -5.87
C SER D 206 34.94 -12.92 -5.15
N THR D 207 35.11 -12.46 -3.92
CA THR D 207 33.98 -11.99 -3.12
C THR D 207 33.76 -10.51 -3.32
N VAL D 208 32.53 -10.14 -3.61
CA VAL D 208 32.13 -8.75 -3.83
C VAL D 208 30.95 -8.47 -2.93
N GLN D 209 30.85 -7.23 -2.43
CA GLN D 209 29.73 -6.90 -1.57
C GLN D 209 28.41 -7.12 -2.30
N CYS D 210 28.37 -6.80 -3.60
CA CYS D 210 27.17 -7.04 -4.38
C CYS D 210 27.49 -6.93 -5.87
N THR D 211 26.57 -7.49 -6.66
CA THR D 211 26.68 -7.54 -8.12
C THR D 211 26.92 -6.17 -8.76
N HIS D 212 27.45 -6.20 -9.98
CA HIS D 212 27.72 -4.98 -10.73
C HIS D 212 26.43 -4.47 -11.37
N GLY D 213 26.55 -3.36 -12.09
CA GLY D 213 25.41 -2.76 -12.75
C GLY D 213 24.85 -3.69 -13.82
N ILE D 214 23.65 -4.21 -13.59
CA ILE D 214 22.99 -5.11 -14.53
C ILE D 214 21.86 -4.37 -15.20
N LYS D 215 21.88 -4.32 -16.54
CA LYS D 215 20.83 -3.65 -17.27
C LYS D 215 19.61 -4.55 -17.34
N PRO D 216 18.42 -4.13 -16.84
CA PRO D 216 17.25 -5.01 -16.87
C PRO D 216 16.48 -5.05 -18.18
N VAL D 217 17.12 -4.65 -19.28
CA VAL D 217 16.48 -4.63 -20.61
C VAL D 217 15.67 -5.89 -20.84
N VAL D 218 14.41 -5.70 -21.22
CA VAL D 218 13.47 -6.80 -21.46
C VAL D 218 13.47 -7.15 -22.93
N SER D 219 13.71 -8.42 -23.23
CA SER D 219 13.73 -8.90 -24.61
C SER D 219 13.62 -10.43 -24.56
N THR D 220 13.29 -11.02 -25.71
CA THR D 220 13.17 -12.47 -25.80
C THR D 220 13.69 -12.89 -27.17
N GLN D 221 14.25 -14.09 -27.22
CA GLN D 221 14.81 -14.70 -28.43
C GLN D 221 16.16 -14.10 -28.81
N LEU D 222 16.59 -13.05 -28.13
CA LEU D 222 17.87 -12.39 -28.39
C LEU D 222 18.21 -11.49 -27.22
N LEU D 223 19.39 -11.69 -26.66
CA LEU D 223 19.88 -10.89 -25.54
C LEU D 223 20.62 -9.68 -26.10
N LEU D 224 20.28 -8.49 -25.60
CA LEU D 224 20.87 -7.25 -26.05
C LEU D 224 21.45 -6.47 -24.89
N ASN D 225 22.49 -5.69 -25.19
CA ASN D 225 23.20 -4.83 -24.25
C ASN D 225 23.71 -5.57 -23.02
N GLY D 226 23.90 -6.89 -23.12
CA GLY D 226 24.39 -7.67 -21.99
C GLY D 226 25.90 -7.70 -21.97
N SER D 227 26.42 -8.60 -21.14
CA SER D 227 27.87 -8.76 -21.03
C SER D 227 28.40 -9.68 -22.12
N LEU D 228 29.59 -9.37 -22.61
CA LEU D 228 30.22 -10.15 -23.66
C LEU D 228 31.16 -11.19 -23.06
N ALA D 229 31.44 -12.24 -23.83
CA ALA D 229 32.33 -13.28 -23.35
C ALA D 229 33.76 -12.74 -23.25
N GLU D 230 34.63 -13.54 -22.64
CA GLU D 230 36.02 -13.13 -22.45
C GLU D 230 36.85 -13.35 -23.71
N LYS D 231 36.93 -14.60 -24.18
CA LYS D 231 37.74 -14.93 -25.35
C LYS D 231 37.05 -15.78 -26.41
N ASN D 232 35.96 -16.49 -26.09
CA ASN D 232 35.32 -17.33 -27.09
C ASN D 232 33.85 -17.51 -26.74
N ILE D 233 33.07 -17.93 -27.74
CA ILE D 233 31.65 -18.16 -27.55
C ILE D 233 31.48 -19.33 -26.59
N ILE D 234 30.56 -19.17 -25.64
CA ILE D 234 30.27 -20.18 -24.63
C ILE D 234 28.78 -20.49 -24.64
N ILE D 235 28.46 -21.77 -24.46
CA ILE D 235 27.09 -22.27 -24.45
C ILE D 235 26.79 -22.77 -23.05
N ARG D 236 25.60 -22.48 -22.56
CA ARG D 236 25.15 -22.90 -21.23
C ARG D 236 23.80 -23.59 -21.30
N SER D 237 23.66 -24.66 -20.52
CA SER D 237 22.42 -25.42 -20.47
C SER D 237 22.50 -26.38 -19.30
N GLU D 238 21.40 -26.46 -18.54
CA GLU D 238 21.39 -27.39 -17.41
C GLU D 238 21.49 -28.82 -17.89
N ASN D 239 20.86 -29.13 -19.02
CA ASN D 239 20.92 -30.46 -19.62
C ASN D 239 20.85 -30.18 -21.12
N ILE D 240 22.02 -30.03 -21.74
CA ILE D 240 22.09 -29.73 -23.16
C ILE D 240 21.45 -30.82 -24.00
N THR D 241 21.46 -32.05 -23.52
CA THR D 241 20.84 -33.14 -24.28
C THR D 241 19.32 -33.09 -24.21
N ASN D 242 18.76 -32.39 -23.23
CA ASN D 242 17.32 -32.28 -23.06
C ASN D 242 16.79 -31.19 -23.99
N ASN D 243 15.71 -31.50 -24.71
CA ASN D 243 15.13 -30.53 -25.64
C ASN D 243 14.30 -29.48 -24.91
N ALA D 244 13.64 -29.86 -23.81
CA ALA D 244 12.80 -28.93 -23.06
C ALA D 244 13.59 -27.89 -22.29
N LYS D 245 14.92 -28.02 -22.19
CA LYS D 245 15.74 -27.07 -21.44
C LYS D 245 16.38 -26.06 -22.39
N ILE D 246 16.25 -24.79 -22.04
CA ILE D 246 16.77 -23.67 -22.82
C ILE D 246 18.29 -23.76 -22.93
N ILE D 247 18.82 -23.26 -24.04
CA ILE D 247 20.26 -23.25 -24.32
C ILE D 247 20.66 -21.78 -24.47
N ILE D 248 21.26 -21.22 -23.42
CA ILE D 248 21.68 -19.82 -23.41
C ILE D 248 23.08 -19.75 -24.00
N VAL D 249 23.23 -18.94 -25.04
CA VAL D 249 24.51 -18.74 -25.73
C VAL D 249 24.95 -17.30 -25.55
N GLN D 250 26.25 -17.12 -25.33
CA GLN D 250 26.85 -15.80 -25.13
C GLN D 250 27.93 -15.59 -26.19
N LEU D 251 27.95 -14.41 -26.79
CA LEU D 251 28.91 -14.06 -27.82
C LEU D 251 30.10 -13.31 -27.25
N VAL D 252 31.23 -13.39 -27.94
CA VAL D 252 32.44 -12.69 -27.52
C VAL D 252 32.53 -11.34 -28.22
N GLN D 253 32.02 -11.24 -29.45
CA GLN D 253 32.03 -10.02 -30.23
C GLN D 253 30.58 -9.57 -30.42
N PRO D 254 30.24 -8.32 -30.13
CA PRO D 254 28.84 -7.90 -30.29
C PRO D 254 28.47 -7.69 -31.75
N VAL D 255 27.22 -7.99 -32.07
CA VAL D 255 26.67 -7.83 -33.41
C VAL D 255 25.71 -6.66 -33.34
N THR D 256 26.15 -5.49 -33.79
CA THR D 256 25.32 -4.29 -33.76
C THR D 256 24.05 -4.49 -34.56
N ILE D 257 22.93 -4.04 -34.00
CA ILE D 257 21.62 -4.13 -34.63
C ILE D 257 20.96 -2.76 -34.58
N LYS D 258 20.52 -2.27 -35.72
CA LYS D 258 19.88 -0.96 -35.85
C LYS D 258 18.44 -1.15 -36.29
N CYS D 259 17.52 -0.45 -35.63
CA CYS D 259 16.10 -0.54 -35.93
C CYS D 259 15.53 0.87 -36.11
N ILE D 260 14.36 0.95 -36.75
CA ILE D 260 13.71 2.28 -36.95
C ILE D 260 12.25 2.11 -37.40
N ARG D 261 11.34 2.90 -36.85
CA ARG D 261 9.95 2.87 -37.36
C ARG D 261 9.80 4.14 -38.21
N PRO D 262 9.93 4.07 -39.55
CA PRO D 262 9.93 5.28 -40.36
C PRO D 262 8.81 6.27 -40.09
N ASN D 263 7.63 5.80 -39.68
CA ASN D 263 6.46 6.71 -39.50
C ASN D 263 6.86 7.90 -38.62
N ASN D 264 6.52 9.12 -39.05
CA ASN D 264 6.82 10.34 -38.23
C ASN D 264 6.02 10.26 -36.94
N ASN D 265 4.82 9.67 -36.98
CA ASN D 265 4.01 9.47 -35.79
C ASN D 265 3.69 10.72 -34.97
N THR D 266 2.89 11.63 -35.51
CA THR D 266 2.50 12.81 -34.75
C THR D 266 1.59 12.38 -33.62
N VAL D 267 1.91 12.78 -32.40
CA VAL D 267 1.14 12.41 -31.22
C VAL D 267 0.10 13.47 -30.88
N LYS D 268 -1.07 13.01 -30.43
CA LYS D 268 -2.18 13.85 -30.01
C LYS D 268 -2.59 13.42 -28.61
N SER D 269 -3.14 14.36 -27.84
CA SER D 269 -3.55 14.09 -26.47
C SER D 269 -4.97 14.61 -26.21
N ILE D 270 -5.69 13.88 -25.37
CA ILE D 270 -7.05 14.22 -24.97
C ILE D 270 -7.18 13.92 -23.48
N ARG D 271 -8.14 14.59 -22.84
CA ARG D 271 -8.40 14.43 -21.42
C ARG D 271 -9.64 13.57 -21.21
N ILE D 272 -9.44 12.32 -20.79
CA ILE D 272 -10.52 11.40 -20.49
C ILE D 272 -10.73 11.44 -18.99
N GLY D 273 -11.95 11.71 -18.55
CA GLY D 273 -12.23 11.79 -17.15
C GLY D 273 -11.58 13.02 -16.54
N PRO D 274 -11.86 13.31 -15.27
CA PRO D 274 -11.27 14.48 -14.63
C PRO D 274 -9.79 14.30 -14.35
N GLY D 275 -8.96 15.09 -15.03
CA GLY D 275 -7.53 15.06 -14.84
C GLY D 275 -6.71 14.08 -15.67
N GLN D 276 -7.21 12.86 -15.85
CA GLN D 276 -6.47 11.88 -16.62
C GLN D 276 -6.40 12.27 -18.09
N ALA D 277 -5.23 12.02 -18.69
CA ALA D 277 -4.99 12.33 -20.09
C ALA D 277 -4.63 11.04 -20.83
N PHE D 278 -4.93 11.01 -22.12
CA PHE D 278 -4.67 9.85 -22.96
C PHE D 278 -3.97 10.31 -24.24
N TYR D 279 -2.86 9.65 -24.57
CA TYR D 279 -2.06 9.95 -25.75
C TYR D 279 -2.29 8.89 -26.81
N TYR D 280 -2.28 9.29 -28.08
CA TYR D 280 -2.49 8.37 -29.18
C TYR D 280 -1.90 8.95 -30.45
N THR D 281 -1.85 8.11 -31.49
CA THR D 281 -1.32 8.49 -32.79
C THR D 281 -2.44 9.17 -33.57
N GLY D 282 -2.30 10.47 -33.79
CA GLY D 282 -3.32 11.23 -34.50
C GLY D 282 -3.21 11.16 -36.01
N ASP D 283 -2.03 11.44 -36.54
CA ASP D 283 -1.81 11.42 -37.98
C ASP D 283 -0.37 11.05 -38.25
N ILE D 284 -0.12 10.57 -39.47
CA ILE D 284 1.22 10.16 -39.92
C ILE D 284 1.62 11.08 -41.06
N ILE D 285 2.75 11.75 -40.90
CA ILE D 285 3.27 12.64 -41.93
C ILE D 285 4.26 11.85 -42.78
N GLY D 286 4.06 11.92 -44.10
CA GLY D 286 4.92 11.19 -45.01
C GLY D 286 4.37 9.81 -45.31
N ASP D 287 5.18 9.04 -46.04
CA ASP D 287 4.78 7.69 -46.42
C ASP D 287 4.91 6.74 -45.25
N ILE D 288 3.94 5.82 -45.14
CA ILE D 288 3.96 4.83 -44.06
C ILE D 288 4.83 3.66 -44.50
N ARG D 289 5.78 3.28 -43.67
CA ARG D 289 6.69 2.18 -43.96
C ARG D 289 6.75 1.22 -42.78
N GLN D 290 6.94 -0.06 -43.10
CA GLN D 290 7.01 -1.10 -42.09
C GLN D 290 8.29 -0.98 -41.28
N ALA D 291 8.18 -1.14 -39.97
CA ALA D 291 9.36 -1.07 -39.11
C ALA D 291 10.25 -2.27 -39.39
N HIS D 292 11.56 -2.07 -39.28
CA HIS D 292 12.50 -3.15 -39.55
C HIS D 292 13.78 -2.92 -38.77
N CYS D 293 14.63 -3.95 -38.77
CA CYS D 293 15.92 -3.94 -38.09
C CYS D 293 16.99 -4.42 -39.05
N ASN D 294 18.20 -3.89 -38.90
CA ASN D 294 19.34 -4.24 -39.74
C ASN D 294 20.45 -4.90 -38.94
N VAL D 295 21.17 -5.79 -39.61
CA VAL D 295 22.31 -6.51 -39.05
C VAL D 295 23.23 -6.81 -40.22
N THR D 296 24.53 -6.59 -40.03
CA THR D 296 25.49 -6.84 -41.10
C THR D 296 25.48 -8.32 -41.43
N ARG D 297 25.32 -8.65 -42.72
CA ARG D 297 25.28 -10.04 -43.13
C ARG D 297 26.60 -10.74 -42.83
N SER D 298 27.72 -10.07 -43.10
CA SER D 298 29.03 -10.67 -42.86
C SER D 298 29.24 -10.97 -41.38
N ARG D 299 28.85 -10.03 -40.51
CA ARG D 299 29.04 -10.23 -39.08
C ARG D 299 28.12 -11.33 -38.55
N TRP D 300 26.83 -11.28 -38.89
CA TRP D 300 25.90 -12.30 -38.40
C TRP D 300 26.22 -13.66 -38.98
N ASN D 301 26.56 -13.72 -40.27
CA ASN D 301 26.88 -15.00 -40.89
C ASN D 301 28.08 -15.64 -40.22
N LYS D 302 29.06 -14.82 -39.82
CA LYS D 302 30.24 -15.35 -39.15
C LYS D 302 29.90 -15.79 -37.73
N THR D 303 28.96 -15.11 -37.08
CA THR D 303 28.57 -15.47 -35.72
C THR D 303 27.98 -16.87 -35.68
N LEU D 304 27.12 -17.19 -36.66
CA LEU D 304 26.53 -18.53 -36.70
C LEU D 304 27.61 -19.58 -36.95
N GLN D 305 28.64 -19.22 -37.71
CA GLN D 305 29.72 -20.17 -37.99
C GLN D 305 30.42 -20.56 -36.69
N GLU D 306 30.77 -19.57 -35.87
CA GLU D 306 31.43 -19.86 -34.60
C GLU D 306 30.47 -20.54 -33.65
N VAL D 307 29.20 -20.14 -33.66
CA VAL D 307 28.21 -20.76 -32.78
C VAL D 307 28.06 -22.24 -33.14
N ALA D 308 27.95 -22.53 -34.44
CA ALA D 308 27.85 -23.92 -34.88
C ALA D 308 29.15 -24.66 -34.61
N GLU D 309 30.28 -23.97 -34.74
CA GLU D 309 31.57 -24.59 -34.49
C GLU D 309 31.67 -25.05 -33.04
N LYS D 310 31.20 -24.21 -32.12
CA LYS D 310 31.27 -24.55 -30.67
C LYS D 310 30.17 -25.58 -30.36
N LEU D 311 29.02 -25.47 -31.01
CA LEU D 311 27.92 -26.38 -30.70
C LEU D 311 28.29 -27.82 -31.04
N ARG D 312 29.22 -28.01 -31.97
CA ARG D 312 29.63 -29.35 -32.35
C ARG D 312 30.51 -30.00 -31.29
N THR D 313 31.03 -29.22 -30.35
CA THR D 313 31.85 -29.79 -29.29
C THR D 313 31.04 -30.55 -28.25
N TYR D 314 29.88 -30.03 -27.85
CA TYR D 314 29.02 -30.69 -26.89
C TYR D 314 28.32 -31.90 -27.47
N PHE D 315 27.95 -31.83 -28.75
CA PHE D 315 27.30 -32.92 -29.47
C PHE D 315 28.35 -33.61 -30.33
N GLY D 316 27.91 -34.53 -31.18
CA GLY D 316 28.83 -35.22 -32.06
C GLY D 316 29.27 -34.32 -33.19
N ASN D 317 29.63 -34.95 -34.30
CA ASN D 317 30.06 -34.21 -35.49
C ASN D 317 28.87 -34.00 -36.42
N LYS D 318 27.65 -34.07 -35.89
CA LYS D 318 26.46 -33.88 -36.69
C LYS D 318 26.38 -32.45 -37.21
N THR D 319 25.70 -32.29 -38.35
CA THR D 319 25.55 -30.96 -38.93
C THR D 319 24.53 -30.16 -38.13
N ILE D 320 24.81 -28.88 -37.94
CA ILE D 320 23.96 -27.97 -37.18
C ILE D 320 23.22 -27.08 -38.18
N ILE D 321 21.91 -27.00 -38.05
CA ILE D 321 21.06 -26.18 -38.90
C ILE D 321 20.14 -25.36 -38.01
N PHE D 322 19.70 -24.21 -38.53
CA PHE D 322 18.83 -23.29 -37.80
C PHE D 322 17.51 -23.14 -38.55
N ALA D 323 16.41 -23.07 -37.80
CA ALA D 323 15.07 -22.94 -38.35
C ALA D 323 14.49 -21.59 -37.93
N ASN D 324 13.32 -21.26 -38.47
CA ASN D 324 12.65 -19.99 -38.17
C ASN D 324 11.61 -20.13 -37.06
N SER D 325 12.11 -20.33 -35.84
CA SER D 325 11.27 -20.44 -34.65
C SER D 325 10.28 -21.61 -34.74
N SER D 326 9.42 -21.73 -33.72
CA SER D 326 8.42 -22.79 -33.69
C SER D 326 7.08 -22.36 -34.27
N GLY D 327 6.67 -21.12 -34.03
CA GLY D 327 5.41 -20.62 -34.54
C GLY D 327 4.31 -20.59 -33.50
N GLY D 328 3.48 -19.55 -33.52
CA GLY D 328 2.40 -19.41 -32.57
C GLY D 328 2.12 -17.96 -32.20
N ASP D 329 2.05 -17.68 -30.89
CA ASP D 329 1.79 -16.33 -30.43
C ASP D 329 2.95 -15.39 -30.80
N LEU D 330 2.62 -14.12 -30.99
CA LEU D 330 3.62 -13.13 -31.36
C LEU D 330 4.55 -12.79 -30.21
N GLU D 331 4.03 -12.80 -28.97
CA GLU D 331 4.82 -12.45 -27.81
C GLU D 331 5.97 -13.42 -27.53
N ILE D 332 5.91 -14.66 -28.02
CA ILE D 332 6.94 -15.65 -27.77
C ILE D 332 7.65 -16.08 -29.05
N THR D 333 6.98 -16.02 -30.20
CA THR D 333 7.58 -16.46 -31.46
C THR D 333 8.28 -15.35 -32.23
N THR D 334 8.41 -14.15 -31.66
CA THR D 334 9.08 -13.04 -32.32
C THR D 334 10.04 -12.37 -31.35
N HIS D 335 11.09 -11.75 -31.91
CA HIS D 335 12.07 -11.02 -31.08
C HIS D 335 11.44 -9.72 -30.61
N SER D 336 11.13 -9.61 -29.32
CA SER D 336 10.43 -8.41 -28.81
C SER D 336 11.41 -7.58 -27.96
N PHE D 337 11.64 -6.32 -28.34
CA PHE D 337 12.62 -5.49 -27.60
C PHE D 337 12.01 -4.13 -27.33
N ASN D 338 12.40 -3.51 -26.21
CA ASN D 338 11.85 -2.18 -25.83
C ASN D 338 12.92 -1.12 -26.03
N CYS D 339 12.74 -0.23 -27.01
CA CYS D 339 13.70 0.81 -27.30
C CYS D 339 12.97 2.08 -27.74
N GLY D 340 13.59 3.22 -27.41
CA GLY D 340 13.05 4.51 -27.76
C GLY D 340 11.65 4.75 -27.24
N GLY D 341 11.30 4.11 -26.13
CA GLY D 341 9.98 4.27 -25.55
C GLY D 341 8.88 3.51 -26.25
N GLU D 342 9.22 2.64 -27.21
CA GLU D 342 8.24 1.86 -27.96
C GLU D 342 8.68 0.40 -27.98
N PHE D 343 7.69 -0.48 -28.10
CA PHE D 343 7.91 -1.92 -28.11
C PHE D 343 7.73 -2.44 -29.54
N PHE D 344 8.74 -3.17 -30.03
CA PHE D 344 8.73 -3.75 -31.36
C PHE D 344 8.59 -5.26 -31.26
N TYR D 345 8.21 -5.88 -32.36
CA TYR D 345 8.05 -7.32 -32.48
C TYR D 345 8.60 -7.69 -33.85
N CYS D 346 9.87 -8.05 -33.89
CA CYS D 346 10.58 -8.35 -35.13
C CYS D 346 10.55 -9.83 -35.46
N ASN D 347 10.40 -10.12 -36.75
CA ASN D 347 10.38 -11.47 -37.30
C ASN D 347 11.82 -11.88 -37.54
N THR D 348 12.37 -12.70 -36.64
CA THR D 348 13.76 -13.15 -36.72
C THR D 348 13.97 -14.32 -37.67
N SER D 349 13.03 -14.59 -38.58
CA SER D 349 13.21 -15.71 -39.51
C SER D 349 14.40 -15.51 -40.44
N GLY D 350 14.75 -14.25 -40.76
CA GLY D 350 15.86 -14.00 -41.64
C GLY D 350 17.23 -14.32 -41.05
N LEU D 351 17.30 -14.43 -39.72
CA LEU D 351 18.58 -14.73 -39.08
C LEU D 351 18.85 -16.22 -39.02
N PHE D 352 17.88 -16.99 -38.51
CA PHE D 352 18.01 -18.44 -38.36
C PHE D 352 17.53 -19.19 -39.59
N ASN D 353 18.19 -18.98 -40.72
CA ASN D 353 17.86 -19.63 -41.98
C ASN D 353 19.15 -20.11 -42.67
N SER D 354 19.97 -20.86 -41.92
CA SER D 354 21.23 -21.35 -42.49
C SER D 354 21.55 -22.72 -41.94
N THR D 355 22.36 -23.46 -42.70
CA THR D 355 22.82 -24.79 -42.36
C THR D 355 24.34 -24.76 -42.31
N TRP D 356 24.93 -25.57 -41.43
CA TRP D 356 26.38 -25.60 -41.26
C TRP D 356 26.89 -27.04 -41.19
N TYR D 357 28.11 -27.21 -41.68
CA TYR D 357 28.76 -28.55 -41.64
C TYR D 357 30.11 -28.39 -40.99
N VAL D 358 30.93 -29.44 -41.04
CA VAL D 358 32.28 -29.37 -40.48
C VAL D 358 33.21 -28.56 -41.39
N ASN D 359 32.97 -28.60 -42.70
CA ASN D 359 33.80 -27.85 -43.63
C ASN D 359 33.68 -26.36 -43.40
N SER D 360 32.45 -25.87 -43.23
CA SER D 360 32.19 -24.46 -43.01
C SER D 360 30.77 -24.25 -42.54
N ASN D 372 23.53 -2.27 -48.20
CA ASN D 372 24.25 -2.97 -49.25
C ASN D 372 24.31 -4.47 -48.95
N ASP D 373 24.67 -4.79 -47.70
CA ASP D 373 24.77 -6.18 -47.26
C ASP D 373 24.17 -6.38 -45.86
N THR D 374 23.01 -5.76 -45.59
CA THR D 374 22.37 -5.88 -44.29
C THR D 374 21.12 -6.74 -44.39
N ILE D 375 20.94 -7.62 -43.40
CA ILE D 375 19.77 -8.50 -43.36
C ILE D 375 18.63 -7.74 -42.71
N THR D 376 17.56 -7.51 -43.46
CA THR D 376 16.40 -6.78 -42.96
C THR D 376 15.45 -7.73 -42.25
N LEU D 377 15.01 -7.32 -41.05
CA LEU D 377 14.09 -8.09 -40.22
C LEU D 377 12.78 -7.35 -40.12
N PRO D 378 11.68 -7.75 -40.77
CA PRO D 378 10.43 -7.01 -40.62
C PRO D 378 9.96 -6.99 -39.17
N CYS D 379 9.40 -5.85 -38.76
CA CYS D 379 8.92 -5.69 -37.39
C CYS D 379 7.56 -5.01 -37.39
N ARG D 380 6.81 -5.27 -36.32
CA ARG D 380 5.49 -4.71 -36.12
C ARG D 380 5.42 -4.03 -34.76
N ILE D 381 4.88 -2.81 -34.74
CA ILE D 381 4.76 -2.07 -33.50
C ILE D 381 3.54 -2.57 -32.73
N LYS D 382 3.60 -2.47 -31.41
CA LYS D 382 2.50 -2.90 -30.56
C LYS D 382 2.46 -2.03 -29.32
N GLN D 383 1.26 -1.51 -29.02
CA GLN D 383 1.05 -0.68 -27.84
C GLN D 383 0.48 -1.46 -26.67
N ILE D 384 -0.52 -2.29 -26.91
CA ILE D 384 -1.11 -3.13 -25.87
C ILE D 384 -0.19 -4.33 -25.71
N ILE D 385 0.42 -4.48 -24.53
CA ILE D 385 1.35 -5.57 -24.28
C ILE D 385 1.12 -6.22 -22.92
N ASN D 386 1.64 -7.44 -22.79
CA ASN D 386 1.57 -8.27 -21.58
C ASN D 386 2.97 -8.83 -21.34
N MET D 387 3.95 -7.92 -21.27
CA MET D 387 5.37 -8.25 -21.10
C MET D 387 5.67 -9.46 -20.22
N TRP D 388 5.11 -9.51 -19.01
CA TRP D 388 5.36 -10.63 -18.10
C TRP D 388 4.46 -11.83 -18.35
N GLN D 389 3.79 -11.91 -19.50
CA GLN D 389 2.92 -13.02 -19.85
C GLN D 389 1.75 -13.19 -18.89
N ARG D 390 1.42 -12.15 -18.11
CA ARG D 390 0.30 -12.24 -17.20
C ARG D 390 -0.98 -11.77 -17.88
N ALA D 391 -2.05 -12.56 -17.71
CA ALA D 391 -3.33 -12.20 -18.32
C ALA D 391 -4.13 -11.26 -17.43
N GLY D 392 -3.70 -11.05 -16.18
CA GLY D 392 -4.44 -10.18 -15.27
C GLY D 392 -4.09 -8.71 -15.39
N GLN D 393 -3.02 -8.36 -16.10
CA GLN D 393 -2.60 -6.98 -16.27
C GLN D 393 -2.31 -6.71 -17.75
N ALA D 394 -2.51 -5.46 -18.16
CA ALA D 394 -2.29 -5.02 -19.53
C ALA D 394 -1.57 -3.69 -19.53
N MET D 395 -0.58 -3.54 -20.41
CA MET D 395 0.18 -2.30 -20.53
C MET D 395 -0.08 -1.67 -21.88
N TYR D 396 -0.25 -0.35 -21.88
CA TYR D 396 -0.46 0.43 -23.09
C TYR D 396 0.68 1.42 -23.21
N ALA D 397 1.56 1.20 -24.18
CA ALA D 397 2.69 2.09 -24.39
C ALA D 397 2.24 3.31 -25.16
N PRO D 398 2.37 4.53 -24.62
CA PRO D 398 1.93 5.71 -25.38
C PRO D 398 2.79 5.92 -26.60
N PRO D 399 2.24 6.40 -27.72
CA PRO D 399 3.07 6.61 -28.90
C PRO D 399 4.07 7.73 -28.68
N ILE D 400 5.31 7.49 -29.11
CA ILE D 400 6.40 8.45 -28.95
C ILE D 400 6.39 9.39 -30.16
N PRO D 401 6.44 10.72 -29.98
CA PRO D 401 6.43 11.59 -31.15
C PRO D 401 7.70 11.49 -31.98
N GLY D 402 7.57 11.79 -33.26
CA GLY D 402 8.69 11.76 -34.17
C GLY D 402 9.25 10.36 -34.40
N VAL D 403 10.06 10.25 -35.45
CA VAL D 403 10.69 8.98 -35.77
C VAL D 403 11.64 8.60 -34.64
N ILE D 404 11.78 7.30 -34.41
CA ILE D 404 12.64 6.77 -33.36
C ILE D 404 13.61 5.76 -33.95
N LYS D 405 14.89 5.91 -33.58
CA LYS D 405 15.97 5.04 -34.02
C LYS D 405 16.57 4.36 -32.80
N CYS D 406 16.98 3.10 -32.97
CA CYS D 406 17.57 2.33 -31.88
C CYS D 406 18.76 1.55 -32.38
N GLU D 407 19.89 1.69 -31.68
CA GLU D 407 21.12 0.98 -31.99
C GLU D 407 21.54 0.24 -30.74
N SER D 408 21.62 -1.09 -30.83
CA SER D 408 21.99 -1.91 -29.69
C SER D 408 22.98 -2.98 -30.12
N ASN D 409 23.54 -3.65 -29.11
CA ASN D 409 24.53 -4.71 -29.29
C ASN D 409 23.91 -6.04 -28.92
N ILE D 410 24.08 -7.04 -29.78
CA ILE D 410 23.57 -8.38 -29.51
C ILE D 410 24.69 -9.16 -28.82
N THR D 411 24.44 -9.58 -27.57
CA THR D 411 25.43 -10.30 -26.78
C THR D 411 25.05 -11.74 -26.46
N GLY D 412 23.83 -12.17 -26.75
CA GLY D 412 23.45 -13.53 -26.44
C GLY D 412 22.22 -13.95 -27.21
N LEU D 413 22.00 -15.27 -27.27
CA LEU D 413 20.88 -15.85 -27.96
C LEU D 413 20.23 -16.91 -27.10
N LEU D 414 18.92 -17.09 -27.28
CA LEU D 414 18.13 -18.10 -26.57
C LEU D 414 17.77 -19.17 -27.59
N LEU D 415 18.43 -20.34 -27.48
CA LEU D 415 18.23 -21.44 -28.40
C LEU D 415 17.59 -22.63 -27.70
N THR D 416 16.92 -23.46 -28.51
CA THR D 416 16.25 -24.67 -28.02
C THR D 416 16.28 -25.66 -29.17
N ARG D 417 16.93 -26.80 -28.97
CA ARG D 417 17.03 -27.80 -30.01
C ARG D 417 15.76 -28.62 -30.09
N ASP D 418 15.26 -28.80 -31.31
CA ASP D 418 14.05 -29.59 -31.57
C ASP D 418 14.38 -31.04 -31.85
N GLY D 419 15.15 -31.68 -30.98
CA GLY D 419 15.54 -33.06 -31.17
C GLY D 419 14.55 -34.08 -30.63
N GLY D 420 13.26 -33.87 -30.88
CA GLY D 420 12.27 -34.81 -30.41
C GLY D 420 12.30 -36.13 -31.14
N LYS D 421 12.98 -36.20 -32.28
CA LYS D 421 13.10 -37.39 -33.10
C LYS D 421 14.49 -37.99 -32.91
N ASP D 422 14.64 -39.24 -33.37
CA ASP D 422 15.93 -39.93 -33.26
C ASP D 422 16.81 -39.56 -34.45
N ASN D 423 17.18 -38.30 -34.56
CA ASN D 423 18.02 -37.84 -35.66
C ASN D 423 19.39 -38.49 -35.56
N ASN D 424 20.01 -38.74 -36.73
CA ASN D 424 21.31 -39.39 -36.80
C ASN D 424 22.43 -38.46 -37.25
N VAL D 425 22.15 -37.54 -38.18
CA VAL D 425 23.16 -36.63 -38.71
C VAL D 425 22.75 -35.16 -38.58
N ASN D 426 21.48 -34.89 -38.30
CA ASN D 426 20.99 -33.53 -38.17
C ASN D 426 20.80 -33.13 -36.72
N GLU D 427 20.80 -31.81 -36.49
CA GLU D 427 20.60 -31.20 -35.18
C GLU D 427 19.95 -29.85 -35.42
N THR D 428 18.63 -29.80 -35.29
CA THR D 428 17.86 -28.58 -35.52
C THR D 428 17.87 -27.74 -34.25
N PHE D 429 18.29 -26.48 -34.40
CA PHE D 429 18.33 -25.52 -33.30
C PHE D 429 17.35 -24.39 -33.60
N ARG D 430 16.22 -24.40 -32.90
CA ARG D 430 15.18 -23.40 -33.08
C ARG D 430 15.27 -22.33 -32.01
N PRO D 431 15.30 -21.04 -32.34
CA PRO D 431 15.34 -20.02 -31.29
C PRO D 431 14.07 -20.08 -30.47
N GLY D 432 14.17 -19.74 -29.19
CA GLY D 432 12.99 -19.80 -28.36
C GLY D 432 13.21 -19.63 -26.86
N GLY D 433 12.76 -20.61 -26.10
CA GLY D 433 12.84 -20.60 -24.64
C GLY D 433 11.53 -20.19 -24.00
N SER D 434 11.01 -19.02 -24.36
CA SER D 434 9.74 -18.53 -23.85
C SER D 434 9.73 -18.19 -22.36
N ASP D 435 10.86 -18.32 -21.68
CA ASP D 435 10.93 -18.02 -20.25
C ASP D 435 11.64 -16.68 -20.04
N MET D 436 10.96 -15.75 -19.39
CA MET D 436 11.56 -14.43 -19.14
C MET D 436 12.72 -14.53 -18.17
N ARG D 437 12.77 -15.58 -17.35
CA ARG D 437 13.86 -15.66 -16.36
C ARG D 437 15.18 -15.87 -17.12
N ASP D 438 15.13 -16.53 -18.29
CA ASP D 438 16.35 -16.81 -19.03
C ASP D 438 17.15 -15.56 -19.34
N ASN D 439 16.49 -14.41 -19.52
CA ASN D 439 17.22 -13.18 -19.82
C ASN D 439 18.17 -12.82 -18.69
N TRP D 440 17.67 -12.84 -17.45
CA TRP D 440 18.51 -12.48 -16.32
C TRP D 440 19.44 -13.62 -15.93
N ARG D 441 19.08 -14.87 -16.24
CA ARG D 441 19.97 -15.98 -15.92
C ARG D 441 21.24 -15.90 -16.74
N SER D 442 21.16 -15.31 -17.94
CA SER D 442 22.33 -15.16 -18.79
C SER D 442 23.34 -14.16 -18.25
N GLU D 443 22.92 -13.25 -17.38
CA GLU D 443 23.80 -12.25 -16.77
C GLU D 443 24.18 -12.57 -15.34
N LEU D 444 23.28 -13.19 -14.57
CA LEU D 444 23.55 -13.55 -13.18
C LEU D 444 24.22 -14.93 -13.06
N TYR D 445 24.77 -15.45 -14.17
CA TYR D 445 25.43 -16.75 -14.14
C TYR D 445 26.65 -16.76 -13.24
N LYS D 446 27.31 -15.62 -13.08
CA LYS D 446 28.52 -15.51 -12.28
C LYS D 446 28.27 -15.08 -10.84
N TYR D 447 27.05 -15.20 -10.32
CA TYR D 447 26.75 -14.79 -8.95
C TYR D 447 25.99 -15.87 -8.20
N LYS D 448 26.28 -15.96 -6.90
CA LYS D 448 25.65 -16.92 -6.00
C LYS D 448 25.69 -16.33 -4.59
N VAL D 449 24.53 -16.16 -3.98
CA VAL D 449 24.41 -15.60 -2.64
C VAL D 449 24.60 -16.72 -1.62
N VAL D 450 25.41 -16.44 -0.59
CA VAL D 450 25.70 -17.39 0.47
C VAL D 450 25.68 -16.65 1.80
N GLU D 451 25.11 -17.29 2.82
CA GLU D 451 25.03 -16.70 4.14
C GLU D 451 26.32 -16.94 4.90
N ILE D 452 26.83 -15.90 5.55
CA ILE D 452 28.08 -16.03 6.30
C ILE D 452 27.81 -16.73 7.63
N GLU D 453 28.64 -17.73 7.93
CA GLU D 453 28.58 -18.50 9.17
C GLU D 453 29.82 -18.14 9.97
N PRO D 454 29.81 -17.02 10.72
CA PRO D 454 31.01 -16.62 11.45
C PRO D 454 31.35 -17.44 12.69
N LEU D 455 30.67 -18.56 12.93
CA LEU D 455 30.94 -19.42 14.07
C LEU D 455 31.51 -20.74 13.59
N GLY D 456 32.63 -21.15 14.21
CA GLY D 456 33.28 -22.39 13.86
C GLY D 456 33.80 -23.08 15.11
N VAL D 457 34.03 -24.38 14.98
CA VAL D 457 34.53 -25.21 16.07
C VAL D 457 35.63 -26.12 15.54
N ALA D 458 36.66 -26.33 16.36
CA ALA D 458 37.79 -27.18 15.99
C ALA D 458 38.48 -27.62 17.27
N PRO D 459 39.22 -28.74 17.24
CA PRO D 459 39.91 -29.18 18.45
C PRO D 459 41.08 -28.26 18.77
N THR D 460 41.45 -28.23 20.06
CA THR D 460 42.55 -27.38 20.50
C THR D 460 42.97 -27.82 21.91
N ARG D 461 44.26 -27.71 22.17
CA ARG D 461 44.84 -28.07 23.47
C ARG D 461 44.86 -26.82 24.34
N CYS D 462 43.76 -26.57 25.04
CA CYS D 462 43.65 -25.40 25.91
C CYS D 462 42.71 -25.75 27.06
N LYS D 463 42.78 -24.94 28.12
CA LYS D 463 41.98 -25.12 29.32
C LYS D 463 41.50 -23.77 29.80
N ARG D 464 40.19 -23.62 29.97
CA ARG D 464 39.63 -22.36 30.45
C ARG D 464 39.90 -22.23 31.94
N ARG D 465 40.70 -21.22 32.32
CA ARG D 465 41.01 -21.03 33.72
C ARG D 465 39.77 -20.61 34.51
N VAL D 466 39.78 -20.94 35.79
CA VAL D 466 38.68 -20.62 36.68
C VAL D 466 38.54 -19.10 36.82
N LEU E 9 15.69 -30.18 29.64
CA LEU E 9 14.33 -30.76 29.89
C LEU E 9 13.27 -30.08 29.03
N GLY E 10 13.38 -28.77 28.86
CA GLY E 10 12.42 -28.03 28.07
C GLY E 10 12.53 -26.54 28.36
N PHE E 11 11.77 -25.77 27.59
CA PHE E 11 11.77 -24.32 27.75
C PHE E 11 10.82 -23.91 28.88
N LEU E 12 11.35 -23.10 29.80
CA LEU E 12 10.59 -22.59 30.94
C LEU E 12 9.98 -23.71 31.78
N GLY E 13 10.67 -24.84 31.91
CA GLY E 13 10.16 -25.97 32.68
C GLY E 13 10.47 -25.92 34.16
N ALA E 14 11.05 -24.83 34.67
CA ALA E 14 11.40 -24.70 36.08
C ALA E 14 10.76 -23.47 36.71
N ALA E 15 9.60 -23.05 36.22
CA ALA E 15 8.94 -21.86 36.78
C ALA E 15 8.48 -22.12 38.20
N GLY E 16 7.80 -23.24 38.42
CA GLY E 16 7.31 -23.61 39.73
C GLY E 16 8.27 -24.39 40.60
N SER E 17 9.48 -24.64 40.12
CA SER E 17 10.46 -25.38 40.89
C SER E 17 11.06 -24.50 41.97
N THR E 18 11.84 -25.12 42.86
CA THR E 18 12.48 -24.39 43.94
C THR E 18 13.53 -23.43 43.38
N MET E 19 14.00 -22.53 44.25
CA MET E 19 14.99 -21.54 43.85
C MET E 19 16.27 -22.18 43.32
N GLY E 20 16.79 -23.18 44.03
CA GLY E 20 18.03 -23.83 43.60
C GLY E 20 17.90 -24.50 42.25
N ALA E 21 16.80 -25.23 42.04
CA ALA E 21 16.61 -25.92 40.77
C ALA E 21 16.47 -24.96 39.61
N ALA E 22 15.98 -23.75 39.85
CA ALA E 22 15.83 -22.77 38.78
C ALA E 22 17.16 -22.13 38.43
N SER E 23 18.10 -22.10 39.38
CA SER E 23 19.41 -21.49 39.18
C SER E 23 20.41 -22.40 38.47
N ILE E 24 20.02 -23.49 37.80
CA ILE E 24 20.95 -24.38 37.12
C ILE E 24 20.49 -24.70 35.69
N THR E 25 19.31 -24.20 35.28
CA THR E 25 18.79 -24.46 33.94
C THR E 25 18.32 -23.17 33.26
N LEU E 26 19.14 -22.12 33.29
CA LEU E 26 18.77 -20.85 32.68
C LEU E 26 19.29 -20.75 31.25
N THR E 27 20.28 -21.57 30.90
CA THR E 27 20.86 -21.53 29.57
C THR E 27 19.83 -21.85 28.49
N VAL E 28 18.96 -22.83 28.74
CA VAL E 28 17.95 -23.18 27.75
C VAL E 28 16.99 -22.01 27.53
N GLN E 29 16.60 -21.32 28.61
CA GLN E 29 15.70 -20.19 28.48
C GLN E 29 16.36 -19.06 27.69
N ALA E 30 17.63 -18.77 28.00
CA ALA E 30 18.32 -17.72 27.26
C ALA E 30 18.49 -18.11 25.80
N ARG E 31 18.67 -19.40 25.53
CA ARG E 31 18.83 -19.88 24.17
C ARG E 31 17.54 -19.69 23.38
N ASN E 32 16.41 -20.02 23.98
CA ASN E 32 15.11 -19.90 23.33
C ASN E 32 14.54 -18.49 23.37
N LEU E 33 15.19 -17.55 24.08
CA LEU E 33 14.70 -16.19 24.17
C LEU E 33 14.65 -15.50 22.80
N LEU E 34 15.50 -15.92 21.85
CA LEU E 34 15.53 -15.34 20.51
C LEU E 34 15.74 -16.42 19.46
N LEU E 57 -2.26 -12.46 3.04
CA LEU E 57 -1.02 -12.58 2.28
C LEU E 57 -0.09 -11.41 2.59
N THR E 58 -0.46 -10.21 2.13
CA THR E 58 0.36 -9.03 2.39
C THR E 58 0.27 -8.62 3.85
N HIS E 59 -0.86 -8.91 4.50
CA HIS E 59 -1.02 -8.54 5.91
C HIS E 59 -0.02 -9.28 6.80
N TRP E 60 0.31 -10.52 6.45
CA TRP E 60 1.25 -11.28 7.27
C TRP E 60 2.64 -10.66 7.26
N GLY E 61 3.02 -9.97 6.18
CA GLY E 61 4.32 -9.36 6.09
C GLY E 61 4.61 -8.35 7.19
N ILE E 62 3.71 -7.38 7.38
CA ILE E 62 3.93 -6.38 8.43
C ILE E 62 3.78 -7.02 9.80
N LYS E 63 2.84 -7.95 9.96
CA LYS E 63 2.64 -8.59 11.26
C LYS E 63 3.87 -9.38 11.66
N GLN E 64 4.44 -10.14 10.72
CA GLN E 64 5.63 -10.93 11.04
C GLN E 64 6.83 -10.03 11.28
N LEU E 65 6.97 -8.97 10.49
CA LEU E 65 8.09 -8.06 10.65
C LEU E 65 8.00 -7.32 11.99
N GLN E 66 6.83 -6.76 12.30
CA GLN E 66 6.67 -6.05 13.56
C GLN E 66 6.83 -6.97 14.76
N ALA E 67 6.55 -8.27 14.59
CA ALA E 67 6.71 -9.22 15.68
C ALA E 67 8.16 -9.65 15.82
N ARG E 68 8.82 -9.88 14.68
CA ARG E 68 10.23 -10.32 14.69
C ARG E 68 11.08 -9.22 15.34
N VAL E 69 10.89 -7.98 14.93
CA VAL E 69 11.70 -6.89 15.45
C VAL E 69 11.45 -6.70 16.94
N LEU E 70 10.22 -6.98 17.42
CA LEU E 70 9.95 -6.85 18.84
C LEU E 70 10.80 -7.82 19.65
N ALA E 71 11.04 -9.02 19.12
CA ALA E 71 11.88 -9.98 19.82
C ALA E 71 13.29 -9.43 19.97
N VAL E 72 13.81 -8.79 18.92
CA VAL E 72 15.14 -8.20 18.99
C VAL E 72 15.16 -7.10 20.04
N GLU E 73 14.11 -6.27 20.05
CA GLU E 73 14.01 -5.21 21.02
C GLU E 73 13.95 -5.78 22.43
N HIS E 74 13.14 -6.83 22.61
CA HIS E 74 13.02 -7.46 23.93
C HIS E 74 14.34 -8.09 24.37
N TYR E 75 15.02 -8.78 23.45
CA TYR E 75 16.29 -9.40 23.81
C TYR E 75 17.33 -8.35 24.16
N LEU E 76 17.39 -7.28 23.39
CA LEU E 76 18.36 -6.22 23.67
C LEU E 76 17.92 -5.35 24.83
N ARG E 77 16.64 -5.39 25.21
CA ARG E 77 16.16 -4.58 26.33
C ARG E 77 16.91 -4.90 27.60
N ASP E 78 16.98 -6.19 27.96
CA ASP E 78 17.67 -6.62 29.17
C ASP E 78 19.14 -6.95 28.93
N GLN E 79 19.53 -7.27 27.71
CA GLN E 79 20.92 -7.60 27.45
C GLN E 79 21.83 -6.38 27.67
N GLN E 80 21.39 -5.20 27.24
CA GLN E 80 22.21 -4.02 27.45
C GLN E 80 22.38 -3.70 28.93
N LEU E 81 21.37 -4.04 29.74
CA LEU E 81 21.48 -3.79 31.18
C LEU E 81 22.61 -4.61 31.79
N LEU E 82 22.74 -5.87 31.36
CA LEU E 82 23.81 -6.71 31.88
C LEU E 82 25.18 -6.17 31.48
N GLY E 83 25.29 -5.64 30.25
CA GLY E 83 26.56 -5.09 29.82
C GLY E 83 26.99 -3.92 30.66
N ILE E 84 26.03 -3.03 30.98
CA ILE E 84 26.34 -1.89 31.82
C ILE E 84 26.72 -2.35 33.22
N TRP E 85 26.08 -3.43 33.69
CA TRP E 85 26.36 -3.99 35.01
C TRP E 85 27.62 -4.86 35.02
N GLY E 86 28.23 -5.11 33.87
CA GLY E 86 29.43 -5.94 33.83
C GLY E 86 29.18 -7.42 33.98
N CYS E 87 27.97 -7.88 33.64
CA CYS E 87 27.61 -9.30 33.75
C CYS E 87 27.30 -9.92 32.40
N SER E 88 27.93 -9.47 31.32
CA SER E 88 27.68 -10.02 29.99
C SER E 88 28.14 -11.47 29.94
N GLY E 89 27.21 -12.39 29.67
CA GLY E 89 27.52 -13.80 29.59
C GLY E 89 27.55 -14.52 30.93
N LYS E 90 27.70 -13.78 32.03
CA LYS E 90 27.74 -14.36 33.38
C LYS E 90 26.31 -14.43 33.90
N LEU E 91 25.73 -15.62 33.79
CA LEU E 91 24.35 -15.83 34.24
C LEU E 91 24.22 -15.52 35.74
N ILE E 92 24.96 -16.24 36.56
CA ILE E 92 24.77 -16.03 38.02
C ILE E 92 25.72 -14.91 38.40
N CYS E 93 25.56 -13.75 37.77
CA CYS E 93 26.52 -12.64 38.03
C CYS E 93 26.43 -12.15 39.46
N CYS E 94 27.52 -11.58 39.97
CA CYS E 94 27.55 -11.08 41.36
C CYS E 94 27.45 -9.56 41.30
N THR E 95 27.24 -8.89 42.44
CA THR E 95 27.24 -7.41 42.39
C THR E 95 28.10 -6.89 43.53
N ASN E 96 28.19 -5.57 43.65
CA ASN E 96 28.95 -4.97 44.77
C ASN E 96 28.05 -3.93 45.45
N VAL E 97 26.76 -4.24 45.58
CA VAL E 97 25.83 -3.32 46.29
C VAL E 97 25.28 -4.08 47.52
N PRO E 98 25.28 -3.49 48.74
CA PRO E 98 24.69 -4.15 49.90
C PRO E 98 23.18 -4.30 49.76
N TRP E 99 22.64 -5.32 50.42
CA TRP E 99 21.20 -5.57 50.38
C TRP E 99 20.50 -4.76 51.47
N ASN E 100 19.66 -3.81 51.06
CA ASN E 100 18.93 -2.97 52.01
C ASN E 100 17.95 -3.85 52.79
N SER E 101 17.89 -3.65 54.11
CA SER E 101 16.99 -4.45 54.93
C SER E 101 15.53 -4.10 54.64
N SER E 102 15.26 -2.84 54.29
CA SER E 102 13.89 -2.43 54.00
C SER E 102 13.31 -3.14 52.78
N TRP E 103 14.14 -3.65 51.87
CA TRP E 103 13.61 -4.32 50.70
C TRP E 103 12.94 -5.64 51.05
N SER E 104 13.41 -6.34 52.07
CA SER E 104 12.81 -7.62 52.43
C SER E 104 13.20 -7.97 53.86
N ASN E 105 12.20 -8.18 54.71
CA ASN E 105 12.42 -8.55 56.10
C ASN E 105 12.40 -10.07 56.21
N LYS E 106 13.23 -10.74 55.41
CA LYS E 106 13.29 -12.20 55.38
C LYS E 106 14.75 -12.65 55.28
N SER E 107 15.00 -13.88 55.70
CA SER E 107 16.34 -14.47 55.68
C SER E 107 16.60 -15.19 54.37
N LEU E 108 17.88 -15.40 54.09
CA LEU E 108 18.29 -16.07 52.85
C LEU E 108 18.00 -17.56 52.87
N ASP E 109 17.95 -18.17 54.05
CA ASP E 109 17.71 -19.61 54.14
C ASP E 109 16.36 -20.00 53.56
N GLU E 110 15.29 -19.32 53.98
CA GLU E 110 13.96 -19.67 53.49
C GLU E 110 13.71 -19.14 52.08
N ILE E 111 14.40 -18.07 51.68
CA ILE E 111 14.18 -17.52 50.34
C ILE E 111 14.67 -18.49 49.26
N TRP E 112 15.63 -19.37 49.60
CA TRP E 112 16.16 -20.33 48.66
C TRP E 112 15.87 -21.80 48.98
N ASN E 113 15.17 -22.10 50.07
CA ASN E 113 14.89 -23.51 50.38
C ASN E 113 13.70 -24.05 49.60
N ASN E 114 12.56 -23.35 49.59
CA ASN E 114 11.39 -23.81 48.85
C ASN E 114 10.60 -22.70 48.17
N MET E 115 11.06 -21.46 48.22
CA MET E 115 10.35 -20.37 47.56
C MET E 115 10.64 -20.42 46.06
N THR E 116 9.68 -19.96 45.25
CA THR E 116 9.82 -19.96 43.81
C THR E 116 10.09 -18.53 43.34
N TRP E 117 10.50 -18.42 42.07
CA TRP E 117 10.85 -17.11 41.51
C TRP E 117 9.62 -16.25 41.22
N LEU E 118 8.48 -16.86 40.92
CA LEU E 118 7.28 -16.08 40.57
C LEU E 118 6.83 -15.17 41.70
N GLN E 119 6.39 -15.72 42.84
CA GLN E 119 5.96 -14.86 43.94
C GLN E 119 7.10 -13.99 44.44
N TRP E 120 8.33 -14.45 44.30
CA TRP E 120 9.48 -13.66 44.74
C TRP E 120 9.58 -12.38 43.92
N ASP E 121 9.32 -12.48 42.61
CA ASP E 121 9.40 -11.31 41.73
C ASP E 121 8.15 -10.46 41.89
N LYS E 122 6.99 -11.11 42.13
CA LYS E 122 5.73 -10.38 42.28
C LYS E 122 5.73 -9.40 43.44
N GLU E 123 6.62 -9.57 44.43
CA GLU E 123 6.70 -8.67 45.56
C GLU E 123 7.86 -7.69 45.48
N ILE E 124 8.73 -7.83 44.47
CA ILE E 124 9.89 -6.95 44.28
C ILE E 124 9.68 -6.01 43.10
N ASN E 125 8.54 -6.11 42.39
CA ASN E 125 8.27 -5.21 41.26
C ASN E 125 8.36 -3.76 41.69
N ASN E 126 8.06 -3.46 42.96
CA ASN E 126 8.16 -2.12 43.49
C ASN E 126 9.62 -1.67 43.41
N TYR E 127 9.81 -0.37 43.14
CA TYR E 127 11.13 0.30 43.07
C TYR E 127 12.18 -0.55 42.35
N THR E 128 11.80 -1.28 41.31
CA THR E 128 12.79 -2.10 40.59
C THR E 128 13.81 -1.23 39.87
N GLN E 129 13.45 0.02 39.56
CA GLN E 129 14.40 0.90 38.87
C GLN E 129 15.43 1.45 39.85
N LEU E 130 15.01 1.74 41.09
CA LEU E 130 15.94 2.27 42.08
C LEU E 130 17.02 1.27 42.42
N ILE E 131 16.66 0.01 42.62
CA ILE E 131 17.65 -1.01 42.95
C ILE E 131 18.63 -1.18 41.78
N TYR E 132 18.13 -1.03 40.56
CA TYR E 132 19.00 -1.15 39.39
C TYR E 132 19.98 0.01 39.32
N ARG E 133 19.57 1.17 39.80
CA ARG E 133 20.47 2.35 39.72
C ARG E 133 21.74 2.06 40.53
N LEU E 134 21.59 1.56 41.76
CA LEU E 134 22.77 1.36 42.60
C LEU E 134 23.79 0.48 41.89
N ILE E 135 23.34 -0.64 41.32
CA ILE E 135 24.25 -1.52 40.60
C ILE E 135 24.71 -0.87 39.30
N GLU E 136 23.79 -0.19 38.61
CA GLU E 136 24.09 0.43 37.33
C GLU E 136 25.10 1.58 37.43
N GLU E 137 25.02 2.41 38.47
CA GLU E 137 25.92 3.56 38.61
C GLU E 137 26.88 3.50 39.79
N SER E 138 26.35 3.34 41.01
CA SER E 138 27.21 3.33 42.18
C SER E 138 28.20 2.16 42.19
N GLN E 139 27.90 1.06 41.51
CA GLN E 139 28.79 -0.10 41.52
C GLN E 139 29.65 -0.29 40.28
N ASN E 140 29.04 -0.48 39.11
CA ASN E 140 29.82 -0.75 37.90
C ASN E 140 30.55 0.48 37.40
N GLN E 141 29.86 1.62 37.27
CA GLN E 141 30.52 2.82 36.76
C GLN E 141 31.65 3.26 37.69
N GLN E 142 31.41 3.20 38.99
CA GLN E 142 32.45 3.60 39.94
C GLN E 142 33.59 2.59 39.98
N GLU E 143 33.27 1.29 39.95
CA GLU E 143 34.31 0.27 40.00
C GLU E 143 35.27 0.38 38.82
N LYS E 144 34.75 0.52 37.61
CA LYS E 144 35.63 0.65 36.46
C LYS E 144 36.47 1.91 36.53
N ASN E 145 35.95 2.97 37.15
CA ASN E 145 36.73 4.20 37.29
C ASN E 145 37.90 3.97 38.23
N GLU E 146 37.67 3.27 39.34
CA GLU E 146 38.76 2.98 40.27
C GLU E 146 39.79 2.07 39.63
N LYS E 147 39.35 1.06 38.89
CA LYS E 147 40.26 0.16 38.22
C LYS E 147 41.11 0.87 37.17
N GLU E 148 40.61 1.98 36.61
CA GLU E 148 41.37 2.73 35.63
C GLU E 148 42.63 3.33 36.24
N LEU E 149 42.67 3.48 37.56
CA LEU E 149 43.83 4.03 38.27
C LEU E 149 44.92 2.98 38.44
N LEU E 150 45.38 2.39 37.34
CA LEU E 150 46.40 1.35 37.36
C LEU E 150 47.75 1.91 36.89
N LEU F 9 44.42 -8.29 2.75
CA LEU F 9 43.53 -9.49 2.67
C LEU F 9 42.09 -9.05 2.38
N GLY F 10 41.55 -8.19 3.23
CA GLY F 10 40.19 -7.70 3.06
C GLY F 10 39.16 -8.60 3.70
N PHE F 11 37.90 -8.19 3.52
CA PHE F 11 36.79 -8.96 4.09
C PHE F 11 36.65 -10.30 3.40
N LEU F 12 36.72 -11.37 4.19
CA LEU F 12 36.61 -12.73 3.68
C LEU F 12 37.67 -13.02 2.63
N GLY F 13 38.83 -12.39 2.76
CA GLY F 13 39.92 -12.57 1.81
C GLY F 13 40.89 -13.68 2.20
N ALA F 14 40.49 -14.52 3.16
CA ALA F 14 41.34 -15.62 3.61
C ALA F 14 40.54 -16.91 3.81
N ALA F 15 39.44 -17.10 3.09
CA ALA F 15 38.66 -18.32 3.25
C ALA F 15 39.42 -19.56 2.83
N GLY F 16 40.24 -19.47 1.78
CA GLY F 16 41.00 -20.60 1.31
C GLY F 16 42.37 -20.74 1.95
N SER F 17 42.80 -19.73 2.71
CA SER F 17 44.11 -19.79 3.35
C SER F 17 44.11 -20.91 4.40
N THR F 18 45.32 -21.28 4.83
CA THR F 18 45.45 -22.33 5.83
C THR F 18 44.76 -21.92 7.13
N MET F 19 44.62 -22.89 8.04
CA MET F 19 43.96 -22.66 9.31
C MET F 19 44.64 -21.56 10.12
N GLY F 20 45.96 -21.70 10.32
CA GLY F 20 46.69 -20.72 11.11
C GLY F 20 46.63 -19.31 10.53
N ALA F 21 46.86 -19.20 9.22
CA ALA F 21 46.80 -17.88 8.59
C ALA F 21 45.40 -17.29 8.66
N ALA F 22 44.37 -18.12 8.49
CA ALA F 22 43.00 -17.62 8.54
C ALA F 22 42.61 -17.21 9.96
N SER F 23 43.24 -17.79 10.97
CA SER F 23 42.91 -17.44 12.36
C SER F 23 43.40 -16.05 12.74
N ILE F 24 44.23 -15.40 11.91
CA ILE F 24 44.75 -14.08 12.24
C ILE F 24 43.88 -12.94 11.70
N THR F 25 42.99 -13.21 10.74
CA THR F 25 42.14 -12.18 10.16
C THR F 25 40.68 -12.27 10.58
N LEU F 26 40.36 -12.97 11.66
CA LEU F 26 38.98 -13.12 12.12
C LEU F 26 38.27 -11.79 12.38
N THR F 27 39.04 -10.77 12.80
CA THR F 27 38.44 -9.48 13.10
C THR F 27 37.80 -8.83 11.88
N VAL F 28 38.45 -8.94 10.71
CA VAL F 28 37.87 -8.31 9.52
C VAL F 28 36.59 -9.02 9.12
N GLN F 29 36.51 -10.34 9.29
CA GLN F 29 35.29 -11.05 8.94
C GLN F 29 34.17 -10.78 9.94
N ALA F 30 34.52 -10.55 11.20
CA ALA F 30 33.48 -10.29 12.21
C ALA F 30 33.02 -8.84 12.21
N ARG F 31 33.86 -7.90 11.77
CA ARG F 31 33.47 -6.50 11.77
C ARG F 31 32.52 -6.14 10.63
N ASN F 32 32.54 -6.89 9.54
CA ASN F 32 31.70 -6.60 8.39
C ASN F 32 30.27 -7.15 8.51
N LEU F 33 29.84 -7.55 9.70
CA LEU F 33 28.48 -8.07 9.85
C LEU F 33 27.40 -6.96 9.94
N LEU F 34 27.72 -5.70 9.66
CA LEU F 34 26.74 -4.62 9.72
C LEU F 34 27.13 -3.51 8.75
N LEU F 57 8.61 3.42 -5.32
CA LEU F 57 9.07 4.36 -4.30
C LEU F 57 9.10 3.67 -2.93
N THR F 58 7.94 3.15 -2.51
CA THR F 58 7.84 2.49 -1.21
C THR F 58 8.21 1.00 -1.28
N HIS F 59 8.38 0.45 -2.48
CA HIS F 59 8.72 -0.96 -2.59
C HIS F 59 10.11 -1.24 -2.04
N TRP F 60 11.09 -0.39 -2.39
CA TRP F 60 12.44 -0.59 -1.89
C TRP F 60 12.53 -0.30 -0.40
N GLY F 61 11.74 0.63 0.10
CA GLY F 61 11.76 0.97 1.51
C GLY F 61 11.39 -0.21 2.38
N ILE F 62 10.29 -0.89 2.05
CA ILE F 62 9.88 -2.05 2.83
C ILE F 62 10.85 -3.20 2.59
N LYS F 63 11.31 -3.33 1.34
CA LYS F 63 12.29 -4.40 1.03
C LYS F 63 13.54 -4.17 1.90
N GLN F 64 14.10 -2.97 1.83
CA GLN F 64 15.32 -2.71 2.58
C GLN F 64 15.08 -2.89 4.07
N LEU F 65 13.92 -2.44 4.55
CA LEU F 65 13.60 -2.58 5.97
C LEU F 65 13.58 -4.05 6.38
N GLN F 66 12.98 -4.90 5.55
CA GLN F 66 12.94 -6.32 5.87
C GLN F 66 14.33 -6.94 5.79
N ALA F 67 15.18 -6.41 4.92
CA ALA F 67 16.54 -6.95 4.79
C ALA F 67 17.40 -6.54 5.97
N ARG F 68 17.28 -5.29 6.41
CA ARG F 68 18.08 -4.84 7.55
C ARG F 68 17.72 -5.58 8.83
N VAL F 69 16.43 -5.87 9.03
CA VAL F 69 16.02 -6.60 10.22
C VAL F 69 16.63 -7.99 10.21
N LEU F 70 16.70 -8.62 9.04
CA LEU F 70 17.28 -9.95 8.94
C LEU F 70 18.76 -9.93 9.32
N ALA F 71 19.49 -8.89 8.90
CA ALA F 71 20.90 -8.79 9.24
C ALA F 71 21.10 -8.70 10.74
N VAL F 72 20.27 -7.88 11.41
CA VAL F 72 20.37 -7.73 12.85
C VAL F 72 20.02 -9.05 13.52
N GLU F 73 18.93 -9.68 13.08
CA GLU F 73 18.52 -10.96 13.66
C GLU F 73 19.60 -12.02 13.42
N HIS F 74 20.18 -12.03 12.21
CA HIS F 74 21.23 -12.99 11.92
C HIS F 74 22.44 -12.75 12.80
N TYR F 75 22.80 -11.49 13.00
CA TYR F 75 23.95 -11.16 13.85
C TYR F 75 23.69 -11.58 15.29
N LEU F 76 22.49 -11.30 15.80
CA LEU F 76 22.16 -11.69 17.17
C LEU F 76 22.05 -13.19 17.31
N ARG F 77 21.77 -13.90 16.22
CA ARG F 77 21.66 -15.36 16.28
C ARG F 77 22.99 -15.97 16.72
N ASP F 78 24.10 -15.36 16.30
CA ASP F 78 25.43 -15.83 16.67
C ASP F 78 25.91 -15.23 17.98
N GLN F 79 25.54 -13.97 18.25
CA GLN F 79 25.97 -13.35 19.50
C GLN F 79 25.37 -14.03 20.72
N GLN F 80 24.09 -14.43 20.64
CA GLN F 80 23.47 -15.10 21.78
C GLN F 80 24.20 -16.41 22.11
N LEU F 81 24.68 -17.11 21.09
CA LEU F 81 25.40 -18.35 21.32
C LEU F 81 26.70 -18.06 22.07
N LEU F 82 27.38 -16.97 21.71
CA LEU F 82 28.62 -16.63 22.39
C LEU F 82 28.38 -16.32 23.86
N GLY F 83 27.27 -15.65 24.17
CA GLY F 83 26.93 -15.32 25.54
C GLY F 83 26.68 -16.53 26.40
N ILE F 84 25.88 -17.48 25.91
CA ILE F 84 25.60 -18.68 26.69
C ILE F 84 26.77 -19.65 26.73
N TRP F 85 27.68 -19.57 25.76
CA TRP F 85 28.85 -20.44 25.72
C TRP F 85 30.00 -19.91 26.56
N GLY F 86 29.81 -18.82 27.30
CA GLY F 86 30.88 -18.27 28.10
C GLY F 86 31.94 -17.54 27.30
N CYS F 87 31.62 -17.18 26.06
CA CYS F 87 32.53 -16.48 25.16
C CYS F 87 31.99 -15.11 24.76
N SER F 88 31.45 -14.36 25.71
CA SER F 88 30.89 -13.04 25.43
C SER F 88 31.95 -12.08 24.90
N GLY F 89 31.81 -11.68 23.64
CA GLY F 89 32.75 -10.76 23.03
C GLY F 89 34.17 -11.24 22.95
N LYS F 90 34.38 -12.50 22.56
CA LYS F 90 35.72 -13.07 22.43
C LYS F 90 35.85 -13.77 21.07
N LEU F 91 36.90 -13.39 20.34
CA LEU F 91 37.13 -14.01 19.03
C LEU F 91 37.57 -15.45 19.18
N ILE F 92 38.49 -15.71 20.11
CA ILE F 92 39.00 -17.03 20.41
C ILE F 92 38.50 -17.39 21.80
N CYS F 93 37.92 -18.58 21.95
CA CYS F 93 37.37 -19.01 23.23
C CYS F 93 37.61 -20.49 23.45
N CYS F 94 37.83 -20.84 24.72
CA CYS F 94 38.07 -22.21 25.15
C CYS F 94 36.88 -22.68 25.98
N THR F 95 36.59 -23.98 25.91
CA THR F 95 35.48 -24.57 26.63
C THR F 95 35.92 -25.85 27.31
N ASN F 96 35.22 -26.19 28.39
CA ASN F 96 35.52 -27.40 29.16
C ASN F 96 34.77 -28.58 28.56
N VAL F 97 35.11 -28.95 27.33
CA VAL F 97 34.47 -30.06 26.64
C VAL F 97 35.55 -30.85 25.90
N PRO F 98 35.70 -32.17 26.11
CA PRO F 98 36.72 -32.90 25.37
C PRO F 98 36.28 -33.16 23.93
N TRP F 99 37.25 -33.23 23.03
CA TRP F 99 36.94 -33.47 21.63
C TRP F 99 36.67 -34.96 21.40
N ASN F 100 35.45 -35.26 20.98
CA ASN F 100 35.05 -36.64 20.72
C ASN F 100 35.68 -37.10 19.40
N SER F 101 36.34 -38.27 19.43
CA SER F 101 36.98 -38.78 18.22
C SER F 101 35.95 -39.17 17.16
N SER F 102 34.70 -39.39 17.55
CA SER F 102 33.68 -39.77 16.57
C SER F 102 33.46 -38.65 15.55
N TRP F 103 33.50 -37.39 16.01
CA TRP F 103 33.31 -36.27 15.10
C TRP F 103 34.40 -36.22 14.05
N SER F 104 35.65 -36.47 14.48
CA SER F 104 36.79 -36.45 13.57
C SER F 104 37.96 -37.11 14.30
N ASN F 105 38.80 -37.81 13.53
CA ASN F 105 39.97 -38.50 14.06
C ASN F 105 41.27 -38.01 13.44
N LYS F 106 41.32 -36.73 13.06
CA LYS F 106 42.51 -36.14 12.46
C LYS F 106 43.34 -35.46 13.53
N SER F 107 44.66 -35.61 13.44
CA SER F 107 45.55 -35.02 14.42
C SER F 107 45.52 -33.50 14.34
N LEU F 108 46.09 -32.87 15.37
CA LEU F 108 46.15 -31.42 15.46
C LEU F 108 47.13 -30.80 14.48
N ASP F 109 47.97 -31.60 13.81
CA ASP F 109 48.95 -31.05 12.89
C ASP F 109 48.34 -30.82 11.51
N GLU F 110 47.81 -31.86 10.87
CA GLU F 110 47.25 -31.72 9.54
C GLU F 110 46.06 -30.76 9.50
N ILE F 111 45.24 -30.74 10.54
CA ILE F 111 44.07 -29.87 10.54
C ILE F 111 44.47 -28.39 10.62
N TRP F 112 45.42 -28.05 11.49
CA TRP F 112 45.80 -26.65 11.65
C TRP F 112 46.87 -26.18 10.67
N ASN F 113 47.37 -27.04 9.77
CA ASN F 113 48.40 -26.64 8.82
C ASN F 113 48.09 -27.03 7.38
N ASN F 114 47.21 -27.99 7.15
CA ASN F 114 46.86 -28.44 5.80
C ASN F 114 45.44 -28.08 5.38
N MET F 115 44.44 -28.43 6.18
CA MET F 115 43.06 -28.13 5.85
C MET F 115 42.75 -26.66 6.12
N THR F 116 41.69 -26.17 5.47
CA THR F 116 41.25 -24.79 5.62
C THR F 116 39.85 -24.78 6.24
N TRP F 117 39.42 -23.59 6.65
CA TRP F 117 38.10 -23.46 7.30
C TRP F 117 36.95 -23.83 6.36
N LEU F 118 37.10 -23.58 5.06
CA LEU F 118 36.00 -23.87 4.14
C LEU F 118 35.63 -25.35 4.15
N GLN F 119 36.57 -26.23 3.82
CA GLN F 119 36.25 -27.66 3.84
C GLN F 119 36.14 -28.22 5.24
N TRP F 120 36.71 -27.54 6.24
CA TRP F 120 36.60 -28.03 7.61
C TRP F 120 35.14 -28.04 8.05
N ASP F 121 34.36 -27.04 7.63
CA ASP F 121 32.95 -27.01 7.98
C ASP F 121 32.22 -28.21 7.41
N LYS F 122 32.62 -28.65 6.22
CA LYS F 122 31.98 -29.81 5.60
C LYS F 122 32.24 -31.07 6.42
N GLU F 123 33.40 -31.16 7.05
CA GLU F 123 33.72 -32.33 7.87
C GLU F 123 32.77 -32.48 9.04
N ILE F 124 32.21 -31.37 9.53
CA ILE F 124 31.28 -31.39 10.66
C ILE F 124 29.96 -30.80 10.16
N ASN F 125 29.65 -31.00 8.87
CA ASN F 125 28.38 -30.52 8.36
C ASN F 125 27.25 -31.22 9.09
N ASN F 126 27.44 -32.49 9.38
CA ASN F 126 26.51 -33.29 10.15
C ASN F 126 26.90 -33.21 11.62
N TYR F 127 25.99 -33.63 12.50
CA TYR F 127 26.17 -33.67 13.95
C TYR F 127 26.84 -32.40 14.51
N THR F 128 26.61 -31.25 13.88
CA THR F 128 27.23 -30.02 14.35
C THR F 128 26.53 -29.47 15.59
N GLN F 129 25.22 -29.67 15.68
CA GLN F 129 24.47 -29.17 16.83
C GLN F 129 24.90 -29.82 18.13
N LEU F 130 25.35 -31.07 18.10
CA LEU F 130 25.75 -31.76 19.33
C LEU F 130 26.93 -31.07 20.00
N ILE F 131 27.92 -30.59 19.26
CA ILE F 131 29.02 -29.91 19.93
C ILE F 131 28.51 -28.62 20.56
N TYR F 132 27.59 -27.93 19.89
CA TYR F 132 27.03 -26.71 20.47
C TYR F 132 26.27 -27.04 21.74
N ARG F 133 25.46 -28.11 21.70
CA ARG F 133 24.70 -28.51 22.87
C ARG F 133 25.61 -28.89 24.03
N LEU F 134 26.77 -29.47 23.72
CA LEU F 134 27.69 -29.87 24.78
C LEU F 134 28.41 -28.67 25.38
N ILE F 135 28.63 -27.62 24.58
CA ILE F 135 29.31 -26.44 25.10
C ILE F 135 28.40 -25.63 26.01
N GLU F 136 27.15 -25.41 25.59
CA GLU F 136 26.23 -24.62 26.41
C GLU F 136 25.95 -25.30 27.75
N GLU F 137 25.74 -26.63 27.74
CA GLU F 137 25.46 -27.33 28.99
C GLU F 137 26.69 -27.36 29.89
N SER F 138 27.89 -27.50 29.30
CA SER F 138 29.10 -27.51 30.11
C SER F 138 29.32 -26.17 30.80
N GLN F 139 29.06 -25.07 30.09
CA GLN F 139 29.24 -23.75 30.68
C GLN F 139 28.12 -23.44 31.66
N ASN F 140 26.96 -24.09 31.50
CA ASN F 140 25.84 -23.84 32.39
C ASN F 140 26.21 -24.20 33.83
N GLN F 141 26.96 -25.29 34.01
CA GLN F 141 27.38 -25.71 35.34
C GLN F 141 28.74 -25.18 35.74
N GLN F 142 29.36 -24.32 34.92
CA GLN F 142 30.67 -23.79 35.26
C GLN F 142 30.57 -22.63 36.24
N GLU F 143 29.90 -21.54 35.84
CA GLU F 143 29.77 -20.39 36.73
C GLU F 143 29.04 -20.73 38.03
N LYS F 144 28.13 -21.71 37.99
CA LYS F 144 27.42 -22.08 39.22
C LYS F 144 28.41 -22.61 40.25
N ASN F 145 29.36 -23.44 39.80
CA ASN F 145 30.36 -23.96 40.72
C ASN F 145 31.24 -22.84 41.25
N GLU F 146 31.53 -21.84 40.40
CA GLU F 146 32.36 -20.72 40.82
C GLU F 146 31.67 -19.94 41.94
N LYS F 147 30.34 -19.74 41.83
CA LYS F 147 29.62 -19.04 42.87
C LYS F 147 29.67 -19.82 44.17
N GLU F 148 29.54 -21.15 44.10
CA GLU F 148 29.61 -21.98 45.29
C GLU F 148 30.98 -21.86 45.94
N LEU F 149 32.04 -21.89 45.12
CA LEU F 149 33.40 -21.75 45.64
C LEU F 149 33.61 -20.37 46.24
N LEU F 150 33.01 -19.36 45.63
CA LEU F 150 33.11 -17.98 46.09
C LEU F 150 32.21 -17.74 47.30
N GLN G 1 -41.45 23.58 -24.91
CA GLN G 1 -41.66 24.18 -26.27
C GLN G 1 -40.35 24.76 -26.81
N VAL G 2 -40.02 24.38 -28.04
CA VAL G 2 -38.82 24.84 -28.72
C VAL G 2 -39.19 25.17 -30.15
N GLN G 3 -38.65 26.26 -30.68
CA GLN G 3 -38.93 26.72 -32.04
C GLN G 3 -37.67 26.71 -32.88
N LEU G 4 -37.79 26.15 -34.08
CA LEU G 4 -36.70 26.07 -35.05
C LEU G 4 -37.15 26.78 -36.32
N ARG G 5 -36.21 27.43 -37.00
CA ARG G 5 -36.54 28.16 -38.23
C ARG G 5 -35.31 28.26 -39.10
N GLU G 6 -35.40 27.72 -40.32
CA GLU G 6 -34.30 27.74 -41.27
C GLU G 6 -34.19 29.09 -41.96
N SER G 7 -33.05 29.31 -42.61
CA SER G 7 -32.79 30.54 -43.34
C SER G 7 -31.57 30.33 -44.21
N GLY G 8 -31.69 30.64 -45.49
CA GLY G 8 -30.61 30.47 -46.43
C GLY G 8 -31.01 30.74 -47.86
N PRO G 9 -30.08 30.57 -48.79
CA PRO G 9 -30.40 30.83 -50.21
C PRO G 9 -31.20 29.68 -50.81
N GLY G 10 -32.37 30.01 -51.34
CA GLY G 10 -33.22 28.99 -51.95
C GLY G 10 -32.67 28.47 -53.26
N LEU G 11 -32.00 29.32 -54.04
CA LEU G 11 -31.42 28.97 -55.31
C LEU G 11 -29.91 29.06 -55.22
N VAL G 12 -29.22 27.97 -55.53
CA VAL G 12 -27.77 27.91 -55.48
C VAL G 12 -27.28 27.23 -56.77
N LYS G 13 -26.19 27.71 -57.31
CA LYS G 13 -25.68 27.12 -58.54
C LYS G 13 -24.97 25.81 -58.22
N PRO G 14 -24.72 24.94 -59.22
CA PRO G 14 -24.02 23.68 -58.93
C PRO G 14 -22.52 23.83 -58.80
N SER G 15 -21.89 22.89 -58.09
CA SER G 15 -20.45 22.78 -57.85
C SER G 15 -19.87 23.68 -56.75
N GLU G 16 -20.66 24.58 -56.15
CA GLU G 16 -20.15 25.42 -55.07
C GLU G 16 -20.76 24.94 -53.76
N THR G 17 -20.37 25.59 -52.66
CA THR G 17 -20.81 25.23 -51.31
C THR G 17 -22.16 25.85 -50.97
N LEU G 18 -23.05 25.04 -50.41
CA LEU G 18 -24.37 25.49 -49.99
C LEU G 18 -24.29 25.80 -48.49
N SER G 19 -24.53 27.05 -48.13
CA SER G 19 -24.48 27.50 -46.74
C SER G 19 -25.83 28.07 -46.33
N LEU G 20 -26.39 27.51 -45.25
CA LEU G 20 -27.67 27.94 -44.70
C LEU G 20 -27.60 27.77 -43.18
N THR G 21 -28.49 28.46 -42.48
CA THR G 21 -28.52 28.43 -41.02
C THR G 21 -29.94 28.20 -40.53
N CYS G 22 -30.05 27.84 -39.25
CA CYS G 22 -31.33 27.59 -38.60
C CYS G 22 -31.25 28.13 -37.18
N ALA G 23 -32.14 29.06 -36.85
CA ALA G 23 -32.16 29.67 -35.53
C ALA G 23 -32.79 28.73 -34.52
N VAL G 24 -32.52 29.01 -33.24
CA VAL G 24 -33.04 28.23 -32.12
C VAL G 24 -33.63 29.20 -31.11
N SER G 25 -34.77 28.83 -30.53
CA SER G 25 -35.44 29.65 -29.53
C SER G 25 -36.21 28.75 -28.58
N GLY G 26 -36.35 29.20 -27.34
CA GLY G 26 -37.06 28.47 -26.31
C GLY G 26 -36.18 27.59 -25.44
N ALA G 27 -34.97 27.26 -25.90
CA ALA G 27 -34.05 26.43 -25.15
C ALA G 27 -32.63 26.84 -25.50
N SER G 28 -31.74 26.76 -24.51
CA SER G 28 -30.35 27.13 -24.74
C SER G 28 -29.72 26.22 -25.79
N ILE G 29 -28.89 26.81 -26.64
CA ILE G 29 -28.23 26.05 -27.71
C ILE G 29 -27.34 24.96 -27.12
N SER G 30 -26.75 25.21 -25.96
CA SER G 30 -25.88 24.24 -25.29
C SER G 30 -26.63 23.27 -24.41
N ASP G 31 -27.94 23.11 -24.60
CA ASP G 31 -28.72 22.20 -23.78
C ASP G 31 -28.46 20.75 -24.20
N GLU G 32 -29.01 19.83 -23.41
CA GLU G 32 -28.88 18.40 -23.66
C GLU G 32 -29.75 17.97 -24.83
N TYR G 33 -29.34 18.32 -26.05
CA TYR G 33 -30.10 17.98 -27.26
C TYR G 33 -29.17 17.75 -28.43
N TYR G 34 -29.72 17.12 -29.47
CA TYR G 34 -29.01 16.82 -30.71
C TYR G 34 -29.62 17.63 -31.84
N TRP G 35 -28.91 18.68 -32.27
CA TRP G 35 -29.38 19.51 -33.36
C TRP G 35 -29.04 18.78 -34.66
N THR G 36 -30.03 18.06 -35.20
CA THR G 36 -29.88 17.24 -36.40
C THR G 36 -30.44 17.97 -37.62
N TRP G 37 -29.81 17.71 -38.76
CA TRP G 37 -30.21 18.24 -40.05
C TRP G 37 -30.81 17.10 -40.88
N ILE G 38 -32.00 17.34 -41.44
CA ILE G 38 -32.73 16.36 -42.23
C ILE G 38 -33.06 17.00 -43.57
N ARG G 39 -33.15 16.19 -44.61
CA ARG G 39 -33.52 16.67 -45.94
C ARG G 39 -34.44 15.65 -46.58
N GLN G 40 -35.33 16.15 -47.44
CA GLN G 40 -36.30 15.31 -48.15
C GLN G 40 -36.45 15.82 -49.58
N PRO G 41 -35.93 15.14 -50.60
CA PRO G 41 -36.10 15.65 -51.96
C PRO G 41 -37.56 15.65 -52.35
N PRO G 42 -37.93 16.35 -53.45
CA PRO G 42 -39.34 16.40 -53.86
C PRO G 42 -39.99 15.04 -54.06
N GLY G 43 -40.95 14.72 -53.19
CA GLY G 43 -41.67 13.46 -53.26
C GLY G 43 -40.86 12.21 -53.05
N ARG G 44 -39.67 12.30 -52.45
CA ARG G 44 -38.82 11.13 -52.21
C ARG G 44 -38.78 10.80 -50.72
N GLY G 45 -37.99 9.78 -50.38
CA GLY G 45 -37.89 9.37 -48.99
C GLY G 45 -37.10 10.34 -48.15
N LEU G 46 -37.20 10.17 -46.83
CA LEU G 46 -36.51 11.02 -45.88
C LEU G 46 -35.16 10.40 -45.52
N GLU G 47 -34.11 11.22 -45.52
CA GLU G 47 -32.77 10.75 -45.21
C GLU G 47 -32.08 11.71 -44.24
N TRP G 48 -31.14 11.16 -43.48
CA TRP G 48 -30.39 11.91 -42.46
C TRP G 48 -29.06 12.41 -43.01
N ILE G 49 -28.63 13.58 -42.50
CA ILE G 49 -27.38 14.21 -42.92
C ILE G 49 -26.32 14.17 -41.82
N GLY G 50 -26.60 14.82 -40.70
CA GLY G 50 -25.68 14.89 -39.60
C GLY G 50 -26.27 15.54 -38.37
N TYR G 51 -25.54 15.56 -37.26
CA TYR G 51 -26.01 16.18 -36.04
C TYR G 51 -24.84 16.82 -35.31
N PHE G 52 -25.17 17.81 -34.47
CA PHE G 52 -24.20 18.52 -33.64
C PHE G 52 -24.75 18.55 -32.24
N SER G 53 -24.13 17.78 -31.34
CA SER G 53 -24.57 17.72 -29.96
C SER G 53 -24.41 19.08 -29.30
N GLY G 54 -25.51 19.59 -28.73
CA GLY G 54 -25.46 20.87 -28.06
C GLY G 54 -24.63 20.81 -26.80
N ARG G 55 -24.71 19.70 -26.07
CA ARG G 55 -23.96 19.54 -24.84
C ARG G 55 -22.56 19.00 -25.10
N ASP G 56 -22.44 17.95 -25.90
CA ASP G 56 -21.12 17.40 -26.18
C ASP G 56 -20.30 18.36 -27.04
N GLY G 57 -20.95 19.14 -27.88
CA GLY G 57 -20.25 20.10 -28.72
C GLY G 57 -19.36 19.51 -29.80
N TYR G 58 -19.80 18.45 -30.46
CA TYR G 58 -19.04 17.82 -31.54
C TYR G 58 -20.01 17.43 -32.64
N PRO G 59 -19.60 17.49 -33.91
CA PRO G 59 -20.51 17.12 -35.00
C PRO G 59 -20.36 15.68 -35.44
N HIS G 60 -21.39 15.20 -36.14
CA HIS G 60 -21.43 13.86 -36.69
C HIS G 60 -22.20 13.94 -38.00
N TYR G 61 -21.77 13.18 -39.00
CA TYR G 61 -22.39 13.19 -40.32
C TYR G 61 -22.58 11.78 -40.84
N ASN G 62 -23.43 11.67 -41.86
CA ASN G 62 -23.70 10.38 -42.49
C ASN G 62 -22.45 9.94 -43.26
N ARG G 63 -22.21 8.64 -43.26
CA ARG G 63 -21.03 8.12 -43.97
C ARG G 63 -21.08 8.40 -45.46
N PHE G 64 -22.27 8.45 -46.06
CA PHE G 64 -22.38 8.73 -47.47
C PHE G 64 -22.12 10.21 -47.79
N LEU G 65 -22.25 11.08 -46.80
CA LEU G 65 -22.03 12.52 -46.96
C LEU G 65 -20.94 13.06 -46.03
N GLU G 66 -20.24 12.18 -45.31
CA GLU G 66 -19.20 12.62 -44.37
C GLU G 66 -18.13 13.48 -45.02
N SER G 67 -17.87 13.30 -46.31
CA SER G 67 -16.85 14.06 -47.01
C SER G 67 -17.36 15.32 -47.70
N ARG G 68 -18.59 15.75 -47.43
CA ARG G 68 -19.15 16.94 -48.08
C ARG G 68 -19.81 17.94 -47.15
N VAL G 69 -20.36 17.51 -46.01
CA VAL G 69 -21.06 18.42 -45.10
C VAL G 69 -20.24 18.66 -43.84
N THR G 70 -20.34 19.88 -43.31
CA THR G 70 -19.68 20.31 -42.10
C THR G 70 -20.65 21.21 -41.34
N ILE G 71 -21.07 20.77 -40.15
CA ILE G 71 -22.02 21.48 -39.33
C ILE G 71 -21.29 22.25 -38.24
N SER G 72 -21.67 23.51 -38.05
CA SER G 72 -21.10 24.39 -37.05
C SER G 72 -22.24 25.12 -36.36
N VAL G 73 -21.98 25.53 -35.11
CA VAL G 73 -22.97 26.24 -34.30
C VAL G 73 -22.30 27.41 -33.59
N ASP G 74 -23.01 28.53 -33.53
CA ASP G 74 -22.52 29.75 -32.86
C ASP G 74 -23.34 29.89 -31.58
N THR G 75 -22.67 29.73 -30.44
CA THR G 75 -23.37 29.82 -29.17
C THR G 75 -23.77 31.25 -28.84
N SER G 76 -23.05 32.24 -29.40
CA SER G 76 -23.34 33.64 -29.11
C SER G 76 -24.74 34.08 -29.55
N LYS G 77 -25.19 33.67 -30.75
CA LYS G 77 -26.51 34.07 -31.25
C LYS G 77 -27.51 32.92 -31.33
N LYS G 78 -27.18 31.75 -30.79
CA LYS G 78 -28.08 30.60 -30.76
C LYS G 78 -28.59 30.21 -32.15
N GLN G 79 -27.67 29.77 -33.02
CA GLN G 79 -28.06 29.36 -34.36
C GLN G 79 -27.07 28.33 -34.90
N ILE G 80 -27.61 27.27 -35.48
CA ILE G 80 -26.81 26.20 -36.07
C ILE G 80 -26.67 26.49 -37.55
N SER G 81 -25.52 26.10 -38.12
CA SER G 81 -25.23 26.33 -39.53
C SER G 81 -24.91 25.02 -40.24
N LEU G 82 -25.38 24.91 -41.48
CA LEU G 82 -25.15 23.75 -42.33
C LEU G 82 -24.39 24.22 -43.56
N ARG G 83 -23.21 23.64 -43.78
CA ARG G 83 -22.36 23.98 -44.91
C ARG G 83 -22.10 22.72 -45.72
N LEU G 84 -22.78 22.60 -46.86
CA LEU G 84 -22.64 21.44 -47.74
C LEU G 84 -21.73 21.84 -48.91
N THR G 85 -20.52 21.29 -48.91
CA THR G 85 -19.55 21.60 -49.96
C THR G 85 -19.78 20.71 -51.19
N SER G 86 -19.53 21.29 -52.36
CA SER G 86 -19.68 20.60 -53.64
C SER G 86 -21.11 20.09 -53.84
N VAL G 87 -22.05 21.03 -53.85
CA VAL G 87 -23.45 20.67 -54.03
C VAL G 87 -23.69 20.28 -55.49
N THR G 88 -24.69 19.43 -55.71
CA THR G 88 -25.04 18.95 -57.03
C THR G 88 -26.56 18.98 -57.20
N ALA G 89 -27.01 18.63 -58.40
CA ALA G 89 -28.44 18.63 -58.67
C ALA G 89 -29.16 17.53 -57.90
N ALA G 90 -28.44 16.49 -57.48
CA ALA G 90 -29.07 15.40 -56.74
C ALA G 90 -29.33 15.78 -55.29
N ASP G 91 -28.82 16.92 -54.84
CA ASP G 91 -28.99 17.37 -53.47
C ASP G 91 -30.19 18.30 -53.27
N THR G 92 -30.97 18.56 -54.31
CA THR G 92 -32.13 19.44 -54.19
C THR G 92 -33.13 18.81 -53.23
N ALA G 93 -33.40 19.49 -52.12
CA ALA G 93 -34.34 18.94 -51.14
C ALA G 93 -34.71 20.02 -50.13
N VAL G 94 -35.77 19.73 -49.37
CA VAL G 94 -36.23 20.63 -48.32
C VAL G 94 -35.53 20.26 -47.02
N TYR G 95 -34.56 21.08 -46.63
CA TYR G 95 -33.76 20.85 -45.44
C TYR G 95 -34.55 21.22 -44.19
N PHE G 96 -34.51 20.34 -43.19
CA PHE G 96 -35.20 20.51 -41.93
C PHE G 96 -34.21 20.42 -40.78
N CYS G 97 -34.26 21.39 -39.87
CA CYS G 97 -33.41 21.37 -38.69
C CYS G 97 -34.24 20.90 -37.51
N ALA G 98 -34.07 19.61 -37.17
CA ALA G 98 -34.82 19.00 -36.08
C ALA G 98 -33.92 18.77 -34.88
N LYS G 99 -34.54 18.69 -33.71
CA LYS G 99 -33.85 18.46 -32.45
C LYS G 99 -34.23 17.08 -31.92
N ALA G 100 -33.23 16.39 -31.36
CA ALA G 100 -33.41 15.08 -30.76
C ALA G 100 -32.86 15.12 -29.33
N PRO G 101 -33.57 14.55 -28.35
CA PRO G 101 -33.06 14.62 -26.97
C PRO G 101 -31.99 13.60 -26.67
N ARG G 102 -30.94 14.07 -26.00
CA ARG G 102 -29.83 13.21 -25.58
C ARG G 102 -30.19 12.59 -24.23
N SER G 103 -31.18 11.72 -24.28
CA SER G 103 -31.68 11.04 -23.08
C SER G 103 -30.59 10.19 -22.45
N PHE G 104 -30.63 10.12 -21.11
CA PHE G 104 -29.65 9.35 -20.35
C PHE G 104 -30.04 7.88 -20.34
N LEU G 105 -29.13 7.02 -20.79
CA LEU G 105 -29.37 5.58 -20.83
C LEU G 105 -28.96 4.90 -19.52
N TYR G 106 -27.69 5.00 -19.16
CA TYR G 106 -27.18 4.41 -17.93
C TYR G 106 -25.82 5.03 -17.64
N GLY G 107 -25.53 5.17 -16.34
CA GLY G 107 -24.29 5.76 -15.91
C GLY G 107 -23.18 4.75 -15.67
N ASP G 108 -21.99 5.29 -15.44
CA ASP G 108 -20.80 4.50 -15.17
C ASP G 108 -19.82 5.38 -14.41
N ASP G 109 -18.87 4.74 -13.74
CA ASP G 109 -17.89 5.46 -12.95
C ASP G 109 -17.05 6.43 -13.78
N TYS G 110 -16.81 6.07 -15.04
CA TYS G 110 -16.01 6.90 -15.93
CB TYS G 110 -15.18 6.00 -16.85
CG TYS G 110 -14.19 5.16 -16.10
CD1 TYS G 110 -13.02 5.74 -15.62
CD2 TYS G 110 -14.41 3.82 -15.85
CE1 TYS G 110 -12.08 4.99 -14.91
CE2 TYS G 110 -13.48 3.05 -15.15
CZ TYS G 110 -12.32 3.63 -14.68
OH TYS G 110 -11.40 2.90 -13.99
S TYS G 110 -11.76 2.57 -12.38
O1 TYS G 110 -12.13 3.86 -11.81
O2 TYS G 110 -10.53 2.00 -11.84
O3 TYS G 110 -12.86 1.62 -12.55
C TYS G 110 -16.82 7.89 -16.78
O TYS G 110 -16.25 8.79 -17.38
N GLY G 111 -18.13 7.71 -16.82
CA GLY G 111 -18.98 8.61 -17.59
C GLY G 111 -20.35 8.06 -17.90
N ASP G 112 -21.26 8.94 -18.29
CA ASP G 112 -22.63 8.55 -18.60
C ASP G 112 -22.78 8.26 -20.09
N PHE G 113 -23.75 7.39 -20.39
CA PHE G 113 -24.07 6.99 -21.75
C PHE G 113 -25.43 7.57 -22.09
N TYR G 114 -25.63 7.90 -23.37
CA TYR G 114 -26.88 8.52 -23.80
C TYR G 114 -27.33 7.94 -25.14
N THR G 115 -28.60 8.17 -25.44
CA THR G 115 -29.17 7.72 -26.71
C THR G 115 -28.59 8.54 -27.85
N GLU G 116 -28.66 7.97 -29.05
CA GLU G 116 -28.20 8.66 -30.24
C GLU G 116 -29.36 9.48 -30.79
N SER G 117 -29.16 10.14 -31.92
CA SER G 117 -30.21 10.97 -32.50
C SER G 117 -31.40 10.12 -32.96
N ASP G 118 -32.50 10.19 -32.22
CA ASP G 118 -33.72 9.44 -32.53
C ASP G 118 -34.93 10.16 -31.95
N TYR G 119 -36.09 9.86 -32.54
CA TYR G 119 -37.38 10.43 -32.15
C TYR G 119 -37.31 11.96 -31.99
N PHE G 120 -37.12 12.65 -33.11
CA PHE G 120 -37.01 14.10 -33.14
C PHE G 120 -38.29 14.71 -32.58
N ASP G 121 -38.17 15.50 -31.52
CA ASP G 121 -39.33 16.11 -30.89
C ASP G 121 -39.88 17.27 -31.70
N SER G 122 -39.00 18.14 -32.21
CA SER G 122 -39.41 19.31 -32.98
C SER G 122 -38.71 19.35 -34.32
N TRP G 123 -39.36 19.99 -35.29
CA TRP G 123 -38.86 20.15 -36.64
C TRP G 123 -38.99 21.60 -37.07
N GLY G 124 -38.11 22.02 -37.97
CA GLY G 124 -38.16 23.39 -38.45
C GLY G 124 -39.24 23.58 -39.49
N GLN G 125 -39.43 24.86 -39.88
CA GLN G 125 -40.45 25.17 -40.88
C GLN G 125 -40.10 24.58 -42.25
N GLY G 126 -38.81 24.37 -42.52
CA GLY G 126 -38.38 23.82 -43.79
C GLY G 126 -38.01 24.89 -44.79
N VAL G 127 -36.87 24.72 -45.46
CA VAL G 127 -36.37 25.66 -46.45
C VAL G 127 -36.16 24.91 -47.76
N LEU G 128 -36.77 25.43 -48.83
CA LEU G 128 -36.64 24.80 -50.14
C LEU G 128 -35.31 25.18 -50.76
N VAL G 129 -34.55 24.18 -51.21
CA VAL G 129 -33.25 24.38 -51.82
C VAL G 129 -33.25 23.73 -53.20
N THR G 130 -32.99 24.52 -54.24
CA THR G 130 -32.94 24.06 -55.61
C THR G 130 -31.53 24.29 -56.12
N VAL G 131 -31.10 23.44 -57.06
CA VAL G 131 -29.75 23.54 -57.62
C VAL G 131 -29.80 23.36 -59.14
N SER G 132 -29.48 24.42 -59.86
CA SER G 132 -29.46 24.40 -61.32
C SER G 132 -28.85 25.71 -61.79
N SER G 133 -28.50 25.74 -63.08
CA SER G 133 -27.91 26.93 -63.67
C SER G 133 -28.92 28.08 -63.73
N GLN H 1 -29.73 7.29 -48.08
CA GLN H 1 -30.84 6.51 -48.69
C GLN H 1 -31.60 5.76 -47.60
N SER H 2 -32.86 5.42 -47.88
CA SER H 2 -33.70 4.70 -46.93
C SER H 2 -33.40 3.22 -46.87
N VAL H 3 -32.80 2.77 -45.76
CA VAL H 3 -32.50 1.35 -45.61
C VAL H 3 -33.75 0.59 -45.19
N LEU H 4 -34.61 1.24 -44.40
CA LEU H 4 -35.85 0.61 -43.95
C LEU H 4 -36.77 0.40 -45.15
N THR H 5 -37.85 -0.35 -44.93
CA THR H 5 -38.82 -0.63 -45.98
C THR H 5 -40.23 -0.63 -45.42
N GLN H 6 -41.15 -0.10 -46.21
CA GLN H 6 -42.56 -0.01 -45.88
C GLN H 6 -43.32 0.11 -47.19
N PRO H 7 -44.61 -0.22 -47.22
CA PRO H 7 -45.37 -0.12 -48.47
C PRO H 7 -45.37 1.31 -48.98
N PRO H 8 -45.22 1.53 -50.30
CA PRO H 8 -45.22 2.92 -50.80
C PRO H 8 -46.52 3.66 -50.53
N SER H 9 -47.66 2.96 -50.52
CA SER H 9 -48.93 3.61 -50.29
C SER H 9 -49.94 2.60 -49.74
N ALA H 10 -50.74 3.08 -48.78
CA ALA H 10 -51.79 2.29 -48.15
C ALA H 10 -53.08 3.09 -48.11
N SER H 11 -53.37 3.84 -49.17
CA SER H 11 -54.55 4.68 -49.24
C SER H 11 -55.83 3.87 -49.38
N GLU H 12 -56.87 4.31 -48.68
CA GLU H 12 -58.19 3.70 -48.71
C GLU H 12 -59.12 4.58 -47.89
N ALA H 13 -60.40 4.21 -47.88
CA ALA H 13 -61.38 4.98 -47.14
C ALA H 13 -61.08 4.97 -45.64
N ALA H 14 -61.87 5.74 -44.89
CA ALA H 14 -61.70 5.86 -43.45
C ALA H 14 -62.71 4.99 -42.68
N ARG H 15 -62.74 5.15 -41.36
CA ARG H 15 -63.63 4.44 -40.43
C ARG H 15 -63.22 3.00 -40.17
N LYS H 16 -61.94 2.65 -40.32
CA LYS H 16 -61.48 1.28 -40.04
C LYS H 16 -60.18 1.34 -39.24
N SER H 17 -59.44 0.22 -39.19
CA SER H 17 -58.22 0.12 -38.39
C SER H 17 -56.99 -0.32 -39.20
N VAL H 18 -56.69 0.38 -40.29
CA VAL H 18 -55.54 0.08 -41.13
C VAL H 18 -54.27 0.07 -40.27
N THR H 19 -53.29 -0.75 -40.64
CA THR H 19 -52.03 -0.86 -39.90
C THR H 19 -50.87 -0.85 -40.89
N ILE H 20 -50.10 0.23 -40.88
CA ILE H 20 -48.95 0.38 -41.76
C ILE H 20 -47.79 -0.38 -41.14
N SER H 21 -47.05 -1.12 -41.97
CA SER H 21 -45.93 -1.92 -41.51
C SER H 21 -44.59 -1.31 -41.95
N CYS H 22 -43.57 -1.56 -41.13
CA CYS H 22 -42.21 -1.09 -41.36
C CYS H 22 -41.27 -2.20 -40.94
N SER H 23 -40.28 -2.50 -41.79
CA SER H 23 -39.32 -3.56 -41.50
C SER H 23 -37.91 -3.07 -41.77
N GLY H 24 -36.95 -3.83 -41.26
CA GLY H 24 -35.54 -3.50 -41.41
C GLY H 24 -34.68 -4.71 -41.13
N SER H 25 -33.57 -4.50 -40.41
CA SER H 25 -32.66 -5.58 -40.06
C SER H 25 -32.19 -5.38 -38.63
N SER H 26 -31.31 -6.27 -38.18
CA SER H 26 -30.79 -6.17 -36.82
C SER H 26 -29.97 -4.89 -36.62
N SER H 27 -29.47 -4.30 -37.70
CA SER H 27 -28.67 -3.10 -37.58
C SER H 27 -29.47 -1.90 -37.08
N ASN H 28 -30.70 -1.71 -37.57
CA ASN H 28 -31.52 -0.56 -37.16
C ASN H 28 -32.81 -0.86 -36.41
N ILE H 29 -33.72 -1.62 -37.03
CA ILE H 29 -34.99 -1.90 -36.37
C ILE H 29 -34.81 -2.83 -35.17
N GLY H 30 -34.04 -3.90 -35.35
CA GLY H 30 -33.82 -4.84 -34.27
C GLY H 30 -32.76 -4.46 -33.27
N SER H 31 -32.52 -3.17 -33.04
CA SER H 31 -31.50 -2.74 -32.10
C SER H 31 -31.89 -1.53 -31.24
N ASN H 32 -32.88 -0.75 -31.63
CA ASN H 32 -33.23 0.43 -30.83
C ASN H 32 -34.66 0.88 -31.16
N SER H 33 -34.99 2.11 -30.76
CA SER H 33 -36.31 2.71 -30.93
C SER H 33 -36.85 2.54 -32.35
N VAL H 34 -38.18 2.61 -32.45
CA VAL H 34 -38.89 2.45 -33.71
C VAL H 34 -39.85 3.64 -33.88
N SER H 35 -39.40 4.84 -33.49
CA SER H 35 -40.21 6.05 -33.59
C SER H 35 -40.79 6.27 -34.98
N TRP H 36 -42.03 6.81 -35.04
CA TRP H 36 -42.73 7.08 -36.27
C TRP H 36 -42.96 8.59 -36.40
N TYR H 37 -43.31 9.03 -37.60
CA TYR H 37 -43.57 10.44 -37.88
C TYR H 37 -44.67 10.56 -38.93
N GLN H 38 -45.27 11.74 -38.98
CA GLN H 38 -46.33 12.07 -39.92
C GLN H 38 -45.92 13.35 -40.66
N GLN H 39 -46.15 13.38 -41.97
CA GLN H 39 -45.81 14.54 -42.79
C GLN H 39 -47.01 14.97 -43.62
N LEU H 40 -47.58 16.11 -43.25
CA LEU H 40 -48.70 16.67 -43.99
C LEU H 40 -48.18 17.25 -45.31
N PRO H 41 -49.05 17.51 -46.28
CA PRO H 41 -48.58 18.06 -47.54
C PRO H 41 -47.91 19.42 -47.35
N GLU H 42 -46.98 19.72 -48.26
CA GLU H 42 -46.19 20.96 -48.36
C GLU H 42 -45.86 21.60 -47.00
N THR H 43 -45.41 20.80 -46.03
CA THR H 43 -45.05 21.31 -44.72
C THR H 43 -44.12 20.29 -44.06
N ALA H 44 -43.48 20.74 -42.98
CA ALA H 44 -42.55 19.88 -42.26
C ALA H 44 -43.31 18.76 -41.53
N PRO H 45 -42.66 17.64 -41.21
CA PRO H 45 -43.37 16.57 -40.50
C PRO H 45 -43.52 16.87 -39.01
N LYS H 46 -44.16 15.93 -38.31
CA LYS H 46 -44.40 16.02 -36.88
C LYS H 46 -44.27 14.64 -36.28
N LEU H 47 -44.00 14.60 -34.97
CA LEU H 47 -43.84 13.35 -34.27
C LEU H 47 -45.19 12.76 -33.83
N LEU H 48 -45.32 11.45 -33.98
CA LEU H 48 -46.53 10.70 -33.60
C LEU H 48 -46.27 9.71 -32.47
N ILE H 49 -45.22 8.91 -32.57
CA ILE H 49 -44.88 7.94 -31.55
C ILE H 49 -43.36 7.89 -31.44
N TYR H 50 -42.85 7.95 -30.22
CA TYR H 50 -41.41 7.92 -29.98
C TYR H 50 -41.07 6.64 -29.22
N ASN H 51 -39.78 6.31 -29.21
CA ASN H 51 -39.29 5.10 -28.55
C ASN H 51 -39.93 3.91 -29.29
N ASN H 52 -40.75 3.10 -28.60
CA ASN H 52 -41.41 1.97 -29.24
C ASN H 52 -42.91 2.18 -29.38
N ASN H 53 -43.61 2.52 -28.30
CA ASN H 53 -45.05 2.75 -28.33
C ASN H 53 -45.46 3.95 -27.48
N GLN H 54 -44.49 4.65 -26.89
CA GLN H 54 -44.80 5.81 -26.06
C GLN H 54 -45.26 6.96 -26.93
N ARG H 55 -46.34 7.61 -26.51
CA ARG H 55 -46.96 8.71 -27.24
C ARG H 55 -46.54 10.07 -26.69
N PRO H 56 -46.37 11.09 -27.54
CA PRO H 56 -46.01 12.41 -27.02
C PRO H 56 -47.25 13.20 -26.63
N SER H 57 -47.03 14.34 -25.97
CA SER H 57 -48.14 15.18 -25.55
C SER H 57 -48.79 15.84 -26.76
N GLY H 58 -50.13 15.92 -26.74
CA GLY H 58 -50.89 16.51 -27.80
C GLY H 58 -51.46 15.55 -28.83
N VAL H 59 -50.92 14.35 -28.91
CA VAL H 59 -51.39 13.34 -29.87
C VAL H 59 -52.46 12.50 -29.18
N PRO H 60 -53.62 12.28 -29.79
CA PRO H 60 -54.66 11.48 -29.13
C PRO H 60 -54.33 9.99 -29.15
N ASP H 61 -55.15 9.22 -28.42
CA ASP H 61 -54.97 7.78 -28.32
C ASP H 61 -55.20 7.05 -29.64
N ARG H 62 -55.70 7.74 -30.67
CA ARG H 62 -55.95 7.11 -31.96
C ARG H 62 -54.70 6.46 -32.53
N PHE H 63 -53.53 7.05 -32.29
CA PHE H 63 -52.27 6.53 -32.82
C PHE H 63 -51.59 5.63 -31.80
N SER H 64 -51.01 4.54 -32.29
CA SER H 64 -50.31 3.57 -31.47
C SER H 64 -49.23 2.91 -32.30
N GLY H 65 -48.23 2.36 -31.61
CA GLY H 65 -47.11 1.69 -32.26
C GLY H 65 -46.80 0.34 -31.65
N SER H 66 -46.05 -0.49 -32.38
CA SER H 66 -45.68 -1.81 -31.89
C SER H 66 -44.35 -2.23 -32.51
N LYS H 67 -43.68 -3.15 -31.83
CA LYS H 67 -42.40 -3.69 -32.26
C LYS H 67 -42.39 -5.20 -32.07
N SER H 68 -41.77 -5.91 -33.01
CA SER H 68 -41.70 -7.36 -32.94
C SER H 68 -40.45 -7.80 -33.67
N GLY H 69 -39.39 -8.10 -32.92
CA GLY H 69 -38.14 -8.53 -33.53
C GLY H 69 -37.58 -7.46 -34.45
N THR H 70 -37.28 -7.85 -35.68
CA THR H 70 -36.75 -6.94 -36.70
C THR H 70 -37.84 -6.36 -37.59
N SER H 71 -39.09 -6.35 -37.11
CA SER H 71 -40.23 -5.81 -37.85
C SER H 71 -40.91 -4.78 -36.99
N ALA H 72 -41.90 -4.10 -37.58
CA ALA H 72 -42.62 -3.06 -36.86
C ALA H 72 -43.88 -2.69 -37.64
N SER H 73 -44.72 -1.87 -37.00
CA SER H 73 -45.95 -1.43 -37.63
C SER H 73 -46.60 -0.35 -36.78
N LEU H 74 -47.38 0.50 -37.44
CA LEU H 74 -48.12 1.59 -36.82
C LEU H 74 -49.60 1.23 -36.83
N ALA H 75 -50.21 1.21 -35.64
CA ALA H 75 -51.62 0.84 -35.49
C ALA H 75 -52.46 2.09 -35.25
N ILE H 76 -53.56 2.21 -36.01
CA ILE H 76 -54.49 3.32 -35.88
C ILE H 76 -55.90 2.76 -36.07
N SER H 77 -56.88 3.47 -35.51
CA SER H 77 -58.27 3.05 -35.60
C SER H 77 -59.15 4.29 -35.57
N GLY H 78 -60.35 4.17 -36.15
CA GLY H 78 -61.26 5.30 -36.18
C GLY H 78 -60.70 6.47 -36.97
N LEU H 79 -60.17 6.20 -38.16
CA LEU H 79 -59.57 7.23 -39.01
C LEU H 79 -60.58 8.29 -39.44
N GLN H 80 -60.07 9.46 -39.82
CA GLN H 80 -60.89 10.57 -40.28
C GLN H 80 -60.26 11.12 -41.55
N THR H 81 -60.87 12.18 -42.08
CA THR H 81 -60.38 12.77 -43.32
C THR H 81 -59.04 13.50 -43.18
N GLU H 82 -58.73 14.04 -41.98
CA GLU H 82 -57.47 14.76 -41.84
C GLU H 82 -56.26 13.83 -41.79
N ASP H 83 -56.48 12.51 -41.71
CA ASP H 83 -55.37 11.56 -41.67
C ASP H 83 -54.71 11.35 -43.03
N GLU H 84 -55.21 12.01 -44.09
CA GLU H 84 -54.61 11.86 -45.41
C GLU H 84 -53.25 12.53 -45.43
N ALA H 85 -52.20 11.77 -45.15
CA ALA H 85 -50.85 12.31 -45.13
C ALA H 85 -49.85 11.18 -45.32
N ASP H 86 -48.58 11.55 -45.33
CA ASP H 86 -47.49 10.60 -45.49
C ASP H 86 -46.88 10.27 -44.13
N TYR H 87 -46.79 8.98 -43.83
CA TYR H 87 -46.26 8.48 -42.57
C TYR H 87 -44.89 7.85 -42.80
N TYR H 88 -43.96 8.10 -41.88
CA TYR H 88 -42.59 7.60 -41.96
C TYR H 88 -42.19 6.93 -40.66
N CYS H 89 -41.47 5.82 -40.77
CA CYS H 89 -40.95 5.09 -39.62
C CYS H 89 -39.46 5.39 -39.49
N GLY H 90 -38.98 5.37 -38.24
CA GLY H 90 -37.57 5.67 -38.01
C GLY H 90 -36.92 4.92 -36.87
N ALA H 91 -35.62 4.72 -36.99
CA ALA H 91 -34.82 4.02 -35.99
C ALA H 91 -33.36 4.35 -36.20
N TRP H 92 -32.57 4.17 -35.15
CA TRP H 92 -31.14 4.45 -35.22
C TRP H 92 -30.44 3.22 -35.78
N ASP H 93 -29.66 3.42 -36.84
CA ASP H 93 -28.94 2.33 -37.50
C ASP H 93 -27.53 2.24 -36.91
N GLY H 94 -27.24 1.13 -36.24
CA GLY H 94 -25.93 0.93 -35.66
C GLY H 94 -24.81 0.80 -36.67
N SER H 95 -25.02 0.05 -37.75
CA SER H 95 -24.03 -0.14 -38.80
C SER H 95 -23.74 1.16 -39.54
N LEU H 96 -24.77 1.90 -39.93
CA LEU H 96 -24.59 3.15 -40.65
C LEU H 96 -24.16 4.30 -39.72
N ARG H 97 -24.29 4.12 -38.40
CA ARG H 97 -23.92 5.15 -37.45
C ARG H 97 -24.77 6.41 -37.68
N GLY H 98 -26.03 6.18 -38.03
CA GLY H 98 -26.95 7.27 -38.29
C GLY H 98 -28.38 6.82 -38.45
N ASN H 99 -29.32 7.57 -37.90
CA ASN H 99 -30.72 7.20 -38.02
C ASN H 99 -31.18 7.34 -39.47
N VAL H 100 -32.05 6.41 -39.88
CA VAL H 100 -32.59 6.38 -41.23
C VAL H 100 -34.10 6.22 -41.12
N PHE H 101 -34.81 6.65 -42.16
CA PHE H 101 -36.26 6.58 -42.22
C PHE H 101 -36.69 5.64 -43.33
N GLY H 102 -37.99 5.35 -43.35
CA GLY H 102 -38.56 4.45 -44.33
C GLY H 102 -38.85 5.14 -45.66
N SER H 103 -39.47 4.41 -46.59
CA SER H 103 -39.79 4.95 -47.90
C SER H 103 -40.92 5.97 -47.85
N GLY H 104 -41.79 5.89 -46.84
CA GLY H 104 -42.91 6.80 -46.72
C GLY H 104 -44.21 6.21 -47.23
N THR H 105 -45.11 5.85 -46.33
CA THR H 105 -46.40 5.26 -46.67
C THR H 105 -47.45 6.36 -46.73
N LYS H 106 -47.97 6.62 -47.92
CA LYS H 106 -49.00 7.65 -48.08
C LYS H 106 -50.37 7.09 -47.76
N LEU H 107 -51.06 7.75 -46.83
CA LEU H 107 -52.40 7.33 -46.41
C LEU H 107 -53.45 8.24 -47.01
C1 NAG I . -30.52 17.88 -15.79
C2 NAG I . -30.20 19.08 -16.66
C3 NAG I . -31.50 19.83 -16.94
C4 NAG I . -32.56 18.89 -17.53
C5 NAG I . -32.64 17.59 -16.74
C6 NAG I . -33.51 16.54 -17.39
C7 NAG I . -27.95 20.08 -16.37
C8 NAG I . -27.15 21.05 -15.55
N2 NAG I . -29.24 19.95 -16.02
O3 NAG I . -31.21 20.90 -17.80
O4 NAG I . -33.79 19.57 -17.46
O5 NAG I . -31.37 17.03 -16.52
O6 NAG I . -33.43 15.33 -16.67
O7 NAG I . -27.45 19.45 -17.29
C1 NAG I . -34.10 20.41 -18.59
C2 NAG I . -35.61 20.36 -18.80
C3 NAG I . -35.98 21.23 -20.00
C4 NAG I . -35.43 22.64 -19.89
C5 NAG I . -33.94 22.60 -19.50
C6 NAG I . -33.37 23.96 -19.17
C7 NAG I . -36.79 18.30 -18.11
C8 NAG I . -37.14 16.91 -18.56
N2 NAG I . -36.07 19.01 -19.00
O3 NAG I . -37.38 21.20 -20.11
O4 NAG I . -35.64 23.19 -21.17
O5 NAG I . -33.74 21.76 -18.38
O6 NAG I . -34.10 24.52 -18.09
O7 NAG I . -37.15 18.73 -17.03
C1 BMA I . -36.55 24.34 -21.30
C2 BMA I . -38.02 23.91 -21.09
C3 BMA I . -38.96 25.12 -21.27
C4 BMA I . -38.42 26.47 -20.71
C5 BMA I . -36.89 26.59 -20.58
C6 BMA I . -36.47 27.67 -19.59
O2 BMA I . -38.22 23.30 -19.84
O3 BMA I . -40.25 24.61 -20.86
O4 BMA I . -38.86 27.43 -21.65
O5 BMA I . -36.24 25.35 -20.35
O6 BMA I . -36.86 28.88 -20.20
C1 MAN I . -41.01 25.11 -19.73
C2 MAN I . -40.84 24.18 -18.53
C3 MAN I . -41.31 22.78 -18.93
C4 MAN I . -42.76 22.84 -19.36
C5 MAN I . -42.98 23.93 -20.42
C6 MAN I . -44.46 24.23 -20.60
O2 MAN I . -41.62 24.72 -17.49
O3 MAN I . -41.12 21.94 -17.82
O4 MAN I . -43.08 21.56 -19.86
O5 MAN I . -42.37 25.16 -20.05
O6 MAN I . -44.94 24.83 -19.42
C1 MAN I . -36.12 30.00 -19.65
C2 MAN I . -36.85 31.29 -20.10
C3 MAN I . -36.70 31.49 -21.60
C4 MAN I . -35.22 31.51 -21.97
C5 MAN I . -34.57 30.20 -21.50
C6 MAN I . -33.08 30.21 -21.71
O2 MAN I . -36.28 32.35 -19.36
O3 MAN I . -37.32 32.71 -21.92
O4 MAN I . -35.14 31.64 -23.37
O5 MAN I . -34.79 30.01 -20.10
O6 MAN I . -32.82 30.43 -23.08
C1 NAG J . -31.63 27.73 -5.37
C2 NAG J . -32.41 28.38 -4.22
C3 NAG J . -33.41 27.36 -3.69
C4 NAG J . -34.34 26.93 -4.80
C5 NAG J . -33.50 26.40 -5.97
C6 NAG J . -34.30 26.00 -7.19
C7 NAG J . -31.32 30.14 -2.86
C8 NAG J . -30.37 30.37 -1.71
N2 NAG J . -31.54 28.85 -3.16
O3 NAG J . -34.10 27.94 -2.61
O4 NAG J . -35.15 25.94 -4.19
O5 NAG J . -32.55 27.37 -6.37
O6 NAG J . -35.25 27.01 -7.48
O7 NAG J . -31.84 31.08 -3.45
C1 NAG J . -36.59 25.87 -4.46
C2 NAG J . -37.32 27.24 -4.35
C3 NAG J . -38.81 27.00 -4.50
C4 NAG J . -39.09 26.28 -5.82
C5 NAG J . -38.21 25.03 -5.95
C6 NAG J . -38.34 24.33 -7.30
C7 NAG J . -36.75 29.22 -2.98
C8 NAG J . -36.46 29.67 -1.57
N2 NAG J . -37.01 27.90 -3.10
O3 NAG J . -39.46 28.24 -4.42
O4 NAG J . -40.49 26.02 -5.96
O5 NAG J . -36.86 25.40 -5.77
O6 NAG J . -37.98 25.22 -8.31
O7 NAG J . -36.73 29.99 -3.92
C1 BMA J . -41.10 25.09 -5.03
C2 BMA J . -42.28 25.80 -4.39
C3 BMA J . -42.83 24.89 -3.27
C4 BMA J . -42.85 23.38 -3.61
C5 BMA J . -42.27 22.94 -4.96
C6 BMA J . -43.30 22.29 -5.89
O2 BMA J . -43.23 26.09 -5.38
O3 BMA J . -44.09 25.41 -2.90
O4 BMA J . -42.13 22.77 -2.55
O5 BMA J . -41.55 23.92 -5.68
O6 BMA J . -43.58 21.01 -5.37
C1 MAN J . -44.10 25.70 -1.47
C2 MAN J . -45.56 25.98 -1.04
C3 MAN J . -46.04 27.35 -1.50
C4 MAN J . -45.05 28.44 -1.10
C5 MAN J . -43.69 28.07 -1.69
C6 MAN J . -42.64 29.10 -1.33
O2 MAN J . -45.56 25.89 0.37
O3 MAN J . -47.31 27.56 -0.92
O4 MAN J . -45.54 29.67 -1.59
O5 MAN J . -43.28 26.82 -1.19
O6 MAN J . -42.51 29.14 0.08
C1 NAG K . 18.36 29.40 30.26
C2 NAG K . 18.68 30.37 31.41
C3 NAG K . 17.90 29.93 32.64
C4 NAG K . 16.41 29.80 32.35
C5 NAG K . 16.17 29.01 31.06
C6 NAG K . 14.74 29.06 30.56
C7 NAG K . 20.87 29.39 32.00
C8 NAG K . 22.33 29.74 32.24
N2 NAG K . 20.09 30.44 31.68
O3 NAG K . 18.14 30.87 33.65
O4 NAG K . 15.86 29.14 33.46
O5 NAG K . 16.98 29.50 30.01
O6 NAG K . 14.68 28.56 29.24
O7 NAG K . 20.47 28.24 32.10
C1 NAG K . 14.60 29.71 33.88
C2 NAG K . 13.91 28.69 34.78
C3 NAG K . 12.54 29.24 35.21
C4 NAG K . 12.71 30.61 35.86
C5 NAG K . 13.52 31.53 34.92
C6 NAG K . 13.80 32.90 35.50
C7 NAG K . 14.47 26.31 34.40
C8 NAG K . 14.14 25.11 33.56
N2 NAG K . 13.76 27.43 34.11
O3 NAG K . 11.96 28.30 36.07
O4 NAG K . 11.41 31.12 36.05
O5 NAG K . 14.75 30.91 34.59
O6 NAG K . 14.57 32.78 36.68
O7 NAG K . 15.33 26.26 35.28
C1 BMA K . 10.87 30.84 37.36
C2 BMA K . 11.32 31.96 38.29
C3 BMA K . 10.68 31.82 39.69
C4 BMA K . 9.28 31.17 39.73
C5 BMA K . 8.59 31.00 38.36
C6 BMA K . 7.68 32.16 37.97
O2 BMA K . 10.99 33.18 37.68
O3 BMA K . 10.70 33.11 40.25
O4 BMA K . 9.45 29.91 40.34
O5 BMA K . 9.46 30.74 37.27
O6 BMA K . 7.10 31.85 36.72
C1 NAG L . 21.95 36.39 13.69
C2 NAG L . 22.24 37.05 12.35
C3 NAG L . 23.59 36.52 11.88
C4 NAG L . 24.64 36.89 12.92
C5 NAG L . 24.19 36.57 14.35
C6 NAG L . 25.06 37.23 15.40
C7 NAG L . 20.85 37.68 10.43
C8 NAG L . 19.68 37.26 9.56
N2 NAG L . 21.17 36.81 11.41
O3 NAG L . 23.86 37.09 10.62
O4 NAG L . 25.79 36.13 12.61
O5 NAG L . 22.85 36.96 14.61
O6 NAG L . 24.53 37.01 16.68
O7 NAG L . 21.42 38.73 10.24
C1 NAG L . 26.81 36.89 11.93
C2 NAG L . 28.09 36.03 11.97
C3 NAG L . 29.19 36.74 11.19
C4 NAG L . 28.70 37.00 9.76
C5 NAG L . 27.43 37.86 9.84
C6 NAG L . 26.81 38.16 8.50
C7 NAG L . 28.24 34.64 13.99
C8 NAG L . 28.76 34.60 15.40
N2 NAG L . 28.48 35.78 13.33
O3 NAG L . 30.33 35.92 11.22
O4 NAG L . 29.75 37.53 8.96
O5 NAG L . 26.45 37.17 10.61
O6 NAG L . 26.46 36.96 7.85
O7 NAG L . 27.66 33.68 13.51
C1 BMA L . 30.27 38.85 9.27
C2 BMA L . 31.55 38.94 8.44
C3 BMA L . 32.20 40.34 8.53
C4 BMA L . 31.24 41.51 8.83
C5 BMA L . 29.74 41.22 8.71
C6 BMA L . 29.13 41.70 7.39
O2 BMA L . 31.24 38.56 7.13
O3 BMA L . 32.89 40.50 7.31
O4 BMA L . 31.56 41.91 10.16
O5 BMA L . 29.36 39.87 8.92
O6 BMA L . 29.73 40.99 6.34
C1 NAG M . 23.34 37.57 0.98
C2 NAG M . 24.41 36.79 0.20
C3 NAG M . 25.44 37.77 -0.33
C4 NAG M . 24.78 38.90 -1.11
C5 NAG M . 23.61 39.50 -0.34
C6 NAG M . 22.80 40.49 -1.15
C7 NAG M . 25.66 35.97 2.17
C8 NAG M . 26.23 34.74 2.83
N2 NAG M . 25.03 35.77 1.01
O3 NAG M . 26.36 37.05 -1.12
O4 NAG M . 25.79 39.88 -1.30
O5 NAG M . 22.73 38.47 0.10
O6 NAG M . 23.61 41.59 -1.50
O7 NAG M . 25.80 37.07 2.70
C1 NAG M . 26.06 40.10 -2.69
C2 NAG M . 27.00 41.30 -2.77
C3 NAG M . 27.38 41.57 -4.22
C4 NAG M . 27.93 40.30 -4.86
C5 NAG M . 26.94 39.15 -4.68
C6 NAG M . 27.43 37.84 -5.23
C7 NAG M . 26.55 42.79 -0.86
C8 NAG M . 25.81 44.04 -0.44
N2 NAG M . 26.40 42.45 -2.15
O3 NAG M . 28.30 42.63 -4.26
O4 NAG M . 28.17 40.58 -6.22
O5 NAG M . 26.67 38.98 -3.29
O6 NAG M . 27.60 37.94 -6.63
O7 NAG M . 27.23 42.16 -0.07
C1 NAG N . 10.67 56.20 -1.43
C2 NAG N . 9.69 57.38 -1.40
C3 NAG N . 9.54 58.01 -2.78
C4 NAG N . 10.92 58.41 -3.26
C5 NAG N . 11.76 57.13 -3.34
C6 NAG N . 13.17 57.33 -3.88
C7 NAG N . 8.00 57.11 0.39
C8 NAG N . 6.62 56.59 0.71
N2 NAG N . 8.40 56.96 -0.89
O3 NAG N . 8.66 59.10 -2.69
O4 NAG N . 10.85 59.17 -4.47
O5 NAG N . 11.88 56.61 -2.03
O6 NAG N . 13.76 56.07 -4.11
O7 NAG N . 8.69 57.63 1.25
C1 NAG N . 10.37 58.55 -5.69
C2 NAG N . 10.35 59.66 -6.75
C3 NAG N . 10.10 59.13 -8.16
C4 NAG N . 11.03 57.95 -8.46
C5 NAG N . 10.81 56.91 -7.36
C6 NAG N . 11.60 55.64 -7.56
C7 NAG N . 9.57 61.99 -6.50
C8 NAG N . 8.38 62.85 -6.16
N2 NAG N . 9.36 60.66 -6.45
O3 NAG N . 10.30 60.18 -9.06
O4 NAG N . 10.71 57.46 -9.74
O5 NAG N . 11.17 57.49 -6.13
O6 NAG N . 11.25 55.04 -8.79
O7 NAG N . 10.64 62.50 -6.81
C1 NAG O . -4.01 52.89 3.28
C2 NAG O . -5.52 52.79 3.01
C3 NAG O . -6.01 54.10 2.42
C4 NAG O . -5.68 55.22 3.40
C5 NAG O . -4.16 55.23 3.61
C6 NAG O . -3.68 56.31 4.55
C7 NAG O . -6.37 50.52 2.56
C8 NAG O . -6.57 49.50 1.47
N2 NAG O . -5.81 51.68 2.15
O3 NAG O . -7.39 54.00 2.19
O4 NAG O . -6.14 56.43 2.83
O5 NAG O . -3.76 53.97 4.13
O6 NAG O . -2.31 56.16 4.79
O7 NAG O . -6.69 50.29 3.72
C1 NAG O . -7.00 57.29 3.64
C2 NAG O . -8.35 57.35 2.90
C3 NAG O . -9.35 58.22 3.67
C4 NAG O . -9.46 57.74 5.11
C5 NAG O . -8.06 57.70 5.74
C6 NAG O . -8.04 57.21 7.16
C7 NAG O . -8.34 57.17 0.43
C8 NAG O . -8.08 57.95 -0.84
N2 NAG O . -8.17 57.87 1.57
O3 NAG O . -10.58 58.16 3.01
O4 NAG O . -10.32 58.63 5.79
O5 NAG O . -7.23 56.86 4.97
O6 NAG O . -8.55 55.90 7.22
O7 NAG O . -8.67 55.99 0.39
C1 NAG P . -3.44 46.47 -3.46
C2 NAG P . -4.37 45.53 -4.23
C3 NAG P . -4.88 46.16 -5.53
C4 NAG P . -5.45 47.54 -5.25
C5 NAG P . -4.35 48.36 -4.58
C6 NAG P . -4.73 49.80 -4.31
C7 NAG P . -3.95 43.11 -3.92
C8 NAG P . -3.10 41.96 -4.41
N2 NAG P . -3.70 44.29 -4.52
O3 NAG P . -5.82 45.30 -6.09
O4 NAG P . -5.86 48.05 -6.51
O5 NAG P . -4.03 47.74 -3.34
O6 NAG P . -5.96 49.86 -3.62
O7 NAG P . -4.78 42.96 -3.05
C1 NAG P . -7.00 48.95 -6.53
C2 NAG P . -7.66 48.77 -7.90
C3 NAG P . -8.96 49.58 -8.02
C4 NAG P . -9.86 49.30 -6.83
C5 NAG P . -9.06 49.58 -5.56
C6 NAG P . -9.87 49.44 -4.29
C7 NAG P . -6.20 50.33 -9.16
C8 NAG P . -5.29 50.45 -10.37
N2 NAG P . -6.76 49.12 -8.98
O3 NAG P . -9.57 49.24 -9.24
O4 NAG P . -10.98 50.14 -6.95
O5 NAG P . -7.97 48.69 -5.52
O6 NAG P . -11.00 50.28 -4.35
O7 NAG P . -6.39 51.30 -8.44
C1 NAG Q . -16.35 42.98 13.61
C2 NAG Q . -17.42 42.68 14.66
C3 NAG Q . -18.80 43.00 14.08
C4 NAG Q . -18.81 44.47 13.67
C5 NAG Q . -17.64 44.75 12.73
C6 NAG Q . -17.52 46.21 12.32
C7 NAG Q . -17.07 40.19 14.48
C8 NAG Q . -17.05 38.94 15.33
N2 NAG Q . -17.34 41.32 15.17
O3 NAG Q . -19.76 42.70 15.05
O4 NAG Q . -20.06 44.72 13.02
O5 NAG Q . -16.41 44.36 13.34
O6 NAG Q . -18.51 46.50 11.36
O7 NAG Q . -16.85 40.13 13.28
C1 NAG Q . -21.05 45.32 13.88
C2 NAG Q . -22.14 45.92 12.97
C3 NAG Q . -23.25 46.54 13.82
C4 NAG Q . -23.77 45.55 14.86
C5 NAG Q . -22.59 44.98 15.64
C6 NAG Q . -22.99 43.93 16.66
C7 NAG Q . -20.93 48.03 12.42
C8 NAG Q . -20.45 48.87 11.26
N2 NAG Q . -21.58 46.89 12.06
O3 NAG Q . -24.27 46.97 12.95
O4 NAG Q . -24.63 46.28 15.71
O5 NAG Q . -21.65 44.39 14.75
O6 NAG Q . -21.85 43.43 17.31
O7 NAG Q . -20.74 48.37 13.57
C1 BMA Q . -26.01 45.91 15.57
C2 BMA Q . -26.78 46.86 16.47
C3 BMA Q . -28.30 46.67 16.35
C4 BMA Q . -28.82 46.06 15.01
C5 BMA Q . -27.81 45.98 13.85
C6 BMA Q . -28.06 47.00 12.75
O2 BMA Q . -26.37 48.17 16.16
O3 BMA Q . -28.86 47.94 16.61
O4 BMA Q . -29.28 44.78 15.35
O5 BMA Q . -26.44 46.03 14.22
O6 BMA Q . -27.17 46.71 11.69
C1 NAG R . -29.06 29.26 11.84
C2 NAG R . -29.61 30.04 13.03
C3 NAG R . -30.04 29.07 14.13
C4 NAG R . -31.02 28.05 13.56
C5 NAG R . -30.46 27.42 12.29
C6 NAG R . -31.42 26.47 11.61
C7 NAG R . -27.43 30.71 13.98
C8 NAG R . -26.63 31.91 14.45
N2 NAG R . -28.66 31.00 13.53
O3 NAG R . -30.59 29.80 15.18
O4 NAG R . -31.20 27.05 14.55
O5 NAG R . -30.08 28.42 11.36
O6 NAG R . -32.65 27.12 11.39
O7 NAG R . -26.96 29.59 14.03
C1 NAG R . -32.41 27.24 15.34
C2 NAG R . -32.69 25.93 16.07
C3 NAG R . -33.99 26.07 16.86
C4 NAG R . -33.85 27.25 17.82
C5 NAG R . -33.44 28.51 17.05
C6 NAG R . -33.18 29.70 17.94
C7 NAG R . -33.56 24.69 14.09
C8 NAG R . -33.40 23.40 13.31
N2 NAG R . -32.75 24.81 15.16
O3 NAG R . -34.23 24.87 17.53
O4 NAG R . -35.10 27.41 18.45
O5 NAG R . -32.27 28.26 16.29
O6 NAG R . -34.34 29.97 18.70
O7 NAG R . -34.36 25.55 13.74
C1 NAG S . -25.67 38.23 -11.89
C2 NAG S . -26.15 39.67 -12.11
C3 NAG S . -25.22 40.44 -13.04
C4 NAG S . -23.76 40.29 -12.61
C5 NAG S . -23.47 38.78 -12.58
C6 NAG S . -22.03 38.40 -12.31
C7 NAG S . -28.62 39.78 -11.97
C8 NAG S . -29.87 39.68 -12.79
N2 NAG S . -27.48 39.63 -12.66
O3 NAG S . -25.63 41.78 -13.03
O4 NAG S . -23.03 41.02 -13.58
O5 NAG S . -24.29 38.21 -11.57
O6 NAG S . -21.92 37.00 -12.19
O7 NAG S . -28.65 39.97 -10.76
C1 NAG S . -21.91 41.85 -13.15
C2 NAG S . -22.33 42.97 -12.15
C3 NAG S . -21.11 43.82 -11.83
C4 NAG S . -19.97 42.95 -11.31
C5 NAG S . -19.70 41.82 -12.31
C6 NAG S . -18.61 40.87 -11.88
C7 NAG S . -24.42 44.24 -11.92
C8 NAG S . -25.43 45.08 -12.67
N2 NAG S . -23.39 43.79 -12.66
O3 NAG S . -21.49 44.80 -10.89
O4 NAG S . -18.85 43.79 -11.14
O5 NAG S . -20.90 41.09 -12.52
O6 NAG S . -18.41 39.90 -12.88
O7 NAG S . -24.55 44.01 -10.73
C1 NAG T . -6.29 28.52 17.25
C2 NAG T . -7.19 27.87 16.21
C3 NAG T . -8.67 28.05 16.58
C4 NAG T . -8.92 27.58 18.00
C5 NAG T . -7.96 28.32 18.93
C6 NAG T . -8.11 27.93 20.38
C7 NAG T . -6.29 27.80 13.90
C8 NAG T . -6.15 28.61 12.63
N2 NAG T . -6.94 28.42 14.90
O3 NAG T . -9.44 27.33 15.66
O4 NAG T . -10.26 27.88 18.32
O5 NAG T . -6.64 28.04 18.53
O6 NAG T . -7.91 26.55 20.53
O7 NAG T . -5.84 26.66 13.99
C1 NAG T . -11.13 26.71 18.35
C2 NAG T . -12.35 27.04 19.20
C3 NAG T . -13.24 25.81 19.29
C4 NAG T . -13.58 25.25 17.92
C5 NAG T . -12.31 25.14 17.06
C6 NAG T . -12.61 24.78 15.62
C7 NAG T . -11.98 28.75 20.95
C8 NAG T . -11.49 28.95 22.37
N2 NAG T . -11.95 27.48 20.51
O3 NAG T . -14.41 26.17 20.00
O4 NAG T . -14.10 23.96 18.13
O5 NAG T . -11.58 26.35 17.07
O6 NAG T . -11.41 24.77 14.87
O7 NAG T . -12.36 29.69 20.27
C1 BMA T . -15.53 23.88 17.85
C2 BMA T . -15.91 22.45 18.20
C3 BMA T . -17.43 22.23 18.15
C4 BMA T . -18.33 23.47 18.35
C5 BMA T . -17.65 24.78 18.77
C6 BMA T . -18.01 25.22 20.19
O2 BMA T . -15.38 22.16 19.46
O3 BMA T . -17.70 21.21 19.09
O4 BMA T . -18.98 23.64 17.11
O5 BMA T . -16.24 24.83 18.62
O6 BMA T . -17.48 24.28 21.09
C1 NAG U . -8.01 24.36 -16.54
C2 NAG U . -6.86 24.83 -17.44
C3 NAG U . -6.31 26.15 -16.92
C4 NAG U . -7.43 27.18 -16.84
C5 NAG U . -8.60 26.60 -16.03
C6 NAG U . -9.81 27.51 -15.99
C7 NAG U . -5.10 23.34 -16.53
C8 NAG U . -4.08 22.31 -16.92
N2 NAG U . -5.83 23.83 -17.55
O3 NAG U . -5.28 26.55 -17.77
O4 NAG U . -6.90 28.33 -16.21
O5 NAG U . -9.01 25.36 -16.57
O6 NAG U . -9.63 28.49 -14.99
O7 NAG U . -5.24 23.69 -15.37
C1 NAG U . -6.68 29.44 -17.12
C2 NAG U . -6.56 30.73 -16.29
C3 NAG U . -6.35 31.91 -17.23
C4 NAG U . -5.13 31.66 -18.10
C5 NAG U . -5.27 30.31 -18.81
C6 NAG U . -4.06 29.94 -19.63
C7 NAG U . -7.72 31.07 -14.13
C8 NAG U . -9.08 31.29 -13.51
N2 NAG U . -7.73 30.94 -15.47
O3 NAG U . -6.22 33.07 -16.44
O4 NAG U . -5.03 32.72 -19.02
O5 NAG U . -5.50 29.27 -17.86
O6 NAG U . -2.90 29.98 -18.82
O7 NAG U . -6.71 31.03 -13.45
C1 NAG V . 51.93 7.25 13.83
C2 NAG V . 52.40 5.88 13.34
C3 NAG V . 53.32 6.06 12.14
C4 NAG V . 52.57 6.83 11.06
C5 NAG V . 52.06 8.16 11.64
C6 NAG V . 51.25 8.97 10.67
C7 NAG V . 52.65 3.99 14.93
C8 NAG V . 53.52 3.43 16.01
N2 NAG V . 53.07 5.15 14.40
O3 NAG V . 53.72 4.79 11.69
O4 NAG V . 53.47 7.04 9.99
O5 NAG V . 51.26 7.90 12.78
O6 NAG V . 50.11 8.23 10.27
O7 NAG V . 51.63 3.41 14.57
C1 NAG V . 52.85 6.63 8.75
C2 NAG V . 53.76 7.04 7.58
C3 NAG V . 53.09 6.63 6.28
C4 NAG V . 52.80 5.14 6.30
C5 NAG V . 51.99 4.79 7.55
C6 NAG V . 51.71 3.31 7.71
C7 NAG V . 55.25 9.00 7.36
C8 NAG V . 55.28 10.51 7.43
N2 NAG V . 54.03 8.46 7.59
O3 NAG V . 53.95 6.98 5.22
O4 NAG V . 52.08 4.83 5.12
O5 NAG V . 52.68 5.23 8.70
O6 NAG V . 51.11 3.07 8.96
O7 NAG V . 56.25 8.35 7.13
C1 NAG W . -37.24 -16.56 -15.04
C2 NAG W . -37.40 -18.06 -15.36
C3 NAG W . -36.76 -18.32 -16.73
C4 NAG W . -37.27 -17.40 -17.82
C5 NAG W . -37.35 -15.94 -17.33
C6 NAG W . -38.15 -15.00 -18.20
C7 NAG W . -37.43 -19.65 -13.47
C8 NAG W . -36.54 -20.39 -12.51
N2 NAG W . -36.78 -18.86 -14.34
O3 NAG W . -37.02 -19.67 -17.04
O4 NAG W . -36.34 -17.55 -18.87
O5 NAG W . -37.94 -15.87 -16.04
O6 NAG W . -38.55 -13.88 -17.45
O7 NAG W . -38.65 -19.76 -13.43
C1 NAG W . -36.91 -17.73 -20.20
C2 NAG W . -37.46 -19.16 -20.35
C3 NAG W . -38.03 -19.33 -21.75
C4 NAG W . -39.06 -18.25 -22.04
C5 NAG W . -38.44 -16.88 -21.78
C6 NAG W . -39.39 -15.72 -22.00
C7 NAG W . -36.64 -21.33 -19.49
C8 NAG W . -35.42 -22.20 -19.35
N2 NAG W . -36.43 -20.15 -20.11
O3 NAG W . -38.58 -20.62 -21.83
O4 NAG W . -39.46 -18.39 -23.38
O5 NAG W . -37.97 -16.83 -20.44
O6 NAG W . -38.76 -14.50 -21.68
O7 NAG W . -37.72 -21.68 -19.05
C1 NAG X . -2.61 -31.96 33.37
C2 NAG X . -2.67 -33.30 34.09
C3 NAG X . -2.24 -34.40 33.13
C4 NAG X . -3.09 -34.37 31.85
C5 NAG X . -3.15 -32.94 31.29
C6 NAG X . -4.13 -32.81 30.15
C7 NAG X . -2.29 -33.25 36.53
C8 NAG X . -1.23 -33.26 37.60
N2 NAG X . -1.84 -33.31 35.26
O3 NAG X . -2.37 -35.63 33.79
O4 NAG X . -2.47 -35.24 30.93
O5 NAG X . -3.51 -32.02 32.29
O6 NAG X . -5.43 -33.11 30.60
O7 NAG X . -3.48 -33.20 36.83
C1 NAG X . -3.37 -36.24 30.41
C2 NAG X . -2.77 -36.80 29.12
C3 NAG X . -3.61 -37.95 28.58
C4 NAG X . -3.85 -38.99 29.66
C5 NAG X . -4.44 -38.29 30.89
C6 NAG X . -4.73 -39.23 32.04
C7 NAG X . -1.54 -35.06 27.86
C8 NAG X . -1.68 -34.01 26.80
N2 NAG X . -2.66 -35.75 28.14
O3 NAG X . -2.93 -38.46 27.46
O4 NAG X . -4.78 -39.94 29.18
O5 NAG X . -3.55 -37.29 31.33
O6 NAG X . -5.23 -38.49 33.13
O7 NAG X . -0.47 -35.25 28.43
C1 BMA X . -4.20 -40.99 28.37
C2 BMA X . -5.16 -42.17 28.51
C3 BMA X . -4.90 -43.29 27.48
C4 BMA X . -4.25 -42.89 26.14
C5 BMA X . -3.96 -41.40 25.91
C6 BMA X . -4.77 -40.80 24.76
O2 BMA X . -6.46 -41.66 28.43
O3 BMA X . -6.14 -43.93 27.32
O4 BMA X . -3.04 -43.62 26.09
O5 BMA X . -4.07 -40.53 27.03
O6 BMA X . -6.14 -40.96 25.06
C1 NAG Y . -15.34 -19.44 38.71
C2 NAG Y . -16.40 -18.42 39.15
C3 NAG Y . -15.79 -17.43 40.15
C4 NAG Y . -15.12 -18.18 41.29
C5 NAG Y . -14.14 -19.21 40.72
C6 NAG Y . -13.42 -20.04 41.77
C7 NAG Y . -18.09 -18.05 37.39
C8 NAG Y . -18.42 -17.18 36.21
N2 NAG Y . -16.93 -17.74 38.01
O3 NAG Y . -16.80 -16.57 40.58
O4 NAG Y . -14.42 -17.24 42.09
O5 NAG Y . -14.84 -20.10 39.85
O6 NAG Y . -12.58 -20.97 41.13
O7 NAG Y . -18.82 -18.95 37.76
C1 NAG Y . -15.22 -16.59 43.09
C2 NAG Y . -14.28 -16.22 44.24
C3 NAG Y . -15.02 -15.41 45.29
C4 NAG Y . -15.63 -14.18 44.61
C5 NAG Y . -16.58 -14.64 43.50
C6 NAG Y . -17.20 -13.50 42.71
C7 NAG Y . -12.45 -17.82 44.63
C8 NAG Y . -12.08 -19.11 45.34
N2 NAG Y . -13.72 -17.40 44.82
O3 NAG Y . -14.12 -15.07 46.31
O4 NAG Y . -16.23 -13.34 45.60
O5 NAG Y . -15.85 -15.42 42.57
O6 NAG Y . -18.14 -14.00 41.80
O7 NAG Y . -11.63 -17.23 43.94
C1 BMA Y . -17.44 -13.77 46.26
C2 BMA Y . -17.40 -13.08 47.61
C3 BMA Y . -18.72 -13.23 48.41
C4 BMA Y . -20.00 -13.44 47.58
C5 BMA Y . -19.88 -13.29 46.06
C6 BMA Y . -20.52 -12.01 45.51
O2 BMA Y . -17.07 -11.73 47.39
O3 BMA Y . -18.79 -12.09 49.22
O4 BMA Y . -20.45 -14.74 47.90
O5 BMA Y . -18.58 -13.41 45.50
O6 BMA Y . -19.78 -10.91 45.98
C1 NAG Z . -22.27 -8.55 38.62
C2 NAG Z . -21.58 -7.36 39.29
C3 NAG Z . -22.28 -7.06 40.62
C4 NAG Z . -23.78 -6.90 40.43
C5 NAG Z . -24.35 -8.06 39.60
C6 NAG Z . -25.82 -7.89 39.25
C7 NAG Z . -19.64 -8.62 40.19
C8 NAG Z . -18.13 -8.66 40.24
N2 NAG Z . -20.17 -7.60 39.48
O3 NAG Z . -21.69 -5.90 41.14
O4 NAG Z . -24.32 -6.92 41.73
O5 NAG Z . -23.62 -8.21 38.40
O6 NAG Z . -25.99 -6.68 38.55
O7 NAG Z . -20.30 -9.48 40.75
C1 NAG Z . -25.20 -5.78 41.97
C2 NAG Z . -26.01 -6.11 43.22
C3 NAG Z . -26.87 -4.92 43.62
C4 NAG Z . -25.99 -3.67 43.74
C5 NAG Z . -25.25 -3.47 42.42
C6 NAG Z . -24.35 -2.24 42.42
C7 NAG Z . -26.51 -8.52 43.38
C8 NAG Z . -27.53 -9.58 43.02
N2 NAG Z . -26.83 -7.28 42.99
O3 NAG Z . -27.50 -5.23 44.84
O4 NAG Z . -26.85 -2.59 44.02
O5 NAG Z . -24.45 -4.60 42.17
O6 NAG Z . -25.12 -1.09 42.62
O7 NAG Z . -25.49 -8.82 43.96
C1 NAG AA . -42.64 -17.59 35.18
C2 NAG AA . -43.91 -18.41 34.83
C3 NAG AA . -45.18 -17.55 34.93
C4 NAG AA . -45.20 -16.87 36.30
C5 NAG AA . -43.97 -15.95 36.34
C6 NAG AA . -43.88 -15.07 37.57
C7 NAG AA . -43.62 -20.24 33.19
C8 NAG AA . -43.53 -20.54 31.72
N2 NAG AA . -43.79 -18.94 33.49
O3 NAG AA . -46.28 -18.40 34.75
O4 NAG AA . -46.43 -16.23 36.56
O5 NAG AA . -42.83 -16.78 36.33
O6 NAG AA . -42.65 -14.39 37.56
O7 NAG AA . -43.53 -21.13 34.03
C1 NAG AA . -46.89 -15.19 35.65
C2 NAG AA . -48.28 -14.78 36.16
C3 NAG AA . -48.87 -13.78 35.17
C4 NAG AA . -47.95 -12.59 35.07
C5 NAG AA . -46.53 -13.05 34.71
C6 NAG AA . -45.52 -11.92 34.70
C7 NAG AA . -49.33 -17.00 35.61
C8 NAG AA . -50.32 -17.99 36.14
N2 NAG AA . -49.15 -15.90 36.40
O3 NAG AA . -50.15 -13.43 35.63
O4 NAG AA . -48.48 -11.73 34.08
O5 NAG AA . -46.09 -14.03 35.63
O6 NAG AA . -45.94 -10.92 33.81
O7 NAG AA . -48.75 -17.19 34.56
C1 NAG BA . -43.27 -25.42 21.40
C2 NAG BA . -43.72 -26.10 20.11
C3 NAG BA . -45.24 -26.22 20.08
C4 NAG BA . -45.74 -26.90 21.35
C5 NAG BA . -45.15 -26.20 22.58
C6 NAG BA . -45.54 -26.85 23.89
C7 NAG BA . -42.22 -25.75 18.17
C8 NAG BA . -41.90 -24.81 17.03
N2 NAG BA . -43.24 -25.37 18.97
O3 NAG BA . -45.60 -26.94 18.93
O4 NAG BA . -47.15 -26.80 21.33
O5 NAG BA . -43.74 -26.17 22.49
O6 NAG BA . -44.93 -26.17 24.96
O7 NAG BA . -41.59 -26.78 18.33
C1 NAG BA . -47.75 -28.08 21.12
C2 NAG BA . -49.27 -27.86 21.14
C3 NAG BA . -50.01 -29.17 20.86
C4 NAG BA . -49.49 -29.78 19.57
C5 NAG BA . -47.96 -29.92 19.64
C6 NAG BA . -47.34 -30.51 18.40
C7 NAG BA . -50.06 -26.03 22.62
C8 NAG BA . -50.41 -25.71 24.04
N2 NAG BA . -49.67 -27.31 22.41
O3 NAG BA . -51.37 -28.91 20.81
O4 NAG BA . -50.11 -31.03 19.41
O5 NAG BA . -47.39 -28.64 19.87
O6 NAG BA . -47.73 -29.76 17.27
O7 NAG BA . -50.11 -25.19 21.74
C1 NAG CA . -40.86 -16.32 18.56
C2 NAG CA . -40.72 -15.23 17.48
C3 NAG CA . -42.03 -14.45 17.34
C4 NAG CA . -43.21 -15.39 17.13
C5 NAG CA . -43.21 -16.44 18.24
C6 NAG CA . -44.33 -17.46 18.10
C7 NAG CA . -38.54 -14.15 17.04
C8 NAG CA . -37.59 -13.11 17.57
N2 NAG CA . -39.66 -14.32 17.78
O3 NAG CA . -41.88 -13.55 16.27
O4 NAG CA . -44.37 -14.60 17.18
O5 NAG CA . -41.98 -17.12 18.25
O6 NAG CA . -44.27 -18.05 16.82
O7 NAG CA . -38.29 -14.79 16.03
C1 NAG CA . -45.01 -14.47 15.89
C2 NAG CA . -46.42 -13.91 16.14
C3 NAG CA . -47.14 -13.73 14.81
C4 NAG CA . -46.31 -12.86 13.89
C5 NAG CA . -44.90 -13.44 13.76
C6 NAG CA . -43.98 -12.60 12.91
C7 NAG CA . -47.35 -14.56 18.34
C8 NAG CA . -48.16 -15.61 19.05
N2 NAG CA . -47.15 -14.77 17.02
O3 NAG CA . -48.41 -13.18 15.07
O4 NAG CA . -46.97 -12.82 12.64
O5 NAG CA . -44.31 -13.59 15.04
O6 NAG CA . -44.50 -12.49 11.60
O7 NAG CA . -46.91 -13.58 18.93
C1 NAG DA . -34.72 -33.77 7.99
C2 NAG DA . -34.21 -34.41 6.70
C3 NAG DA . -35.35 -34.50 5.69
C4 NAG DA . -36.54 -35.23 6.30
C5 NAG DA . -36.91 -34.58 7.64
C6 NAG DA . -38.03 -35.27 8.38
C7 NAG DA . -31.79 -33.98 6.39
C8 NAG DA . -30.80 -33.02 5.78
N2 NAG DA . -33.09 -33.64 6.21
O3 NAG DA . -34.86 -35.16 4.55
O4 NAG DA . -37.60 -35.14 5.38
O5 NAG DA . -35.77 -34.55 8.49
O6 NAG DA . -38.18 -34.70 9.65
O7 NAG DA . -31.44 -34.98 7.00
C1 NAG DA . -37.98 -36.44 4.89
C2 NAG DA . -39.28 -36.31 4.11
C3 NAG DA . -39.73 -37.69 3.63
C4 NAG DA . -38.62 -38.39 2.87
C5 NAG DA . -37.30 -38.32 3.65
C6 NAG DA . -36.11 -38.85 2.87
C7 NAG DA . -40.79 -36.09 6.06
C8 NAG DA . -41.86 -35.21 6.68
N2 NAG DA . -40.30 -35.65 4.89
O3 NAG DA . -40.88 -37.52 2.85
O4 NAG DA . -39.01 -39.74 2.74
O5 NAG DA . -37.01 -36.98 4.03
O6 NAG DA . -34.93 -38.68 3.62
O7 NAG DA . -40.42 -37.11 6.61
C1 BMA DA . -39.44 -40.12 1.40
C2 BMA DA . -39.42 -41.64 1.41
C3 BMA DA . -39.99 -42.21 0.10
C4 BMA DA . -41.07 -41.36 -0.60
C5 BMA DA . -41.60 -40.14 0.16
C6 BMA DA . -42.95 -40.37 0.81
O2 BMA DA . -40.11 -42.07 2.54
O3 BMA DA . -40.44 -43.51 0.44
O4 BMA DA . -40.49 -40.96 -1.83
O5 BMA DA . -40.71 -39.58 1.12
O6 BMA DA . -43.33 -39.15 1.42
C1 NAG EA . -29.26 -31.80 -10.12
C2 NAG EA . -29.55 -33.31 -10.09
C3 NAG EA . -28.36 -34.04 -10.70
C4 NAG EA . -28.05 -33.51 -12.10
C5 NAG EA . -28.02 -31.97 -12.11
C6 NAG EA . -27.94 -31.40 -13.50
C7 NAG EA . -28.99 -33.68 -7.70
C8 NAG EA . -29.53 -34.26 -6.42
N2 NAG EA . -29.83 -33.78 -8.76
O3 NAG EA . -28.66 -35.41 -10.72
O4 NAG EA . -26.79 -34.02 -12.46
O5 NAG EA . -29.16 -31.42 -11.47
O6 NAG EA . -29.03 -31.85 -14.27
O7 NAG EA . -27.89 -33.18 -7.76
C1 NAG EA . -26.85 -35.09 -13.42
C2 NAG EA . -25.43 -35.28 -13.98
C3 NAG EA . -25.42 -36.40 -15.00
C4 NAG EA . -25.98 -37.67 -14.36
C5 NAG EA . -27.36 -37.39 -13.76
C6 NAG EA . -27.95 -38.57 -13.06
C7 NAG EA . -25.46 -33.36 -15.56
C8 NAG EA . -24.72 -32.11 -15.94
N2 NAG EA . -24.91 -34.05 -14.53
O3 NAG EA . -24.12 -36.57 -15.47
O4 NAG EA . -26.05 -38.65 -15.38
O5 NAG EA . -27.28 -36.31 -12.85
O6 NAG EA . -28.07 -39.66 -13.95
O7 NAG EA . -26.48 -33.71 -16.13
C1 NAG FA . -46.11 -13.27 -5.58
C2 NAG FA . -47.64 -13.33 -5.71
C3 NAG FA . -48.25 -12.30 -4.78
C4 NAG FA . -47.75 -12.45 -3.36
C5 NAG FA . -46.21 -12.54 -3.34
C6 NAG FA . -45.59 -12.85 -2.00
C7 NAG FA . -48.29 -14.06 -7.99
C8 NAG FA . -48.66 -13.55 -9.36
N2 NAG FA . -48.02 -13.10 -7.08
O3 NAG FA . -49.64 -12.43 -4.86
O4 NAG FA . -48.25 -11.29 -2.71
O5 NAG FA . -45.77 -13.54 -4.25
O6 NAG FA . -45.39 -11.66 -1.27
O7 NAG FA . -48.25 -15.25 -7.73
C1 NAG FA . -48.77 -11.34 -1.34
C2 NAG FA . -49.83 -12.46 -1.13
C3 NAG FA . -50.41 -12.29 0.27
C4 NAG FA . -49.28 -12.36 1.30
C5 NAG FA . -48.14 -11.40 0.93
C6 NAG FA . -46.94 -11.51 1.83
C7 NAG FA . -51.39 -13.52 -2.72
C8 NAG FA . -52.47 -13.23 -3.74
N2 NAG FA . -50.87 -12.42 -2.13
O3 NAG FA . -51.38 -13.28 0.47
O4 NAG FA . -49.84 -12.05 2.55
O5 NAG FA . -47.74 -11.62 -0.41
O6 NAG FA . -45.95 -10.60 1.41
O7 NAG FA . -51.04 -14.66 -2.48
C1 NAG GA . -17.48 -28.71 10.53
C2 NAG GA . -17.64 -27.90 9.24
C3 NAG GA . -18.10 -28.78 8.08
C4 NAG GA . -17.20 -30.01 7.97
C5 NAG GA . -17.22 -30.72 9.32
C6 NAG GA . -16.42 -32.01 9.35
C7 NAG GA . -18.25 -25.53 9.62
C8 NAG GA . -19.42 -24.61 9.80
N2 NAG GA . -18.57 -26.83 9.43
O3 NAG GA . -18.07 -28.01 6.91
O4 NAG GA . -17.72 -30.84 6.94
O5 NAG GA . -16.69 -29.85 10.29
O6 NAG GA . -15.08 -31.75 9.00
O7 NAG GA . -17.09 -25.12 9.66
C1 NAG GA . -16.97 -30.76 5.69
C2 NAG GA . -17.20 -32.05 4.91
C3 NAG GA . -16.32 -32.01 3.66
C4 NAG GA . -16.55 -30.75 2.85
C5 NAG GA . -16.58 -29.50 3.75
C6 NAG GA . -17.07 -28.26 3.02
C7 NAG GA . -17.82 -34.08 6.19
C8 NAG GA . -17.25 -35.21 7.01
N2 NAG GA . -16.91 -33.21 5.72
O3 NAG GA . -16.58 -33.17 2.92
O4 NAG GA . -15.47 -30.69 1.95
O5 NAG GA . -17.40 -29.69 4.88
O6 NAG GA . -17.27 -27.22 3.94
O7 NAG GA . -19.02 -33.99 5.98
C1 BMA GA . -15.89 -30.42 0.58
C2 BMA GA . -14.59 -30.22 -0.18
C3 BMA GA . -14.83 -30.10 -1.71
C4 BMA GA . -16.15 -30.68 -2.24
C5 BMA GA . -16.91 -31.64 -1.32
C6 BMA GA . -16.73 -33.12 -1.70
O2 BMA GA . -13.74 -31.29 0.14
O3 BMA GA . -13.69 -30.68 -2.29
O4 BMA GA . -16.95 -29.56 -2.56
O5 BMA GA . -16.65 -31.49 0.08
O6 BMA GA . -15.38 -33.46 -1.56
C1 NAG HA . -31.10 1.51 2.89
C2 NAG HA . -31.49 2.33 4.13
C3 NAG HA . -32.13 1.40 5.15
C4 NAG HA . -33.34 0.71 4.55
C5 NAG HA . -32.97 0.07 3.20
C6 NAG HA . -34.17 -0.47 2.46
C7 NAG HA . -29.25 2.45 5.18
C8 NAG HA . -28.21 3.41 5.71
N2 NAG HA . -30.36 3.03 4.69
O3 NAG HA . -32.47 2.15 6.28
O4 NAG HA . -33.76 -0.28 5.47
O5 NAG HA . -32.30 0.99 2.36
O6 NAG HA . -34.85 -1.40 3.27
O7 NAG HA . -29.08 1.24 5.23
C1 NAG HA . -35.08 -0.02 5.99
C2 NAG HA . -35.59 -1.31 6.65
C3 NAG HA . -36.99 -1.06 7.19
C4 NAG HA . -36.97 0.12 8.15
C5 NAG HA . -36.34 1.34 7.46
C6 NAG HA . -36.20 2.53 8.38
C7 NAG HA . -34.95 -3.58 5.93
C8 NAG HA . -35.10 -4.60 4.82
N2 NAG HA . -35.59 -2.41 5.73
O3 NAG HA . -37.44 -2.24 7.81
O4 NAG HA . -38.30 0.38 8.54
O5 NAG HA . -35.07 1.00 6.96
O6 NAG HA . -35.47 2.15 9.53
O7 NAG HA . -34.28 -3.84 6.93
C1 NAG IA . -32.77 -2.06 -19.14
C2 NAG IA . -33.92 -1.90 -18.13
C3 NAG IA . -35.18 -1.42 -18.83
C4 NAG IA . -34.92 -0.20 -19.69
C5 NAG IA . -33.73 -0.46 -20.61
C6 NAG IA . -33.32 0.74 -21.44
C7 NAG IA . -34.56 -4.29 -18.00
C8 NAG IA . -34.80 -5.44 -17.04
N2 NAG IA . -34.19 -3.14 -17.42
O3 NAG IA . -36.13 -1.15 -17.83
O4 NAG IA . -36.09 0.02 -20.45
O5 NAG IA . -32.62 -0.85 -19.83
O6 NAG IA . -32.99 1.81 -20.58
O7 NAG IA . -34.71 -4.44 -19.20
C1 NAG IA . -36.63 1.34 -20.21
C2 NAG IA . -37.81 1.51 -21.18
C3 NAG IA . -38.47 2.87 -20.96
C4 NAG IA . -38.85 3.04 -19.49
C5 NAG IA . -37.60 2.80 -18.63
C6 NAG IA . -37.81 2.90 -17.14
C7 NAG IA . -36.43 2.05 -23.17
C8 NAG IA . -36.17 1.64 -24.59
N2 NAG IA . -37.38 1.34 -22.54
O3 NAG IA . -39.59 2.95 -21.80
O4 NAG IA . -39.37 4.36 -19.37
O5 NAG IA . -37.10 1.51 -18.89
O6 NAG IA . -38.91 2.12 -16.76
O7 NAG IA . -35.82 2.98 -22.66
C1 BMA IA . -40.44 4.47 -18.40
C2 BMA IA . -41.04 5.88 -18.56
C3 BMA IA . -42.16 6.10 -17.53
C4 BMA IA . -42.79 4.84 -16.90
C5 BMA IA . -42.50 3.49 -17.59
C6 BMA IA . -43.73 2.74 -18.13
O2 BMA IA . -41.48 6.01 -19.89
O3 BMA IA . -43.10 6.92 -18.18
O4 BMA IA . -42.27 4.80 -15.59
O5 BMA IA . -41.49 3.55 -18.58
O6 BMA IA . -44.70 3.60 -18.68
C1 MAN IA . -44.45 3.97 -20.06
C2 MAN IA . -45.73 4.63 -20.59
C3 MAN IA . -46.85 3.59 -20.73
C4 MAN IA . -46.39 2.43 -21.60
C5 MAN IA . -45.09 1.86 -21.01
C6 MAN IA . -44.50 0.77 -21.90
O2 MAN IA . -45.42 5.21 -21.83
O3 MAN IA . -47.97 4.23 -21.28
O4 MAN IA . -47.42 1.47 -21.60
O5 MAN IA . -44.11 2.88 -20.89
O6 MAN IA . -43.43 0.17 -21.22
C1 NAG JA . -20.83 6.92 -29.58
C2 NAG JA . -21.31 6.29 -30.88
C3 NAG JA . -22.43 5.31 -30.58
C4 NAG JA . -21.96 4.28 -29.58
C5 NAG JA . -21.47 4.99 -28.33
C6 NAG JA . -20.86 4.08 -27.31
C7 NAG JA . -21.00 7.69 -32.83
C8 NAG JA . -21.46 8.92 -33.57
N2 NAG JA . -21.72 7.34 -31.78
O3 NAG JA . -22.85 4.70 -31.78
O4 NAG JA . -23.05 3.44 -29.21
O5 NAG JA . -20.43 5.92 -28.68
O6 NAG JA . -20.22 4.82 -26.28
O7 NAG JA . -20.01 7.05 -33.18
C1 NAG JA . -22.87 2.07 -29.34
C2 NAG JA . -24.08 1.41 -28.67
C3 NAG JA . -24.04 -0.09 -28.92
C4 NAG JA . -23.97 -0.35 -30.41
C5 NAG JA . -22.76 0.36 -31.01
C6 NAG JA . -22.72 0.25 -32.51
C7 NAG JA . -24.95 2.52 -26.68
C8 NAG JA . -25.05 2.45 -25.19
N2 NAG JA . -24.09 1.67 -27.25
O3 NAG JA . -25.21 -0.66 -28.36
O4 NAG JA . -23.78 -1.75 -30.65
O5 NAG JA . -22.83 1.77 -30.71
O6 NAG JA . -23.85 0.89 -33.08
O7 NAG JA . -25.60 3.31 -27.35
C1 BMA JA . -24.88 -2.53 -30.95
C2 BMA JA . -24.38 -3.63 -31.83
C3 BMA JA . -25.51 -4.52 -32.27
C4 BMA JA . -26.23 -5.04 -31.05
C5 BMA JA . -26.70 -3.90 -30.17
C6 BMA JA . -27.29 -4.42 -28.88
O2 BMA JA . -23.40 -4.38 -31.14
O3 BMA JA . -24.95 -5.61 -32.99
O4 BMA JA . -27.38 -5.78 -31.45
O5 BMA JA . -25.58 -3.07 -29.82
O6 BMA JA . -26.61 -5.62 -28.47
C1 MAN JA . -27.39 -6.78 -28.51
C2 MAN JA . -28.21 -6.83 -27.26
C3 MAN JA . -27.31 -6.73 -26.06
C4 MAN JA . -26.30 -7.86 -26.10
C5 MAN JA . -25.52 -7.78 -27.38
C6 MAN JA . -24.56 -8.93 -27.53
O2 MAN JA . -28.97 -8.03 -27.24
O3 MAN JA . -28.10 -6.83 -24.88
O4 MAN JA . -25.36 -7.74 -25.03
O5 MAN JA . -26.43 -7.84 -28.50
O6 MAN JA . -23.45 -8.73 -26.68
C1 MAN JA . -22.51 -9.77 -26.74
C2 MAN JA . -21.31 -9.37 -25.92
C3 MAN JA . -20.66 -8.15 -26.51
C4 MAN JA . -20.30 -8.40 -27.95
C5 MAN JA . -21.53 -8.84 -28.74
C6 MAN JA . -21.24 -9.25 -30.16
O2 MAN JA . -20.39 -10.45 -25.83
O3 MAN JA . -19.48 -7.84 -25.78
O4 MAN JA . -19.78 -7.21 -28.53
O5 MAN JA . -22.13 -9.98 -28.10
O6 MAN JA . -22.41 -9.71 -30.80
C1 MAN JA . -25.78 -6.14 -33.97
C2 MAN JA . -25.08 -7.33 -34.54
C3 MAN JA . -23.72 -6.93 -35.02
C4 MAN JA . -23.87 -5.83 -36.05
C5 MAN JA . -24.60 -4.67 -35.44
C6 MAN JA . -24.87 -3.57 -36.44
O2 MAN JA . -25.84 -7.90 -35.60
O3 MAN JA . -23.07 -8.07 -35.60
O4 MAN JA . -22.59 -5.36 -36.48
O5 MAN JA . -25.88 -5.11 -34.96
O6 MAN JA . -25.39 -4.15 -37.62
C1 NAG KA . -8.44 9.19 -40.26
C2 NAG KA . -7.46 10.01 -41.11
C3 NAG KA . -7.60 11.48 -40.73
C4 NAG KA . -9.04 11.94 -40.92
C5 NAG KA . -9.99 10.98 -40.20
C6 NAG KA . -11.46 11.27 -40.49
C7 NAG KA . -5.44 8.84 -41.87
C8 NAG KA . -4.02 8.47 -41.48
N2 NAG KA . -6.11 9.55 -40.95
O3 NAG KA . -6.68 12.21 -41.51
O4 NAG KA . -9.18 13.25 -40.38
O5 NAG KA . -9.74 9.64 -40.57
O6 NAG KA . -11.69 11.23 -41.87
O7 NAG KA . -5.91 8.49 -42.94
C1 NAG KA . -8.78 14.32 -41.26
C2 NAG KA . -9.80 15.46 -41.14
C3 NAG KA . -9.41 16.62 -42.04
C4 NAG KA . -7.98 17.06 -41.73
C5 NAG KA . -7.05 15.85 -41.77
C6 NAG KA . -5.62 16.18 -41.40
C7 NAG KA . -11.53 14.44 -42.60
C8 NAG KA . -12.98 14.05 -42.66
N2 NAG KA . -11.14 14.99 -41.44
O3 NAG KA . -10.34 17.65 -41.85
O4 NAG KA . -7.59 18.00 -42.70
O5 NAG KA . -7.52 14.84 -40.90
O6 NAG KA . -5.57 16.72 -40.10
O7 NAG KA . -10.78 14.26 -43.56
C1 BMA KA . -7.96 19.37 -42.44
C2 BMA KA . -6.90 20.22 -43.13
C3 BMA KA . -7.25 21.73 -43.10
C4 BMA KA . -8.75 22.08 -43.11
C5 BMA KA . -9.74 20.92 -43.25
C6 BMA KA . -10.42 20.85 -44.62
O2 BMA KA . -6.74 19.74 -44.43
O3 BMA KA . -6.55 22.29 -44.18
O4 BMA KA . -8.96 22.75 -41.88
O5 BMA KA . -9.26 19.62 -42.92
O6 BMA KA . -11.44 19.87 -44.49
C1 MAN KA . -12.60 20.23 -45.28
C2 MAN KA . -13.68 19.17 -45.04
C3 MAN KA . -13.19 17.82 -45.56
C4 MAN KA . -12.78 17.95 -47.03
C5 MAN KA . -11.77 19.08 -47.19
C6 MAN KA . -11.45 19.35 -48.65
O2 MAN KA . -14.84 19.60 -45.71
O3 MAN KA . -14.23 16.90 -45.38
O4 MAN KA . -12.23 16.70 -47.41
O5 MAN KA . -12.28 20.29 -46.65
O6 MAN KA . -11.47 18.13 -49.35
C1 NAG LA . 46.95 -21.20 -0.39
C2 NAG LA . 48.04 -21.92 -1.19
C3 NAG LA . 49.42 -21.33 -0.85
C4 NAG LA . 49.38 -19.80 -0.97
C5 NAG LA . 48.24 -19.27 -0.09
C6 NAG LA . 48.13 -17.77 -0.09
C7 NAG LA . 47.88 -24.31 -1.81
C8 NAG LA . 47.90 -25.70 -1.23
N2 NAG LA . 48.03 -23.33 -0.90
O3 NAG LA . 50.35 -21.91 -1.72
O4 NAG LA . 50.60 -19.11 -0.68
O5 NAG LA . 47.03 -19.81 -0.56
O6 NAG LA . 47.92 -17.31 -1.40
O7 NAG LA . 47.73 -24.12 -3.01
C1 NAG LA . 51.69 -19.63 0.16
C2 NAG LA . 51.25 -19.77 1.65
C3 NAG LA . 52.45 -20.23 2.46
C4 NAG LA . 53.05 -21.51 1.87
C5 NAG LA . 53.34 -21.31 0.39
C6 NAG LA . 53.88 -22.54 -0.31
C7 NAG LA . 49.69 -18.43 3.01
C8 NAG LA . 49.35 -17.04 3.45
N2 NAG LA . 50.75 -18.53 2.18
O3 NAG LA . 52.03 -20.43 3.79
O4 NAG LA . 54.22 -21.79 2.60
O5 NAG LA . 52.16 -20.89 -0.27
O6 NAG LA . 55.14 -22.87 0.21
O7 NAG LA . 49.04 -19.39 3.40
C1 NAG MA . 41.39 -14.51 -12.26
C2 NAG MA . 42.74 -14.66 -12.97
C3 NAG MA . 43.48 -13.33 -12.89
C4 NAG MA . 42.64 -12.22 -13.52
C5 NAG MA . 41.22 -12.24 -12.95
C6 NAG MA . 40.27 -11.33 -13.69
C7 NAG MA . 43.85 -15.94 -11.15
C8 NAG MA . 44.73 -17.15 -10.90
N2 NAG MA . 43.56 -15.73 -12.44
O3 NAG MA . 44.72 -13.48 -13.53
O4 NAG MA . 43.29 -11.00 -13.23
O5 NAG MA . 40.67 -13.55 -12.98
O6 NAG MA . 38.97 -11.49 -13.21
O7 NAG MA . 43.45 -15.25 -10.23
C1 NAG MA . 43.34 -10.10 -14.37
C2 NAG MA . 43.34 -8.66 -13.85
C3 NAG MA . 43.37 -7.69 -15.04
C4 NAG MA . 44.56 -8.00 -15.93
C5 NAG MA . 44.54 -9.48 -16.31
C6 NAG MA . 45.74 -9.91 -17.14
C7 NAG MA . 42.25 -8.07 -11.72
C8 NAG MA . 40.91 -7.83 -11.05
N2 NAG MA . 42.20 -8.38 -13.02
O3 NAG MA . 43.40 -6.38 -14.54
O4 NAG MA . 44.44 -7.19 -17.08
O5 NAG MA . 44.49 -10.28 -15.15
O6 NAG MA . 46.93 -9.57 -16.46
O7 NAG MA . 43.29 -7.98 -11.07
C1 BMA MA . 45.45 -6.15 -17.15
C2 BMA MA . 45.30 -5.54 -18.52
C3 BMA MA . 46.28 -4.35 -18.71
C4 BMA MA . 46.66 -3.59 -17.43
C5 BMA MA . 45.80 -3.88 -16.18
C6 BMA MA . 44.68 -2.88 -15.96
O2 BMA MA . 43.96 -5.15 -18.70
O3 BMA MA . 45.69 -3.52 -19.68
O4 BMA MA . 48.01 -3.91 -17.18
O5 BMA MA . 45.26 -5.20 -16.12
O6 BMA MA . 44.06 -3.20 -14.73
C1 NAG NA . 29.65 -27.71 -17.28
C2 NAG NA . 28.92 -28.57 -18.30
C3 NAG NA . 28.38 -29.80 -17.56
C4 NAG NA . 29.49 -30.57 -16.84
C5 NAG NA . 30.35 -29.61 -16.01
C6 NAG NA . 31.65 -30.22 -15.54
C7 NAG NA . 27.74 -27.62 -20.25
C8 NAG NA . 26.52 -26.84 -20.67
N2 NAG NA . 27.85 -27.85 -18.93
O3 NAG NA . 27.72 -30.62 -18.50
O4 NAG NA . 28.86 -31.50 -15.97
O5 NAG NA . 30.71 -28.49 -16.79
O6 NAG NA . 32.48 -29.20 -15.03
O7 NAG NA . 28.56 -28.00 -21.07
C1 NAG NA . 29.38 -32.84 -16.06
C2 NAG NA . 29.26 -33.48 -14.67
C3 NAG NA . 29.37 -35.00 -14.71
C4 NAG NA . 28.40 -35.50 -15.76
C5 NAG NA . 28.85 -34.93 -17.10
C6 NAG NA . 28.13 -35.48 -18.32
C7 NAG NA . 30.08 -32.11 -12.77
C8 NAG NA . 31.33 -31.72 -12.01
N2 NAG NA . 30.29 -32.95 -13.79
O3 NAG NA . 29.09 -35.50 -13.43
O4 NAG NA . 28.25 -36.92 -15.72
O5 NAG NA . 28.64 -33.53 -17.05
O6 NAG NA . 26.77 -35.12 -18.25
O7 NAG NA . 28.98 -31.69 -12.43
C1 BMA NA . 29.44 -37.76 -15.78
C2 BMA NA . 28.87 -39.17 -15.84
C3 BMA NA . 29.94 -40.25 -16.12
C4 BMA NA . 31.23 -39.78 -16.82
C5 BMA NA . 31.27 -38.35 -17.37
C6 BMA NA . 31.30 -38.28 -18.90
O2 BMA NA . 27.85 -39.17 -16.82
O3 BMA NA . 29.27 -41.27 -16.82
O4 BMA NA . 32.26 -39.96 -15.86
O5 BMA NA . 30.25 -37.48 -16.90
O6 BMA NA . 30.09 -38.80 -19.40
C1 NAG OA . 19.16 -35.10 -19.40
C2 NAG OA . 19.58 -35.92 -18.18
C3 NAG OA . 19.55 -37.40 -18.53
C4 NAG OA . 18.13 -37.75 -18.98
C5 NAG OA . 17.77 -36.86 -20.19
C6 NAG OA . 16.38 -37.06 -20.74
C7 NAG OA . 22.02 -35.44 -18.39
C8 NAG OA . 23.23 -35.01 -17.60
N2 NAG OA . 20.88 -35.53 -17.68
O3 NAG OA . 19.94 -38.14 -17.40
O4 NAG OA . 18.00 -39.15 -19.20
O5 NAG OA . 17.87 -35.50 -19.80
O6 NAG OA . 16.25 -36.38 -21.96
O7 NAG OA . 22.11 -35.69 -19.58
C1 NAG OA . 18.68 -39.74 -20.33
C2 NAG OA . 18.63 -41.27 -20.16
C3 NAG OA . 19.26 -41.97 -21.34
C4 NAG OA . 18.61 -41.50 -22.64
C5 NAG OA . 18.73 -39.96 -22.70
C6 NAG OA . 18.12 -39.36 -23.94
C7 NAG OA . 18.73 -42.40 -17.95
C8 NAG OA . 19.63 -42.69 -16.78
N2 NAG OA . 19.29 -41.67 -18.93
O3 NAG OA . 19.09 -43.36 -21.16
O4 NAG OA . 19.29 -42.12 -23.70
O5 NAG OA . 18.09 -39.42 -21.57
O6 NAG OA . 18.77 -39.87 -25.08
O7 NAG OA . 17.58 -42.80 -17.98
C1 NAG PA . 16.65 -18.99 -46.65
C2 NAG PA . 15.65 -18.10 -47.39
C3 NAG PA . 15.54 -18.57 -48.83
C4 NAG PA . 16.91 -18.60 -49.49
C5 NAG PA . 17.84 -19.49 -48.64
C6 NAG PA . 19.25 -19.59 -49.16
C7 NAG PA . 13.75 -17.07 -46.20
C8 NAG PA . 12.39 -17.36 -45.61
N2 NAG PA . 14.36 -18.13 -46.76
O3 NAG PA . 14.66 -17.71 -49.50
O4 NAG PA . 16.71 -19.13 -50.80
O5 NAG PA . 17.87 -18.97 -47.33
O6 NAG PA . 20.03 -20.27 -48.20
O7 NAG PA . 14.24 -15.94 -46.15
C1 NAG PA . 17.59 -18.64 -51.85
C2 NAG PA . 16.68 -18.04 -52.92
C3 NAG PA . 17.50 -17.50 -54.08
C4 NAG PA . 18.54 -16.52 -53.56
C5 NAG PA . 19.37 -17.19 -52.47
C6 NAG PA . 20.42 -16.29 -51.86
C7 NAG PA . 14.42 -19.04 -53.08
C8 NAG PA . 13.65 -20.19 -53.69
N2 NAG PA . 15.74 -19.03 -53.37
O3 NAG PA . 16.62 -16.91 -55.00
O4 NAG PA . 19.33 -16.11 -54.65
O5 NAG PA . 18.52 -17.66 -51.44
O6 NAG PA . 19.80 -15.18 -51.26
O7 NAG PA . 13.86 -18.19 -52.39
C1 NAG QA . 8.88 -20.15 -41.38
C2 NAG QA . 7.77 -19.08 -41.33
C3 NAG QA . 6.53 -19.54 -42.10
C4 NAG QA . 6.97 -19.86 -43.52
C5 NAG QA . 8.01 -20.99 -43.42
C6 NAG QA . 8.46 -21.53 -44.76
C7 NAG QA . 6.96 -19.55 -39.03
C8 NAG QA . 6.71 -18.89 -37.70
N2 NAG QA . 7.44 -18.72 -39.98
O3 NAG QA . 5.59 -18.49 -42.05
O4 NAG QA . 5.83 -20.24 -44.28
O5 NAG QA . 9.14 -20.51 -42.71
O6 NAG QA . 9.01 -20.51 -45.54
O7 NAG QA . 6.74 -20.73 -39.22
C1 NAG QA . 5.58 -19.54 -45.53
C2 NAG QA . 4.48 -18.49 -45.24
C3 NAG QA . 4.26 -17.56 -46.43
C4 NAG QA . 5.58 -16.98 -46.93
C5 NAG QA . 6.51 -18.15 -47.25
C6 NAG QA . 7.86 -17.72 -47.80
C7 NAG QA . 2.66 -19.24 -43.74
C8 NAG QA . 1.36 -20.00 -43.70
N2 NAG QA . 3.24 -19.15 -44.95
O3 NAG QA . 3.38 -16.55 -46.03
O4 NAG QA . 5.30 -16.21 -48.08
O5 NAG QA . 6.74 -18.89 -46.07
O6 NAG QA . 8.44 -16.77 -46.96
O7 NAG QA . 3.13 -18.75 -42.73
C1 NAG RA . 18.73 -0.65 -43.11
C2 NAG RA . 19.01 0.85 -43.04
C3 NAG RA . 18.09 1.55 -44.03
C4 NAG RA . 18.33 0.98 -45.43
C5 NAG RA . 18.31 -0.55 -45.43
C6 NAG RA . 18.78 -1.16 -46.73
C7 NAG RA . 17.87 1.15 -40.84
C8 NAG RA . 18.04 1.81 -39.50
N2 NAG RA . 18.89 1.36 -41.70
O3 NAG RA . 18.35 2.92 -43.97
O4 NAG RA . 17.30 1.51 -46.24
O5 NAG RA . 19.11 -1.08 -44.39
O6 NAG RA . 18.86 -2.56 -46.59
O7 NAG RA . 16.88 0.49 -41.11
C1 NAG RA . 17.83 2.19 -47.39
C2 NAG RA . 16.65 2.51 -48.31
C3 NAG RA . 17.13 3.28 -49.53
C4 NAG RA . 17.94 4.50 -49.12
C5 NAG RA . 19.04 4.07 -48.14
C6 NAG RA . 19.85 5.24 -47.61
C7 NAG RA . 16.47 0.26 -49.36
C8 NAG RA . 15.52 -0.88 -49.62
N2 NAG RA . 15.94 1.31 -48.69
O3 NAG RA . 16.01 3.62 -50.30
O4 NAG RA . 18.48 5.05 -50.30
O5 NAG RA . 18.46 3.40 -47.04
O6 NAG RA . 20.81 4.78 -46.69
O7 NAG RA . 17.64 0.22 -49.73
C1 BMA RA . 18.08 6.42 -50.51
C2 BMA RA . 18.66 6.79 -51.87
C3 BMA RA . 18.28 8.24 -52.26
C4 BMA RA . 17.00 8.80 -51.61
C5 BMA RA . 16.07 7.78 -50.92
C6 BMA RA . 14.83 7.44 -51.73
O2 BMA RA . 18.20 5.85 -52.81
O3 BMA RA . 18.22 8.25 -53.67
O4 BMA RA . 17.46 9.76 -50.68
O5 BMA RA . 16.68 6.58 -50.50
O6 BMA RA . 14.03 6.59 -50.94
C1 NAG SA . 7.84 15.14 -38.66
C2 NAG SA . 9.06 15.52 -39.50
C3 NAG SA . 9.75 16.71 -38.86
C4 NAG SA . 8.78 17.87 -38.63
C5 NAG SA . 7.47 17.38 -38.02
C6 NAG SA . 6.37 18.44 -38.03
C7 NAG SA . 10.60 13.77 -38.67
C8 NAG SA . 11.55 12.68 -39.10
N2 NAG SA . 9.99 14.43 -39.66
O3 NAG SA . 10.81 17.10 -39.69
O4 NAG SA . 9.42 18.75 -37.71
O5 NAG SA . 6.98 16.25 -38.71
O6 NAG SA . 6.04 18.76 -39.36
O7 NAG SA . 10.41 14.01 -37.48
C1 NAG SA . 9.94 19.95 -38.30
C2 NAG SA . 10.22 20.92 -37.15
C3 NAG SA . 10.83 22.21 -37.69
C4 NAG SA . 12.07 21.89 -38.51
C5 NAG SA . 11.70 20.88 -39.60
C6 NAG SA . 12.88 20.46 -40.45
C7 NAG SA . 7.90 21.76 -36.86
C8 NAG SA . 6.79 21.93 -35.85
N2 NAG SA . 9.03 21.19 -36.39
O3 NAG SA . 11.12 23.05 -36.61
O4 NAG SA . 12.54 23.10 -39.05
O5 NAG SA . 11.14 19.71 -39.01
O6 NAG SA . 13.44 21.59 -41.07
O7 NAG SA . 7.76 22.13 -38.03
C1 NAG TA . -9.08 -2.74 -46.36
C2 NAG TA . -9.33 -3.05 -47.84
C3 NAG TA . -10.00 -4.41 -47.98
C4 NAG TA . -9.19 -5.49 -47.26
C5 NAG TA . -8.92 -5.03 -45.82
C6 NAG TA . -8.09 -5.99 -44.99
C7 NAG TA . -11.35 -1.62 -48.06
C8 NAG TA . -11.94 -0.48 -48.85
N2 NAG TA . -10.12 -1.99 -48.44
O3 NAG TA . -10.13 -4.68 -49.35
O4 NAG TA . -9.97 -6.65 -47.34
O5 NAG TA . -8.27 -3.77 -45.82
O6 NAG TA . -6.87 -6.25 -45.65
O7 NAG TA . -11.97 -2.13 -47.14
C1 NAG TA . -9.28 -7.93 -47.37
C2 NAG TA . -9.62 -8.60 -48.70
C3 NAG TA . -9.03 -10.00 -48.72
C4 NAG TA . -7.53 -9.93 -48.49
C5 NAG TA . -7.23 -9.11 -47.22
C6 NAG TA . -5.75 -8.91 -46.99
C7 NAG TA . -11.71 -7.91 -49.85
C8 NAG TA . -13.20 -8.12 -49.87
N2 NAG TA . -11.05 -8.63 -48.91
O3 NAG TA . -9.36 -10.60 -49.94
O4 NAG TA . -7.07 -11.25 -48.38
O5 NAG TA . -7.86 -7.85 -47.29
O6 NAG TA . -5.55 -8.16 -45.81
O7 NAG TA . -11.17 -7.14 -50.62
C1 NAG UA . 21.28 -0.47 -25.63
C2 NAG UA . 19.86 0.11 -25.63
C3 NAG UA . 19.80 1.38 -26.49
C4 NAG UA . 20.89 2.36 -26.07
C5 NAG UA . 22.23 1.64 -26.15
C6 NAG UA . 23.42 2.51 -25.79
C7 NAG UA . 18.05 -1.54 -25.35
C8 NAG UA . 17.17 -2.50 -26.11
N2 NAG UA . 18.93 -0.85 -26.11
O3 NAG UA . 18.52 1.92 -26.35
O4 NAG UA . 20.83 3.46 -26.95
O5 NAG UA . 22.22 0.53 -25.28
O6 NAG UA . 23.27 2.99 -24.47
O7 NAG UA . 17.96 -1.40 -24.14
C1 NAG UA . 20.53 4.70 -26.25
C2 NAG UA . 20.85 5.86 -27.19
C3 NAG UA . 20.49 7.19 -26.51
C4 NAG UA . 19.06 7.17 -26.01
C5 NAG UA . 18.84 5.92 -25.14
C6 NAG UA . 17.44 5.78 -24.61
C7 NAG UA . 22.72 5.53 -28.77
C8 NAG UA . 24.22 5.58 -28.89
N2 NAG UA . 22.24 5.84 -27.56
O3 NAG UA . 20.70 8.22 -27.44
O4 NAG UA . 18.88 8.34 -25.23
O5 NAG UA . 19.17 4.77 -25.89
O6 NAG UA . 16.53 5.79 -25.69
O7 NAG UA . 22.02 5.22 -29.73
C1 BMA UA . 17.92 9.24 -25.82
C2 BMA UA . 17.71 10.34 -24.79
C3 BMA UA . 16.80 11.46 -25.32
C4 BMA UA . 16.80 11.67 -26.85
C5 BMA UA . 17.84 10.89 -27.68
C6 BMA UA . 18.97 11.76 -28.20
O2 BMA UA . 18.98 10.81 -24.41
O3 BMA UA . 17.18 12.62 -24.62
O4 BMA UA . 15.49 11.32 -27.26
O5 BMA UA . 18.39 9.75 -27.06
O6 BMA UA . 19.73 12.22 -27.10
C1 NAG VA . -10.45 -12.48 -25.66
C2 NAG VA . -10.57 -14.01 -25.65
C3 NAG VA . -9.43 -14.60 -26.48
C4 NAG VA . -9.46 -14.03 -27.89
C5 NAG VA . -9.50 -12.50 -27.83
C6 NAG VA . -9.67 -11.86 -29.18
C7 NAG VA . -9.60 -14.69 -23.44
C8 NAG VA . -9.99 -15.25 -22.11
N2 NAG VA . -10.62 -14.53 -24.31
O3 NAG VA . -9.56 -16.00 -26.47
O4 NAG VA . -8.28 -14.44 -28.56
O5 NAG VA . -10.55 -12.06 -27.00
O6 NAG VA . -10.87 -12.30 -29.77
O7 NAG VA . -8.44 -14.41 -23.68
C1 NAG VA . -8.41 -15.67 -29.32
C2 NAG VA . -7.40 -15.60 -30.46
C3 NAG VA . -7.44 -16.90 -31.27
C4 NAG VA . -7.22 -18.08 -30.34
C5 NAG VA . -8.24 -18.03 -29.21
C6 NAG VA . -8.07 -19.16 -28.20
C7 NAG VA . -6.79 -13.49 -31.58
C8 NAG VA . -7.31 -12.42 -32.51
N2 NAG VA . -7.66 -14.47 -31.32
O3 NAG VA . -6.47 -16.81 -32.28
O4 NAG VA . -7.35 -19.25 -31.13
O5 NAG VA . -8.13 -16.80 -28.52
O6 NAG VA . -6.76 -19.12 -27.68
O7 NAG VA . -5.65 -13.44 -31.13
C1 NAG WA . 17.79 1.72 52.39
C2 NAG WA . 18.92 2.74 52.23
C3 NAG WA . 18.52 4.14 52.68
C4 NAG WA . 17.17 4.53 52.08
C5 NAG WA . 16.15 3.44 52.44
C6 NAG WA . 14.74 3.72 51.96
C7 NAG WA . 21.14 1.66 52.44
C8 NAG WA . 22.22 1.33 53.44
N2 NAG WA . 20.08 2.32 52.96
O3 NAG WA . 19.53 5.03 52.31
O4 NAG WA . 16.82 5.79 52.61
O5 NAG WA . 16.59 2.23 51.88
O6 NAG WA . 14.74 3.87 50.56
O7 NAG WA . 21.23 1.35 51.26
C1 NAG WA . 16.32 6.67 51.57
C2 NAG WA . 15.64 7.85 52.25
C3 NAG WA . 15.12 8.83 51.20
C4 NAG WA . 16.27 9.22 50.26
C5 NAG WA . 16.91 7.96 49.69
C6 NAG WA . 18.08 8.24 48.76
C7 NAG WA . 14.58 7.40 54.44
C8 NAG WA . 13.31 6.89 55.10
N2 NAG WA . 14.55 7.41 53.10
O3 NAG WA . 14.58 9.94 51.85
O4 NAG WA . 15.72 10.03 49.25
O5 NAG WA . 17.36 7.14 50.75
O6 NAG WA . 18.63 7.02 48.32
O7 NAG WA . 15.53 7.78 55.12
C1 NAG XA . -0.41 53.98 15.56
C2 NAG XA . -1.49 55.05 15.78
C3 NAG XA . -0.88 56.44 15.94
C4 NAG XA . 0.22 56.41 17.00
C5 NAG XA . 1.24 55.34 16.59
C6 NAG XA . 2.43 55.25 17.52
C7 NAG XA . -3.61 54.42 14.67
C8 NAG XA . -4.39 54.56 13.39
N2 NAG XA . -2.41 55.04 14.67
O3 NAG XA . -1.91 57.32 16.28
O4 NAG XA . 0.78 57.70 17.05
O5 NAG XA . 0.58 54.09 16.55
O6 NAG XA . 2.01 54.84 18.79
O7 NAG XA . -4.05 53.80 15.62
C1 NAG YA . -7.99 43.79 -0.85
C2 NAG YA . -8.55 43.91 -2.28
C3 NAG YA . -8.30 45.32 -2.81
C4 NAG YA . -8.86 46.35 -1.85
C5 NAG YA . -8.28 46.13 -0.46
C6 NAG YA . -8.86 47.04 0.59
C7 NAG YA . -8.60 41.89 -3.70
C8 NAG YA . -7.75 41.03 -4.60
N2 NAG YA . -7.95 42.95 -3.16
O3 NAG YA . -8.89 45.42 -4.08
O4 NAG YA . -8.50 47.62 -2.35
O5 NAG YA . -8.53 44.80 -0.05
O6 NAG YA . -10.23 46.79 0.72
O7 NAG YA . -9.78 41.63 -3.50
C1 NAG ZA . -4.43 33.01 22.86
C2 NAG ZA . -4.32 34.18 23.85
C3 NAG ZA . -5.24 33.95 25.05
C4 NAG ZA . -6.65 33.64 24.57
C5 NAG ZA . -6.60 32.45 23.60
C6 NAG ZA . -7.95 32.02 23.08
C7 NAG ZA . -2.21 33.47 24.94
C8 NAG ZA . -0.81 33.92 25.30
N2 NAG ZA . -2.96 34.38 24.29
O3 NAG ZA . -5.20 35.09 25.86
O4 NAG ZA . -7.42 33.35 25.72
O5 NAG ZA . -5.78 32.81 22.50
O6 NAG ZA . -7.77 31.00 22.12
O7 NAG ZA . -2.59 32.35 25.25
C1 NAG AB . 30.97 24.80 34.25
C2 NAG AB . 30.89 23.54 35.13
C3 NAG AB . 31.15 23.90 36.58
C4 NAG AB . 32.49 24.62 36.70
C5 NAG AB . 32.50 25.82 35.76
C6 NAG AB . 33.82 26.56 35.75
C7 NAG AB . 29.40 21.59 34.89
C8 NAG AB . 27.97 21.14 34.75
N2 NAG AB . 29.60 22.92 34.99
O3 NAG AB . 31.12 22.71 37.34
O4 NAG AB . 32.64 25.01 38.05
O5 NAG AB . 32.24 25.39 34.43
O6 NAG AB . 34.87 25.67 35.42
O7 NAG AB . 30.32 20.77 34.92
C1 NAG BB . 41.25 17.16 11.77
C2 NAG BB . 39.83 17.75 11.87
C3 NAG BB . 39.89 19.26 12.17
C4 NAG BB . 40.86 19.59 13.30
C5 NAG BB . 42.22 18.98 12.97
C6 NAG BB . 43.30 19.20 14.01
C7 NAG BB . 37.77 17.66 10.51
C8 NAG BB . 37.22 17.43 9.13
N2 NAG BB . 39.11 17.56 10.63
O3 NAG BB . 38.60 19.70 12.48
O4 NAG BB . 40.93 20.99 13.39
O5 NAG BB . 42.03 17.59 12.86
O6 NAG BB . 43.68 20.56 14.04
O7 NAG BB . 37.03 17.93 11.46
C1 NAG CB . 42.96 25.40 27.56
C2 NAG CB . 43.63 26.41 28.50
C3 NAG CB . 43.68 27.78 27.81
C4 NAG CB . 44.40 27.66 26.46
C5 NAG CB . 43.72 26.56 25.63
C6 NAG CB . 44.40 26.29 24.30
C7 NAG CB . 43.39 26.09 30.94
C8 NAG CB . 42.46 26.34 32.12
N2 NAG CB . 42.92 26.53 29.75
O3 NAG CB . 44.35 28.67 28.67
O4 NAG CB . 44.31 28.90 25.83
O5 NAG CB . 43.70 25.35 26.36
O6 NAG CB . 45.72 25.88 24.54
O7 NAG CB . 44.47 25.54 31.09
C1 NAG DB . -36.16 -35.50 27.40
C2 NAG DB . -37.69 -35.55 27.31
C3 NAG DB . -38.28 -36.00 28.64
C4 NAG DB . -37.62 -37.30 29.11
C5 NAG DB . -36.10 -37.12 29.12
C6 NAG DB . -35.33 -38.36 29.53
C7 NAG DB . -38.82 -33.94 25.79
C8 NAG DB . -39.31 -32.53 25.67
N2 NAG DB . -38.24 -34.25 26.96
O3 NAG DB . -39.66 -36.15 28.48
O4 NAG DB . -38.12 -37.59 30.40
O5 NAG DB . -35.68 -36.75 27.82
O6 NAG DB . -35.68 -39.43 28.69
O7 NAG DB . -38.96 -34.74 24.87
C1 NAG EB . -39.46 -18.70 13.69
C2 NAG EB . -40.30 -17.63 12.98
C3 NAG EB . -41.64 -17.42 13.68
C4 NAG EB . -42.36 -18.75 13.82
C5 NAG EB . -41.45 -19.71 14.58
C6 NAG EB . -42.06 -21.09 14.76
C7 NAG EB . -39.18 -15.78 11.77
C8 NAG EB . -38.49 -14.46 11.96
N2 NAG EB . -39.60 -16.37 12.90
O3 NAG EB . -42.38 -16.49 12.93
O4 NAG EB . -43.58 -18.51 14.50
O5 NAG EB . -40.24 -19.86 13.88
O6 NAG EB . -41.07 -21.96 15.27
O7 NAG EB . -39.34 -16.26 10.65
C1 NAG FB . -17.89 -34.50 14.64
C2 NAG FB . -18.07 -35.68 15.61
C3 NAG FB . -17.57 -36.96 14.94
C4 NAG FB . -18.26 -37.15 13.59
C5 NAG FB . -18.09 -35.89 12.74
C6 NAG FB . -18.78 -35.95 11.40
C7 NAG FB . -16.08 -35.22 17.01
C8 NAG FB . -15.63 -35.05 18.45
N2 NAG FB . -17.40 -35.47 16.86
O3 NAG FB . -17.81 -38.03 15.82
O4 NAG FB . -17.67 -38.27 12.98
O5 NAG FB . -18.60 -34.76 13.45
O6 NAG FB . -18.69 -34.70 10.75
O7 NAG FB . -15.29 -35.14 16.10
C1 NAG GB . 6.29 -28.97 42.58
C2 NAG GB . 7.47 -29.35 41.67
C3 NAG GB . 7.82 -30.82 41.91
C4 NAG GB . 8.08 -31.08 43.39
C5 NAG GB . 6.88 -30.58 44.20
C6 NAG GB . 7.06 -30.73 45.69
C7 NAG GB . 7.84 -28.33 39.45
C8 NAG GB . 7.32 -28.25 38.04
N2 NAG GB . 7.16 -29.13 40.29
O3 NAG GB . 8.94 -31.12 41.12
O4 NAG GB . 8.27 -32.46 43.54
O5 NAG GB . 6.65 -29.21 43.92
O6 NAG GB . 7.18 -32.09 46.03
O7 NAG GB . 8.84 -27.70 39.79
C1 NAG HB . 29.72 -16.73 -44.38
C2 NAG HB . 29.58 -16.66 -45.92
C3 NAG HB . 30.59 -17.59 -46.58
C4 NAG HB . 31.99 -17.34 -46.06
C5 NAG HB . 31.98 -17.45 -44.53
C6 NAG HB . 33.31 -17.19 -43.87
C7 NAG HB . 27.36 -16.17 -46.89
C8 NAG HB . 26.03 -16.79 -47.24
N2 NAG HB . 28.24 -17.01 -46.33
O3 NAG HB . 30.51 -17.40 -47.97
O4 NAG HB . 32.85 -18.29 -46.64
O5 NAG HB . 31.06 -16.50 -44.02
O6 NAG HB . 33.14 -17.09 -42.47
O7 NAG HB . 27.58 -14.99 -47.10
C1 NAG IB . 8.61 -14.08 -41.16
C2 NAG IB . 7.12 -14.23 -41.48
C3 NAG IB . 6.91 -15.45 -42.37
C4 NAG IB . 7.78 -15.34 -43.62
C5 NAG IB . 9.24 -15.10 -43.21
C6 NAG IB . 10.16 -14.88 -44.38
C7 NAG IB . 5.48 -13.44 -39.82
C8 NAG IB . 4.80 -13.81 -38.51
N2 NAG IB . 6.36 -14.36 -40.27
O3 NAG IB . 5.54 -15.51 -42.70
O4 NAG IB . 7.63 -16.54 -44.34
O5 NAG IB . 9.33 -13.98 -42.37
O6 NAG IB . 9.73 -13.77 -45.12
O7 NAG IB . 5.23 -12.39 -40.39
C1 NAG JB . 28.96 -2.49 -28.66
C2 NAG JB . 28.76 -1.01 -28.28
C3 NAG JB . 30.03 -0.23 -28.58
C4 NAG JB . 31.22 -0.87 -27.87
C5 NAG JB . 31.32 -2.33 -28.31
C6 NAG JB . 32.43 -3.09 -27.61
C7 NAG JB . 26.55 0.08 -28.41
C8 NAG JB . 25.52 0.62 -29.37
N2 NAG JB . 27.64 -0.44 -28.99
O3 NAG JB . 29.82 1.11 -28.17
O4 NAG JB . 32.38 -0.14 -28.23
O5 NAG JB . 30.10 -2.98 -28.01
O6 NAG JB . 32.21 -3.08 -26.22
O7 NAG JB . 26.37 0.13 -27.20
C1 NAG KB . 18.56 -33.89 -42.45
C2 NAG KB . 17.67 -35.09 -42.82
C3 NAG KB . 17.32 -35.10 -44.30
C4 NAG KB . 16.76 -33.74 -44.71
C5 NAG KB . 17.76 -32.66 -44.34
C6 NAG KB . 17.31 -31.26 -44.70
C7 NAG KB . 17.95 -37.12 -41.43
C8 NAG KB . 18.81 -38.35 -41.25
N2 NAG KB . 18.32 -36.32 -42.45
O3 NAG KB . 16.43 -36.15 -44.53
O4 NAG KB . 16.50 -33.79 -46.09
O5 NAG KB . 18.00 -32.70 -42.95
O6 NAG KB . 17.03 -31.17 -46.07
O7 NAG KB . 17.00 -36.89 -40.70
C1 NAG LB . 4.28 -1.21 46.33
C2 NAG LB . 3.18 -1.89 45.51
C3 NAG LB . 1.85 -1.70 46.21
C4 NAG LB . 1.91 -2.15 47.67
C5 NAG LB . 3.09 -1.45 48.36
C6 NAG LB . 3.32 -1.88 49.79
C7 NAG LB . 3.03 -2.14 43.05
C8 NAG LB . 2.93 -1.36 41.76
N2 NAG LB . 3.10 -1.38 44.16
O3 NAG LB . 0.87 -2.40 45.49
O4 NAG LB . 0.69 -1.82 48.28
O5 NAG LB . 4.26 -1.74 47.63
O6 NAG LB . 2.25 -1.46 50.61
O7 NAG LB . 3.03 -3.36 43.05
C1 NAG MB . 8.92 -23.02 52.84
C2 NAG MB . 8.70 -23.92 54.06
C3 NAG MB . 7.77 -23.24 55.05
C4 NAG MB . 8.30 -21.86 55.40
C5 NAG MB . 8.55 -21.08 54.12
C6 NAG MB . 9.09 -19.69 54.37
C7 NAG MB . 8.81 -26.37 53.73
C8 NAG MB . 8.02 -27.56 53.25
N2 NAG MB . 8.16 -25.19 53.66
O3 NAG MB . 7.64 -24.07 56.17
O4 NAG MB . 7.35 -21.23 56.23
O5 NAG MB . 9.45 -21.78 53.27
O6 NAG MB . 8.10 -18.91 55.01
O7 NAG MB . 9.96 -26.49 54.14
C1 NAG NB . 46.84 -32.41 2.85
C2 NAG NB . 47.79 -33.61 2.95
C3 NAG NB . 47.73 -34.45 1.67
C4 NAG NB . 46.28 -34.82 1.36
C5 NAG NB . 45.46 -33.53 1.28
C6 NAG NB . 43.99 -33.76 0.97
C7 NAG NB . 49.74 -33.19 4.40
C8 NAG NB . 51.16 -32.67 4.42
N2 NAG NB . 49.13 -33.17 3.20
O3 NAG NB . 48.53 -35.59 1.87
O4 NAG NB . 46.28 -35.52 0.14
O5 NAG NB . 45.54 -32.85 2.52
O6 NAG NB . 43.42 -34.56 1.99
O7 NAG NB . 49.21 -33.62 5.42
C1 NAG OB . 31.06 -39.59 20.88
C2 NAG OB . 30.13 -39.64 22.09
C3 NAG OB . 29.37 -40.96 22.12
C4 NAG OB . 28.63 -41.15 20.81
C5 NAG OB . 29.62 -41.04 19.64
C6 NAG OB . 28.98 -41.16 18.29
C7 NAG OB . 30.87 -38.32 24.05
C8 NAG OB . 31.73 -38.37 25.29
N2 NAG OB . 30.87 -39.45 23.31
O3 NAG OB . 28.49 -40.94 23.22
O4 NAG OB . 28.02 -42.42 20.85
O5 NAG OB . 30.29 -39.79 19.71
O6 NAG OB . 28.34 -42.40 18.17
O7 NAG OB . 30.22 -37.32 23.76
C1 NAG PB . 25.65 -36.55 6.51
C2 NAG PB . 26.87 -37.23 5.89
C3 NAG PB . 26.52 -37.76 4.49
C4 NAG PB . 25.29 -38.64 4.56
C5 NAG PB . 24.14 -37.86 5.22
C6 NAG PB . 22.87 -38.65 5.37
C7 NAG PB . 29.10 -36.41 6.59
C8 NAG PB . 30.14 -35.37 6.30
N2 NAG PB . 28.00 -36.34 5.81
O3 NAG PB . 27.64 -38.45 4.00
O4 NAG PB . 24.96 -39.03 3.25
O5 NAG PB . 24.56 -37.43 6.50
O6 NAG PB . 23.13 -39.82 6.12
O7 NAG PB . 29.27 -37.26 7.46
#